data_3I7M
# 
_entry.id   3I7M 
# 
_audit_conform.dict_name       mmcif_pdbx.dic 
_audit_conform.dict_version    5.399 
_audit_conform.dict_location   http://mmcif.pdb.org/dictionaries/ascii/mmcif_pdbx.dic 
# 
loop_
_database_2.database_id 
_database_2.database_code 
_database_2.pdbx_database_accession 
_database_2.pdbx_DOI 
PDB   3I7M         pdb_00003i7m 10.2210/pdb3i7m/pdb 
RCSB  RCSB054065   ?            ?                   
WWPDB D_1000054065 ?            ?                   
# 
loop_
_pdbx_audit_revision_history.ordinal 
_pdbx_audit_revision_history.data_content_type 
_pdbx_audit_revision_history.major_revision 
_pdbx_audit_revision_history.minor_revision 
_pdbx_audit_revision_history.revision_date 
1 'Structure model' 1 0 2009-07-14 
2 'Structure model' 1 1 2011-07-13 
3 'Structure model' 1 2 2017-11-01 
4 'Structure model' 1 3 2024-11-20 
# 
_pdbx_audit_revision_details.ordinal             1 
_pdbx_audit_revision_details.revision_ordinal    1 
_pdbx_audit_revision_details.data_content_type   'Structure model' 
_pdbx_audit_revision_details.provider            repository 
_pdbx_audit_revision_details.type                'Initial release' 
_pdbx_audit_revision_details.description         ? 
_pdbx_audit_revision_details.details             ? 
# 
loop_
_pdbx_audit_revision_group.ordinal 
_pdbx_audit_revision_group.revision_ordinal 
_pdbx_audit_revision_group.data_content_type 
_pdbx_audit_revision_group.group 
1 2 'Structure model' Advisory                    
2 2 'Structure model' 'Source and taxonomy'       
3 2 'Structure model' 'Version format compliance' 
4 3 'Structure model' 'Refinement description'    
5 4 'Structure model' 'Data collection'           
6 4 'Structure model' 'Database references'       
7 4 'Structure model' 'Derived calculations'      
8 4 'Structure model' 'Structure summary'         
# 
loop_
_pdbx_audit_revision_category.ordinal 
_pdbx_audit_revision_category.revision_ordinal 
_pdbx_audit_revision_category.data_content_type 
_pdbx_audit_revision_category.category 
1 3 'Structure model' software                  
2 4 'Structure model' chem_comp_atom            
3 4 'Structure model' chem_comp_bond            
4 4 'Structure model' database_2                
5 4 'Structure model' pdbx_entry_details        
6 4 'Structure model' pdbx_modification_feature 
7 4 'Structure model' struct_conn               
# 
loop_
_pdbx_audit_revision_item.ordinal 
_pdbx_audit_revision_item.revision_ordinal 
_pdbx_audit_revision_item.data_content_type 
_pdbx_audit_revision_item.item 
1 4 'Structure model' '_database_2.pdbx_DOI'                
2 4 'Structure model' '_database_2.pdbx_database_accession' 
3 4 'Structure model' '_struct_conn.pdbx_leaving_atom_flag' 
# 
_pdbx_database_status.entry_id                        3I7M 
_pdbx_database_status.status_code                     REL 
_pdbx_database_status.deposit_site                    RCSB 
_pdbx_database_status.process_site                    RCSB 
_pdbx_database_status.recvd_initial_deposition_date   2009-07-08 
_pdbx_database_status.status_code_sf                  REL 
_pdbx_database_status.status_code_mr                  ? 
_pdbx_database_status.SG_entry                        Y 
_pdbx_database_status.pdb_format_compatible           Y 
_pdbx_database_status.status_code_cs                  ? 
_pdbx_database_status.methods_development_category    ? 
_pdbx_database_status.status_code_nmr_data            ? 
# 
_pdbx_database_related.db_name        TargetDB 
_pdbx_database_related.db_id          APC64794.2 
_pdbx_database_related.details        . 
_pdbx_database_related.content_type   unspecified 
# 
loop_
_audit_author.name 
_audit_author.pdbx_ordinal 
'Osipiuk, J.'                                   1 
'Xu, X.'                                        2 
'Cui, H.'                                       3 
'Ng, J.'                                        4 
'Savchenko, A.'                                 5 
'Edwards, A.M.'                                 6 
'Joachimiak, A.'                                7 
'Midwest Center for Structural Genomics (MCSG)' 8 
# 
_citation.id                        primary 
_citation.title                     
'X-ray crystal structure of N-terminal domain of Xaa-Pro dipeptidase from Lactobacillus brevis.' 
_citation.journal_abbrev            'To be Published' 
_citation.journal_volume            ? 
_citation.page_first                ? 
_citation.page_last                 ? 
_citation.year                      ? 
_citation.journal_id_ASTM           ? 
_citation.country                   ? 
_citation.journal_id_ISSN           ? 
_citation.journal_id_CSD            0353 
_citation.book_publisher            ? 
_citation.pdbx_database_id_PubMed   ? 
_citation.pdbx_database_id_DOI      ? 
# 
loop_
_citation_author.citation_id 
_citation_author.name 
_citation_author.ordinal 
_citation_author.identifier_ORCID 
primary 'Osipiuk, J.'    1 ? 
primary 'Xu, X.'         2 ? 
primary 'Cui, H.'        3 ? 
primary 'Ng, J.'         4 ? 
primary 'Savchenko, A.'  5 ? 
primary 'Edwards, A.M.'  6 ? 
primary 'Joachimiak, A.' 7 ? 
# 
loop_
_entity.id 
_entity.type 
_entity.src_method 
_entity.pdbx_description 
_entity.formula_weight 
_entity.pdbx_number_of_molecules 
_entity.pdbx_ec 
_entity.pdbx_mutation 
_entity.pdbx_fragment 
_entity.details 
1 polymer man 'Xaa-Pro dipeptidase' 16122.450 1   ? ? ? ? 
2 water   nat water                 18.015    193 ? ? ? ? 
# 
_entity_name_com.entity_id   1 
_entity_name_com.name        'Mername-AA019 peptidase. Metallo peptidase. MEROPS family M24B' 
# 
_entity_poly.entity_id                      1 
_entity_poly.type                           'polypeptide(L)' 
_entity_poly.nstd_linkage                   no 
_entity_poly.nstd_monomer                   yes 
_entity_poly.pdbx_seq_one_letter_code       
;GH(MSE)TKLEQIQQWTAQHHAS(MSE)TYLSNPKTIEYLTGFGSDPIERVLALVVFPDQDPFIFAPALEVEVIKETGWQ
FPVIGYLDHENPWA(MSE)IADQVKQRHVNPEHVAIEKGQLQVAR(MSE)EALAAQFSAPSFDLDITSFIEH(MSE)RGS
;
_entity_poly.pdbx_seq_one_letter_code_can   
;GHMTKLEQIQQWTAQHHASMTYLSNPKTIEYLTGFGSDPIERVLALVVFPDQDPFIFAPALEVEVIKETGWQFPVIGYLD
HENPWAMIADQVKQRHVNPEHVAIEKGQLQVARMEALAAQFSAPSFDLDITSFIEHMRGS
;
_entity_poly.pdbx_strand_id                 A 
_entity_poly.pdbx_target_identifier         APC64794.2 
# 
_pdbx_entity_nonpoly.entity_id   2 
_pdbx_entity_nonpoly.name        water 
_pdbx_entity_nonpoly.comp_id     HOH 
# 
loop_
_entity_poly_seq.entity_id 
_entity_poly_seq.num 
_entity_poly_seq.mon_id 
_entity_poly_seq.hetero 
1 1   GLY n 
1 2   HIS n 
1 3   MSE n 
1 4   THR n 
1 5   LYS n 
1 6   LEU n 
1 7   GLU n 
1 8   GLN n 
1 9   ILE n 
1 10  GLN n 
1 11  GLN n 
1 12  TRP n 
1 13  THR n 
1 14  ALA n 
1 15  GLN n 
1 16  HIS n 
1 17  HIS n 
1 18  ALA n 
1 19  SER n 
1 20  MSE n 
1 21  THR n 
1 22  TYR n 
1 23  LEU n 
1 24  SER n 
1 25  ASN n 
1 26  PRO n 
1 27  LYS n 
1 28  THR n 
1 29  ILE n 
1 30  GLU n 
1 31  TYR n 
1 32  LEU n 
1 33  THR n 
1 34  GLY n 
1 35  PHE n 
1 36  GLY n 
1 37  SER n 
1 38  ASP n 
1 39  PRO n 
1 40  ILE n 
1 41  GLU n 
1 42  ARG n 
1 43  VAL n 
1 44  LEU n 
1 45  ALA n 
1 46  LEU n 
1 47  VAL n 
1 48  VAL n 
1 49  PHE n 
1 50  PRO n 
1 51  ASP n 
1 52  GLN n 
1 53  ASP n 
1 54  PRO n 
1 55  PHE n 
1 56  ILE n 
1 57  PHE n 
1 58  ALA n 
1 59  PRO n 
1 60  ALA n 
1 61  LEU n 
1 62  GLU n 
1 63  VAL n 
1 64  GLU n 
1 65  VAL n 
1 66  ILE n 
1 67  LYS n 
1 68  GLU n 
1 69  THR n 
1 70  GLY n 
1 71  TRP n 
1 72  GLN n 
1 73  PHE n 
1 74  PRO n 
1 75  VAL n 
1 76  ILE n 
1 77  GLY n 
1 78  TYR n 
1 79  LEU n 
1 80  ASP n 
1 81  HIS n 
1 82  GLU n 
1 83  ASN n 
1 84  PRO n 
1 85  TRP n 
1 86  ALA n 
1 87  MSE n 
1 88  ILE n 
1 89  ALA n 
1 90  ASP n 
1 91  GLN n 
1 92  VAL n 
1 93  LYS n 
1 94  GLN n 
1 95  ARG n 
1 96  HIS n 
1 97  VAL n 
1 98  ASN n 
1 99  PRO n 
1 100 GLU n 
1 101 HIS n 
1 102 VAL n 
1 103 ALA n 
1 104 ILE n 
1 105 GLU n 
1 106 LYS n 
1 107 GLY n 
1 108 GLN n 
1 109 LEU n 
1 110 GLN n 
1 111 VAL n 
1 112 ALA n 
1 113 ARG n 
1 114 MSE n 
1 115 GLU n 
1 116 ALA n 
1 117 LEU n 
1 118 ALA n 
1 119 ALA n 
1 120 GLN n 
1 121 PHE n 
1 122 SER n 
1 123 ALA n 
1 124 PRO n 
1 125 SER n 
1 126 PHE n 
1 127 ASP n 
1 128 LEU n 
1 129 ASP n 
1 130 ILE n 
1 131 THR n 
1 132 SER n 
1 133 PHE n 
1 134 ILE n 
1 135 GLU n 
1 136 HIS n 
1 137 MSE n 
1 138 ARG n 
1 139 GLY n 
1 140 SER n 
# 
_entity_src_gen.entity_id                          1 
_entity_src_gen.pdbx_src_id                        1 
_entity_src_gen.pdbx_alt_source_flag               sample 
_entity_src_gen.pdbx_seq_type                      ? 
_entity_src_gen.pdbx_beg_seq_num                   ? 
_entity_src_gen.pdbx_end_seq_num                   ? 
_entity_src_gen.gene_src_common_name               ? 
_entity_src_gen.gene_src_genus                     ? 
_entity_src_gen.pdbx_gene_src_gene                 LVIS_1204 
_entity_src_gen.gene_src_species                   ? 
_entity_src_gen.gene_src_strain                    'ATCC 367' 
_entity_src_gen.gene_src_tissue                    ? 
_entity_src_gen.gene_src_tissue_fraction           ? 
_entity_src_gen.gene_src_details                   ? 
_entity_src_gen.pdbx_gene_src_fragment             ? 
_entity_src_gen.pdbx_gene_src_scientific_name      'Lactobacillus brevis' 
_entity_src_gen.pdbx_gene_src_ncbi_taxonomy_id     387344 
_entity_src_gen.pdbx_gene_src_variant              ? 
_entity_src_gen.pdbx_gene_src_cell_line            ? 
_entity_src_gen.pdbx_gene_src_atcc                 ? 
_entity_src_gen.pdbx_gene_src_organ                ? 
_entity_src_gen.pdbx_gene_src_organelle            ? 
_entity_src_gen.pdbx_gene_src_cell                 ? 
_entity_src_gen.pdbx_gene_src_cellular_location    ? 
_entity_src_gen.host_org_common_name               ? 
_entity_src_gen.pdbx_host_org_scientific_name      'Escherichia coli BL21(DE3)' 
_entity_src_gen.pdbx_host_org_ncbi_taxonomy_id     469008 
_entity_src_gen.host_org_genus                     ? 
_entity_src_gen.pdbx_host_org_gene                 ? 
_entity_src_gen.pdbx_host_org_organ                ? 
_entity_src_gen.host_org_species                   ? 
_entity_src_gen.pdbx_host_org_tissue               ? 
_entity_src_gen.pdbx_host_org_tissue_fraction      ? 
_entity_src_gen.pdbx_host_org_strain               'BL21(DE3)' 
_entity_src_gen.pdbx_host_org_variant              ? 
_entity_src_gen.pdbx_host_org_cell_line            ? 
_entity_src_gen.pdbx_host_org_atcc                 ? 
_entity_src_gen.pdbx_host_org_culture_collection   ? 
_entity_src_gen.pdbx_host_org_cell                 ? 
_entity_src_gen.pdbx_host_org_organelle            ? 
_entity_src_gen.pdbx_host_org_cellular_location    ? 
_entity_src_gen.pdbx_host_org_vector_type          plasmid 
_entity_src_gen.pdbx_host_org_vector               ? 
_entity_src_gen.host_org_details                   ? 
_entity_src_gen.expression_system_id               ? 
_entity_src_gen.plasmid_name                       'pET15b modified' 
_entity_src_gen.plasmid_details                    ? 
_entity_src_gen.pdbx_description                   ? 
# 
loop_
_chem_comp.id 
_chem_comp.type 
_chem_comp.mon_nstd_flag 
_chem_comp.name 
_chem_comp.pdbx_synonyms 
_chem_comp.formula 
_chem_comp.formula_weight 
ALA 'L-peptide linking' y ALANINE          ? 'C3 H7 N O2'     89.093  
ARG 'L-peptide linking' y ARGININE         ? 'C6 H15 N4 O2 1' 175.209 
ASN 'L-peptide linking' y ASPARAGINE       ? 'C4 H8 N2 O3'    132.118 
ASP 'L-peptide linking' y 'ASPARTIC ACID'  ? 'C4 H7 N O4'     133.103 
GLN 'L-peptide linking' y GLUTAMINE        ? 'C5 H10 N2 O3'   146.144 
GLU 'L-peptide linking' y 'GLUTAMIC ACID'  ? 'C5 H9 N O4'     147.129 
GLY 'peptide linking'   y GLYCINE          ? 'C2 H5 N O2'     75.067  
HIS 'L-peptide linking' y HISTIDINE        ? 'C6 H10 N3 O2 1' 156.162 
HOH non-polymer         . WATER            ? 'H2 O'           18.015  
ILE 'L-peptide linking' y ISOLEUCINE       ? 'C6 H13 N O2'    131.173 
LEU 'L-peptide linking' y LEUCINE          ? 'C6 H13 N O2'    131.173 
LYS 'L-peptide linking' y LYSINE           ? 'C6 H15 N2 O2 1' 147.195 
MSE 'L-peptide linking' n SELENOMETHIONINE ? 'C5 H11 N O2 Se' 196.106 
PHE 'L-peptide linking' y PHENYLALANINE    ? 'C9 H11 N O2'    165.189 
PRO 'L-peptide linking' y PROLINE          ? 'C5 H9 N O2'     115.130 
SER 'L-peptide linking' y SERINE           ? 'C3 H7 N O3'     105.093 
THR 'L-peptide linking' y THREONINE        ? 'C4 H9 N O3'     119.119 
TRP 'L-peptide linking' y TRYPTOPHAN       ? 'C11 H12 N2 O2'  204.225 
TYR 'L-peptide linking' y TYROSINE         ? 'C9 H11 N O3'    181.189 
VAL 'L-peptide linking' y VALINE           ? 'C5 H11 N O2'    117.146 
# 
loop_
_pdbx_poly_seq_scheme.asym_id 
_pdbx_poly_seq_scheme.entity_id 
_pdbx_poly_seq_scheme.seq_id 
_pdbx_poly_seq_scheme.mon_id 
_pdbx_poly_seq_scheme.ndb_seq_num 
_pdbx_poly_seq_scheme.pdb_seq_num 
_pdbx_poly_seq_scheme.auth_seq_num 
_pdbx_poly_seq_scheme.pdb_mon_id 
_pdbx_poly_seq_scheme.auth_mon_id 
_pdbx_poly_seq_scheme.pdb_strand_id 
_pdbx_poly_seq_scheme.pdb_ins_code 
_pdbx_poly_seq_scheme.hetero 
A 1 1   GLY 1   -1  ?   ?   ?   A . n 
A 1 2   HIS 2   0   ?   ?   ?   A . n 
A 1 3   MSE 3   1   ?   ?   ?   A . n 
A 1 4   THR 4   2   2   THR THR A . n 
A 1 5   LYS 5   3   3   LYS LYS A . n 
A 1 6   LEU 6   4   4   LEU LEU A . n 
A 1 7   GLU 7   5   5   GLU GLU A . n 
A 1 8   GLN 8   6   6   GLN GLN A . n 
A 1 9   ILE 9   7   7   ILE ILE A . n 
A 1 10  GLN 10  8   8   GLN GLN A . n 
A 1 11  GLN 11  9   9   GLN GLN A . n 
A 1 12  TRP 12  10  10  TRP TRP A . n 
A 1 13  THR 13  11  11  THR THR A . n 
A 1 14  ALA 14  12  12  ALA ALA A . n 
A 1 15  GLN 15  13  13  GLN GLN A . n 
A 1 16  HIS 16  14  14  HIS HIS A . n 
A 1 17  HIS 17  15  15  HIS HIS A . n 
A 1 18  ALA 18  16  16  ALA ALA A . n 
A 1 19  SER 19  17  17  SER SER A . n 
A 1 20  MSE 20  18  18  MSE MSE A . n 
A 1 21  THR 21  19  19  THR THR A . n 
A 1 22  TYR 22  20  20  TYR TYR A . n 
A 1 23  LEU 23  21  21  LEU LEU A . n 
A 1 24  SER 24  22  22  SER SER A . n 
A 1 25  ASN 25  23  23  ASN ASN A . n 
A 1 26  PRO 26  24  24  PRO PRO A . n 
A 1 27  LYS 27  25  25  LYS LYS A . n 
A 1 28  THR 28  26  26  THR THR A . n 
A 1 29  ILE 29  27  27  ILE ILE A . n 
A 1 30  GLU 30  28  28  GLU GLU A . n 
A 1 31  TYR 31  29  29  TYR TYR A . n 
A 1 32  LEU 32  30  30  LEU LEU A . n 
A 1 33  THR 33  31  31  THR THR A . n 
A 1 34  GLY 34  32  32  GLY GLY A . n 
A 1 35  PHE 35  33  33  PHE PHE A . n 
A 1 36  GLY 36  34  34  GLY GLY A . n 
A 1 37  SER 37  35  35  SER SER A . n 
A 1 38  ASP 38  36  36  ASP ASP A . n 
A 1 39  PRO 39  37  37  PRO PRO A . n 
A 1 40  ILE 40  38  38  ILE ILE A . n 
A 1 41  GLU 41  39  39  GLU GLU A . n 
A 1 42  ARG 42  40  40  ARG ARG A . n 
A 1 43  VAL 43  41  41  VAL VAL A . n 
A 1 44  LEU 44  42  42  LEU LEU A . n 
A 1 45  ALA 45  43  43  ALA ALA A . n 
A 1 46  LEU 46  44  44  LEU LEU A . n 
A 1 47  VAL 47  45  45  VAL VAL A . n 
A 1 48  VAL 48  46  46  VAL VAL A . n 
A 1 49  PHE 49  47  47  PHE PHE A . n 
A 1 50  PRO 50  48  48  PRO PRO A . n 
A 1 51  ASP 51  49  49  ASP ASP A . n 
A 1 52  GLN 52  50  50  GLN GLN A . n 
A 1 53  ASP 53  51  51  ASP ASP A . n 
A 1 54  PRO 54  52  52  PRO PRO A . n 
A 1 55  PHE 55  53  53  PHE PHE A . n 
A 1 56  ILE 56  54  54  ILE ILE A . n 
A 1 57  PHE 57  55  55  PHE PHE A . n 
A 1 58  ALA 58  56  56  ALA ALA A . n 
A 1 59  PRO 59  57  57  PRO PRO A . n 
A 1 60  ALA 60  58  58  ALA ALA A . n 
A 1 61  LEU 61  59  59  LEU LEU A . n 
A 1 62  GLU 62  60  60  GLU GLU A . n 
A 1 63  VAL 63  61  61  VAL VAL A . n 
A 1 64  GLU 64  62  62  GLU GLU A . n 
A 1 65  VAL 65  63  63  VAL VAL A . n 
A 1 66  ILE 66  64  64  ILE ILE A . n 
A 1 67  LYS 67  65  65  LYS LYS A . n 
A 1 68  GLU 68  66  66  GLU GLU A . n 
A 1 69  THR 69  67  67  THR THR A . n 
A 1 70  GLY 70  68  68  GLY GLY A . n 
A 1 71  TRP 71  69  69  TRP TRP A . n 
A 1 72  GLN 72  70  70  GLN GLN A . n 
A 1 73  PHE 73  71  71  PHE PHE A . n 
A 1 74  PRO 74  72  72  PRO PRO A . n 
A 1 75  VAL 75  73  73  VAL VAL A . n 
A 1 76  ILE 76  74  74  ILE ILE A . n 
A 1 77  GLY 77  75  75  GLY GLY A . n 
A 1 78  TYR 78  76  76  TYR TYR A . n 
A 1 79  LEU 79  77  77  LEU LEU A . n 
A 1 80  ASP 80  78  78  ASP ASP A . n 
A 1 81  HIS 81  79  79  HIS HIS A . n 
A 1 82  GLU 82  80  80  GLU GLU A . n 
A 1 83  ASN 83  81  81  ASN ASN A . n 
A 1 84  PRO 84  82  82  PRO PRO A . n 
A 1 85  TRP 85  83  83  TRP TRP A . n 
A 1 86  ALA 86  84  84  ALA ALA A . n 
A 1 87  MSE 87  85  85  MSE MSE A . n 
A 1 88  ILE 88  86  86  ILE ILE A . n 
A 1 89  ALA 89  87  87  ALA ALA A . n 
A 1 90  ASP 90  88  88  ASP ASP A . n 
A 1 91  GLN 91  89  89  GLN GLN A . n 
A 1 92  VAL 92  90  90  VAL VAL A . n 
A 1 93  LYS 93  91  91  LYS LYS A . n 
A 1 94  GLN 94  92  92  GLN GLN A . n 
A 1 95  ARG 95  93  93  ARG ARG A . n 
A 1 96  HIS 96  94  94  HIS HIS A . n 
A 1 97  VAL 97  95  95  VAL VAL A . n 
A 1 98  ASN 98  96  96  ASN ASN A . n 
A 1 99  PRO 99  97  97  PRO PRO A . n 
A 1 100 GLU 100 98  98  GLU GLU A . n 
A 1 101 HIS 101 99  99  HIS HIS A . n 
A 1 102 VAL 102 100 100 VAL VAL A . n 
A 1 103 ALA 103 101 101 ALA ALA A . n 
A 1 104 ILE 104 102 102 ILE ILE A . n 
A 1 105 GLU 105 103 103 GLU GLU A . n 
A 1 106 LYS 106 104 104 LYS LYS A . n 
A 1 107 GLY 107 105 105 GLY GLY A . n 
A 1 108 GLN 108 106 106 GLN GLN A . n 
A 1 109 LEU 109 107 107 LEU LEU A . n 
A 1 110 GLN 110 108 108 GLN GLN A . n 
A 1 111 VAL 111 109 109 VAL VAL A . n 
A 1 112 ALA 112 110 110 ALA ALA A . n 
A 1 113 ARG 113 111 111 ARG ARG A . n 
A 1 114 MSE 114 112 112 MSE MSE A . n 
A 1 115 GLU 115 113 113 GLU GLU A . n 
A 1 116 ALA 116 114 114 ALA ALA A . n 
A 1 117 LEU 117 115 115 LEU LEU A . n 
A 1 118 ALA 118 116 116 ALA ALA A . n 
A 1 119 ALA 119 117 117 ALA ALA A . n 
A 1 120 GLN 120 118 118 GLN GLN A . n 
A 1 121 PHE 121 119 119 PHE PHE A . n 
A 1 122 SER 122 120 120 SER SER A . n 
A 1 123 ALA 123 121 121 ALA ALA A . n 
A 1 124 PRO 124 122 122 PRO PRO A . n 
A 1 125 SER 125 123 123 SER SER A . n 
A 1 126 PHE 126 124 124 PHE PHE A . n 
A 1 127 ASP 127 125 125 ASP ASP A . n 
A 1 128 LEU 128 126 126 LEU LEU A . n 
A 1 129 ASP 129 127 127 ASP ASP A . n 
A 1 130 ILE 130 128 128 ILE ILE A . n 
A 1 131 THR 131 129 129 THR THR A . n 
A 1 132 SER 132 130 130 SER SER A . n 
A 1 133 PHE 133 131 131 PHE PHE A . n 
A 1 134 ILE 134 132 132 ILE ILE A . n 
A 1 135 GLU 135 133 133 GLU GLU A . n 
A 1 136 HIS 136 134 134 HIS HIS A . n 
A 1 137 MSE 137 135 135 MSE MSE A . n 
A 1 138 ARG 138 136 ?   ?   ?   A . n 
A 1 139 GLY 139 137 ?   ?   ?   A . n 
A 1 140 SER 140 138 ?   ?   ?   A . n 
# 
loop_
_pdbx_nonpoly_scheme.asym_id 
_pdbx_nonpoly_scheme.entity_id 
_pdbx_nonpoly_scheme.mon_id 
_pdbx_nonpoly_scheme.ndb_seq_num 
_pdbx_nonpoly_scheme.pdb_seq_num 
_pdbx_nonpoly_scheme.auth_seq_num 
_pdbx_nonpoly_scheme.pdb_mon_id 
_pdbx_nonpoly_scheme.auth_mon_id 
_pdbx_nonpoly_scheme.pdb_strand_id 
_pdbx_nonpoly_scheme.pdb_ins_code 
B 2 HOH 1   139 139 HOH HOH A . 
B 2 HOH 2   140 140 HOH HOH A . 
B 2 HOH 3   141 141 HOH HOH A . 
B 2 HOH 4   142 142 HOH HOH A . 
B 2 HOH 5   143 143 HOH HOH A . 
B 2 HOH 6   144 144 HOH HOH A . 
B 2 HOH 7   145 145 HOH HOH A . 
B 2 HOH 8   146 146 HOH HOH A . 
B 2 HOH 9   147 147 HOH HOH A . 
B 2 HOH 10  148 148 HOH HOH A . 
B 2 HOH 11  149 149 HOH HOH A . 
B 2 HOH 12  150 150 HOH HOH A . 
B 2 HOH 13  151 151 HOH HOH A . 
B 2 HOH 14  152 152 HOH HOH A . 
B 2 HOH 15  153 153 HOH HOH A . 
B 2 HOH 16  154 154 HOH HOH A . 
B 2 HOH 17  155 155 HOH HOH A . 
B 2 HOH 18  156 156 HOH HOH A . 
B 2 HOH 19  157 157 HOH HOH A . 
B 2 HOH 20  158 158 HOH HOH A . 
B 2 HOH 21  159 159 HOH HOH A . 
B 2 HOH 22  160 160 HOH HOH A . 
B 2 HOH 23  161 161 HOH HOH A . 
B 2 HOH 24  162 162 HOH HOH A . 
B 2 HOH 25  163 163 HOH HOH A . 
B 2 HOH 26  164 164 HOH HOH A . 
B 2 HOH 27  165 165 HOH HOH A . 
B 2 HOH 28  166 166 HOH HOH A . 
B 2 HOH 29  167 167 HOH HOH A . 
B 2 HOH 30  168 168 HOH HOH A . 
B 2 HOH 31  169 169 HOH HOH A . 
B 2 HOH 32  170 170 HOH HOH A . 
B 2 HOH 33  171 171 HOH HOH A . 
B 2 HOH 34  172 172 HOH HOH A . 
B 2 HOH 35  173 173 HOH HOH A . 
B 2 HOH 36  174 174 HOH HOH A . 
B 2 HOH 37  175 175 HOH HOH A . 
B 2 HOH 38  176 176 HOH HOH A . 
B 2 HOH 39  177 177 HOH HOH A . 
B 2 HOH 40  178 178 HOH HOH A . 
B 2 HOH 41  179 179 HOH HOH A . 
B 2 HOH 42  180 180 HOH HOH A . 
B 2 HOH 43  181 181 HOH HOH A . 
B 2 HOH 44  182 182 HOH HOH A . 
B 2 HOH 45  183 183 HOH HOH A . 
B 2 HOH 46  184 184 HOH HOH A . 
B 2 HOH 47  185 185 HOH HOH A . 
B 2 HOH 48  186 186 HOH HOH A . 
B 2 HOH 49  187 187 HOH HOH A . 
B 2 HOH 50  188 188 HOH HOH A . 
B 2 HOH 51  189 189 HOH HOH A . 
B 2 HOH 52  190 190 HOH HOH A . 
B 2 HOH 53  191 191 HOH HOH A . 
B 2 HOH 54  192 192 HOH HOH A . 
B 2 HOH 55  193 193 HOH HOH A . 
B 2 HOH 56  194 1   HOH HOH A . 
B 2 HOH 57  195 2   HOH HOH A . 
B 2 HOH 58  196 3   HOH HOH A . 
B 2 HOH 59  197 4   HOH HOH A . 
B 2 HOH 60  198 5   HOH HOH A . 
B 2 HOH 61  199 6   HOH HOH A . 
B 2 HOH 62  200 7   HOH HOH A . 
B 2 HOH 63  201 8   HOH HOH A . 
B 2 HOH 64  202 9   HOH HOH A . 
B 2 HOH 65  203 10  HOH HOH A . 
B 2 HOH 66  204 11  HOH HOH A . 
B 2 HOH 67  205 12  HOH HOH A . 
B 2 HOH 68  206 13  HOH HOH A . 
B 2 HOH 69  207 14  HOH HOH A . 
B 2 HOH 70  208 15  HOH HOH A . 
B 2 HOH 71  209 16  HOH HOH A . 
B 2 HOH 72  210 17  HOH HOH A . 
B 2 HOH 73  211 18  HOH HOH A . 
B 2 HOH 74  212 19  HOH HOH A . 
B 2 HOH 75  213 20  HOH HOH A . 
B 2 HOH 76  214 21  HOH HOH A . 
B 2 HOH 77  215 22  HOH HOH A . 
B 2 HOH 78  216 23  HOH HOH A . 
B 2 HOH 79  217 24  HOH HOH A . 
B 2 HOH 80  218 25  HOH HOH A . 
B 2 HOH 81  219 26  HOH HOH A . 
B 2 HOH 82  220 27  HOH HOH A . 
B 2 HOH 83  221 28  HOH HOH A . 
B 2 HOH 84  222 29  HOH HOH A . 
B 2 HOH 85  223 30  HOH HOH A . 
B 2 HOH 86  224 31  HOH HOH A . 
B 2 HOH 87  225 32  HOH HOH A . 
B 2 HOH 88  226 33  HOH HOH A . 
B 2 HOH 89  227 34  HOH HOH A . 
B 2 HOH 90  228 35  HOH HOH A . 
B 2 HOH 91  229 36  HOH HOH A . 
B 2 HOH 92  230 37  HOH HOH A . 
B 2 HOH 93  231 38  HOH HOH A . 
B 2 HOH 94  232 39  HOH HOH A . 
B 2 HOH 95  233 40  HOH HOH A . 
B 2 HOH 96  234 41  HOH HOH A . 
B 2 HOH 97  235 42  HOH HOH A . 
B 2 HOH 98  236 43  HOH HOH A . 
B 2 HOH 99  237 44  HOH HOH A . 
B 2 HOH 100 238 45  HOH HOH A . 
B 2 HOH 101 239 46  HOH HOH A . 
B 2 HOH 102 240 47  HOH HOH A . 
B 2 HOH 103 241 48  HOH HOH A . 
B 2 HOH 104 242 49  HOH HOH A . 
B 2 HOH 105 243 50  HOH HOH A . 
B 2 HOH 106 244 51  HOH HOH A . 
B 2 HOH 107 245 52  HOH HOH A . 
B 2 HOH 108 246 53  HOH HOH A . 
B 2 HOH 109 247 54  HOH HOH A . 
B 2 HOH 110 248 55  HOH HOH A . 
B 2 HOH 111 249 56  HOH HOH A . 
B 2 HOH 112 250 57  HOH HOH A . 
B 2 HOH 113 251 58  HOH HOH A . 
B 2 HOH 114 252 59  HOH HOH A . 
B 2 HOH 115 253 60  HOH HOH A . 
B 2 HOH 116 254 61  HOH HOH A . 
B 2 HOH 117 255 62  HOH HOH A . 
B 2 HOH 118 256 63  HOH HOH A . 
B 2 HOH 119 257 64  HOH HOH A . 
B 2 HOH 120 258 65  HOH HOH A . 
B 2 HOH 121 259 66  HOH HOH A . 
B 2 HOH 122 260 67  HOH HOH A . 
B 2 HOH 123 261 68  HOH HOH A . 
B 2 HOH 124 262 69  HOH HOH A . 
B 2 HOH 125 263 70  HOH HOH A . 
B 2 HOH 126 264 71  HOH HOH A . 
B 2 HOH 127 265 72  HOH HOH A . 
B 2 HOH 128 266 73  HOH HOH A . 
B 2 HOH 129 267 74  HOH HOH A . 
B 2 HOH 130 268 75  HOH HOH A . 
B 2 HOH 131 269 76  HOH HOH A . 
B 2 HOH 132 270 77  HOH HOH A . 
B 2 HOH 133 271 78  HOH HOH A . 
B 2 HOH 134 272 79  HOH HOH A . 
B 2 HOH 135 273 80  HOH HOH A . 
B 2 HOH 136 274 81  HOH HOH A . 
B 2 HOH 137 275 82  HOH HOH A . 
B 2 HOH 138 276 83  HOH HOH A . 
B 2 HOH 139 277 84  HOH HOH A . 
B 2 HOH 140 278 85  HOH HOH A . 
B 2 HOH 141 279 86  HOH HOH A . 
B 2 HOH 142 280 87  HOH HOH A . 
B 2 HOH 143 281 88  HOH HOH A . 
B 2 HOH 144 282 89  HOH HOH A . 
B 2 HOH 145 283 90  HOH HOH A . 
B 2 HOH 146 284 91  HOH HOH A . 
B 2 HOH 147 285 92  HOH HOH A . 
B 2 HOH 148 286 93  HOH HOH A . 
B 2 HOH 149 287 94  HOH HOH A . 
B 2 HOH 150 288 95  HOH HOH A . 
B 2 HOH 151 289 96  HOH HOH A . 
B 2 HOH 152 290 97  HOH HOH A . 
B 2 HOH 153 291 98  HOH HOH A . 
B 2 HOH 154 292 99  HOH HOH A . 
B 2 HOH 155 293 100 HOH HOH A . 
B 2 HOH 156 294 101 HOH HOH A . 
B 2 HOH 157 295 102 HOH HOH A . 
B 2 HOH 158 296 103 HOH HOH A . 
B 2 HOH 159 297 104 HOH HOH A . 
B 2 HOH 160 298 105 HOH HOH A . 
B 2 HOH 161 299 106 HOH HOH A . 
B 2 HOH 162 300 107 HOH HOH A . 
B 2 HOH 163 301 108 HOH HOH A . 
B 2 HOH 164 302 109 HOH HOH A . 
B 2 HOH 165 303 110 HOH HOH A . 
B 2 HOH 166 304 111 HOH HOH A . 
B 2 HOH 167 305 112 HOH HOH A . 
B 2 HOH 168 306 113 HOH HOH A . 
B 2 HOH 169 307 114 HOH HOH A . 
B 2 HOH 170 308 115 HOH HOH A . 
B 2 HOH 171 309 116 HOH HOH A . 
B 2 HOH 172 310 117 HOH HOH A . 
B 2 HOH 173 311 118 HOH HOH A . 
B 2 HOH 174 312 119 HOH HOH A . 
B 2 HOH 175 313 120 HOH HOH A . 
B 2 HOH 176 314 121 HOH HOH A . 
B 2 HOH 177 315 122 HOH HOH A . 
B 2 HOH 178 316 123 HOH HOH A . 
B 2 HOH 179 317 124 HOH HOH A . 
B 2 HOH 180 318 125 HOH HOH A . 
B 2 HOH 181 319 126 HOH HOH A . 
B 2 HOH 182 320 127 HOH HOH A . 
B 2 HOH 183 321 128 HOH HOH A . 
B 2 HOH 184 322 129 HOH HOH A . 
B 2 HOH 185 323 130 HOH HOH A . 
B 2 HOH 186 324 131 HOH HOH A . 
B 2 HOH 187 325 132 HOH HOH A . 
B 2 HOH 188 326 133 HOH HOH A . 
B 2 HOH 189 327 134 HOH HOH A . 
B 2 HOH 190 328 135 HOH HOH A . 
B 2 HOH 191 329 136 HOH HOH A . 
B 2 HOH 192 330 137 HOH HOH A . 
B 2 HOH 193 331 138 HOH HOH A . 
# 
loop_
_software.pdbx_ordinal 
_software.name 
_software.version 
_software.date 
_software.type 
_software.contact_author 
_software.contact_author_email 
_software.classification 
_software.location 
_software.language 
_software.citation_id 
1  DENZO       .        ?               package 'Zbyszek Otwinowski' hkl@hkl-xray.com      'data reduction'  
http://www.hkl-xray.com/                     ?          ? 
2  SCALEPACK   .        ?               package 'Zbyszek Otwinowski' hkl@hkl-xray.com      'data scaling'    
http://www.hkl-xray.com/                     ?          ? 
3  REFMAC      5.5.0054 ?               program 'Garib N. Murshudov' garib@ysbl.york.ac.uk refinement        
http://www.ccp4.ac.uk/dist/html/refmac5.html Fortran_77 ? 
4  PDB_EXTRACT 3.005    'June 11, 2008' package PDB                  help@deposit.rcsb.org 'data extraction' 
http://sw-tools.pdb.org/apps/PDB_EXTRACT/    C++        ? 
5  SBC-Collect .        ?               ?       ?                    ?                     'data collection' ? ?          ? 
6  HKL-3000    .        ?               ?       ?                    ?                     'data reduction'  ? ?          ? 
7  HKL-3000    .        ?               ?       ?                    ?                     'data scaling'    ? ?          ? 
8  SHELXD      .        ?               ?       ?                    ?                     phasing           ? ?          ? 
9  MLPHARE     .        ?               ?       ?                    ?                     phasing           ? ?          ? 
10 DM          .        ?               ?       ?                    ?                     phasing           ? ?          ? 
11 SOLVE       .        ?               ?       ?                    ?                     phasing           ? ?          ? 
12 RESOLVE     .        ?               ?       ?                    ?                     phasing           ? ?          ? 
13 HKL-3000    .        ?               ?       ?                    ?                     phasing           ? ?          ? 
# 
_cell.length_a           53.867 
_cell.length_b           50.962 
_cell.length_c           49.289 
_cell.angle_alpha        90.000 
_cell.angle_beta         104.330 
_cell.angle_gamma        90.000 
_cell.entry_id           3I7M 
_cell.pdbx_unique_axis   ? 
_cell.Z_PDB              4 
_cell.length_a_esd       ? 
_cell.length_b_esd       ? 
_cell.length_c_esd       ? 
_cell.angle_alpha_esd    ? 
_cell.angle_beta_esd     ? 
_cell.angle_gamma_esd    ? 
# 
_symmetry.space_group_name_H-M             'C 1 2 1' 
_symmetry.entry_id                         3I7M 
_symmetry.Int_Tables_number                5 
_symmetry.pdbx_full_space_group_name_H-M   ? 
_symmetry.cell_setting                     ? 
_symmetry.space_group_name_Hall            ? 
# 
_exptl.crystals_number   1 
_exptl.entry_id          3I7M 
_exptl.method            'X-RAY DIFFRACTION' 
# 
_exptl_crystal.id                    1 
_exptl_crystal.density_Matthews      2.03 
_exptl_crystal.density_meas          ? 
_exptl_crystal.density_percent_sol   39.49 
_exptl_crystal.description           ? 
_exptl_crystal.F_000                 ? 
_exptl_crystal.preparation           ? 
# 
_exptl_crystal_grow.crystal_id      1 
_exptl_crystal_grow.method          'VAPOR DIFFUSION, SITTING DROP' 
_exptl_crystal_grow.pH              8.5 
_exptl_crystal_grow.temp            291 
_exptl_crystal_grow.pdbx_details    
'0.1 M Tris buffer, 0.2 M ammonium sulfate, 25% PEG-3350, pH 8.5, VAPOR DIFFUSION, SITTING DROP, temperature 291K' 
_exptl_crystal_grow.temp_details    ? 
_exptl_crystal_grow.pdbx_pH_range   ? 
# 
_diffrn.id                     1 
_diffrn.ambient_temp           100 
_diffrn.ambient_temp_details   ? 
_diffrn.crystal_id             1 
# 
_diffrn_detector.diffrn_id              1 
_diffrn_detector.detector               CCD 
_diffrn_detector.type                   'ADSC QUANTUM 210r' 
_diffrn_detector.pdbx_collection_date   2009-06-29 
_diffrn_detector.details                ? 
# 
_diffrn_radiation.diffrn_id                        1 
_diffrn_radiation.pdbx_diffrn_protocol             'SINGLE WAVELENGTH' 
_diffrn_radiation.monochromator                    'double crystal monochromator' 
_diffrn_radiation.wavelength_id                    1 
_diffrn_radiation.pdbx_monochromatic_or_laue_m_l   M 
_diffrn_radiation.pdbx_scattering_type             x-ray 
# 
_diffrn_radiation_wavelength.id           1 
_diffrn_radiation_wavelength.wavelength   0.9792 
_diffrn_radiation_wavelength.wt           1.0 
# 
_diffrn_source.diffrn_id                   1 
_diffrn_source.source                      SYNCHROTRON 
_diffrn_source.type                        'APS BEAMLINE 19-BM' 
_diffrn_source.pdbx_wavelength_list        0.9792 
_diffrn_source.pdbx_wavelength             ? 
_diffrn_source.pdbx_synchrotron_site       APS 
_diffrn_source.pdbx_synchrotron_beamline   19-BM 
# 
_reflns.entry_id                     3I7M 
_reflns.d_resolution_high            1.460 
_reflns.d_resolution_low             36.5 
_reflns.number_obs                   22642 
_reflns.pdbx_Rmerge_I_obs            0.053 
_reflns.pdbx_netI_over_sigmaI        14.600 
_reflns.pdbx_chi_squared             1.561 
_reflns.pdbx_redundancy              9.100 
_reflns.percent_possible_obs         99.900 
_reflns.observed_criterion_sigma_F   0 
_reflns.observed_criterion_sigma_I   0 
_reflns.number_all                   22642 
_reflns.pdbx_Rsym_value              ? 
_reflns.B_iso_Wilson_estimate        27.0 
_reflns.R_free_details               ? 
_reflns.limit_h_max                  ? 
_reflns.limit_h_min                  ? 
_reflns.limit_k_max                  ? 
_reflns.limit_k_min                  ? 
_reflns.limit_l_max                  ? 
_reflns.limit_l_min                  ? 
_reflns.observed_criterion_F_max     ? 
_reflns.observed_criterion_F_min     ? 
_reflns.pdbx_scaling_rejects         ? 
_reflns.pdbx_ordinal                 1 
_reflns.pdbx_diffrn_id               1 
# 
_reflns_shell.d_res_high             1.46 
_reflns_shell.d_res_low              1.49 
_reflns_shell.number_measured_obs    ? 
_reflns_shell.number_measured_all    ? 
_reflns_shell.number_unique_obs      ? 
_reflns_shell.Rmerge_I_obs           0.550 
_reflns_shell.meanI_over_sigI_obs    2.05 
_reflns_shell.pdbx_Rsym_value        ? 
_reflns_shell.pdbx_chi_squared       0.987 
_reflns_shell.pdbx_redundancy        3.20 
_reflns_shell.percent_possible_obs   ? 
_reflns_shell.number_unique_all      1115 
_reflns_shell.percent_possible_all   98.80 
_reflns_shell.pdbx_ordinal           1 
_reflns_shell.pdbx_diffrn_id         1 
# 
_refine.entry_id                                 3I7M 
_refine.ls_d_res_high                            1.460 
_refine.ls_d_res_low                             36.500 
_refine.pdbx_ls_sigma_F                          0.00 
_refine.pdbx_data_cutoff_high_absF               ? 
_refine.pdbx_data_cutoff_low_absF                ? 
_refine.ls_percent_reflns_obs                    99.430 
_refine.ls_number_reflns_obs                     22596 
_refine.ls_number_reflns_all                     22596 
_refine.pdbx_ls_cross_valid_method               THROUGHOUT 
_refine.pdbx_R_Free_selection_details            RANDOM 
_refine.details                                  'HYDROGENS HAVE BEEN ADDED IN THE RIDING POSITIONS U VALUES      : RESIDUAL ONLY' 
_refine.ls_R_factor_all                          0.164 
_refine.ls_R_factor_obs                          0.164 
_refine.ls_R_factor_R_work                       0.163 
_refine.ls_wR_factor_R_work                      ? 
_refine.ls_R_factor_R_free                       0.198 
_refine.ls_wR_factor_R_free                      ? 
_refine.ls_percent_reflns_R_free                 5.100 
_refine.ls_number_reflns_R_free                  1149 
_refine.ls_R_factor_R_free_error                 ? 
_refine.B_iso_mean                               16.355 
_refine.solvent_model_param_bsol                 ? 
_refine.solvent_model_param_ksol                 ? 
_refine.pdbx_isotropic_thermal_model             ? 
_refine.aniso_B[1][1]                            0.370 
_refine.aniso_B[2][2]                            -0.330 
_refine.aniso_B[3][3]                            0.150 
_refine.aniso_B[1][2]                            0.000 
_refine.aniso_B[1][3]                            0.380 
_refine.aniso_B[2][3]                            0.000 
_refine.correlation_coeff_Fo_to_Fc               0.973 
_refine.correlation_coeff_Fo_to_Fc_free          0.956 
_refine.overall_SU_R_Cruickshank_DPI             ? 
_refine.overall_SU_R_free                        ? 
_refine.pdbx_overall_ESU_R                       0.071 
_refine.pdbx_overall_ESU_R_Free                  0.074 
_refine.overall_SU_ML                            0.045 
_refine.overall_SU_B                             2.605 
_refine.solvent_model_details                    MASK 
_refine.pdbx_solvent_vdw_probe_radii             1.200 
_refine.pdbx_solvent_ion_probe_radii             0.800 
_refine.pdbx_solvent_shrinkage_radii             0.800 
_refine.ls_number_parameters                     ? 
_refine.ls_number_restraints                     ? 
_refine.pdbx_starting_model                      ? 
_refine.pdbx_method_to_determine_struct          SAD 
_refine.pdbx_stereochemistry_target_values       'MAXIMUM LIKELIHOOD' 
_refine.pdbx_stereochem_target_val_spec_case     ? 
_refine.overall_FOM_work_R_set                   ? 
_refine.B_iso_max                                50.09 
_refine.B_iso_min                                5.11 
_refine.occupancy_max                            1.00 
_refine.occupancy_min                            0.24 
_refine.pdbx_ls_sigma_I                          0 
_refine.ls_redundancy_reflns_obs                 ? 
_refine.ls_R_factor_R_free_error_details         ? 
_refine.pdbx_data_cutoff_high_rms_absF           ? 
_refine.overall_FOM_free_R_set                   ? 
_refine.pdbx_overall_phase_error                 ? 
_refine.pdbx_refine_id                           'X-RAY DIFFRACTION' 
_refine.pdbx_TLS_residual_ADP_flag               'LIKELY RESIDUAL' 
_refine.pdbx_diffrn_id                           1 
_refine.pdbx_overall_SU_R_free_Cruickshank_DPI   ? 
_refine.pdbx_overall_SU_R_Blow_DPI               ? 
_refine.pdbx_overall_SU_R_free_Blow_DPI          ? 
# 
_refine_hist.pdbx_refine_id                   'X-RAY DIFFRACTION' 
_refine_hist.cycle_id                         LAST 
_refine_hist.pdbx_number_atoms_protein        1077 
_refine_hist.pdbx_number_atoms_nucleic_acid   0 
_refine_hist.pdbx_number_atoms_ligand         0 
_refine_hist.number_atoms_solvent             193 
_refine_hist.number_atoms_total               1270 
_refine_hist.d_res_high                       1.460 
_refine_hist.d_res_low                        36.500 
# 
loop_
_refine_ls_restr.type 
_refine_ls_restr.number 
_refine_ls_restr.dev_ideal 
_refine_ls_restr.dev_ideal_target 
_refine_ls_restr.weight 
_refine_ls_restr.pdbx_refine_id 
_refine_ls_restr.pdbx_restraint_function 
r_bond_refined_d       1229 0.020  0.022  ? 'X-RAY DIFFRACTION' ? 
r_bond_other_d         803  0.001  0.020  ? 'X-RAY DIFFRACTION' ? 
r_angle_refined_deg    1699 1.791  1.927  ? 'X-RAY DIFFRACTION' ? 
r_angle_other_deg      1993 0.998  3.000  ? 'X-RAY DIFFRACTION' ? 
r_dihedral_angle_1_deg 163  6.072  5.000  ? 'X-RAY DIFFRACTION' ? 
r_dihedral_angle_2_deg 67   32.960 25.672 ? 'X-RAY DIFFRACTION' ? 
r_dihedral_angle_3_deg 205  13.664 15.000 ? 'X-RAY DIFFRACTION' ? 
r_dihedral_angle_4_deg 3    26.763 15.000 ? 'X-RAY DIFFRACTION' ? 
r_chiral_restr         183  0.109  0.200  ? 'X-RAY DIFFRACTION' ? 
r_gen_planes_refined   1415 0.010  0.021  ? 'X-RAY DIFFRACTION' ? 
r_gen_planes_other     241  0.003  0.020  ? 'X-RAY DIFFRACTION' ? 
r_mcbond_it            731  1.107  1.500  ? 'X-RAY DIFFRACTION' ? 
r_mcbond_other         284  0.364  1.500  ? 'X-RAY DIFFRACTION' ? 
r_mcangle_it           1206 1.803  2.000  ? 'X-RAY DIFFRACTION' ? 
r_scbond_it            498  2.710  3.000  ? 'X-RAY DIFFRACTION' ? 
r_scangle_it           479  4.123  4.500  ? 'X-RAY DIFFRACTION' ? 
# 
_refine_ls_shell.d_res_high                       1.456 
_refine_ls_shell.d_res_low                        1.494 
_refine_ls_shell.pdbx_total_number_of_bins_used   20 
_refine_ls_shell.percent_reflns_obs               95.050 
_refine_ls_shell.number_reflns_R_work             1515 
_refine_ls_shell.R_factor_all                     ? 
_refine_ls_shell.R_factor_R_work                  0.275 
_refine_ls_shell.R_factor_R_free                  0.297 
_refine_ls_shell.percent_reflns_R_free            ? 
_refine_ls_shell.number_reflns_R_free             79 
_refine_ls_shell.R_factor_R_free_error            ? 
_refine_ls_shell.number_reflns_all                1594 
_refine_ls_shell.number_reflns_obs                1594 
_refine_ls_shell.redundancy_reflns_obs            ? 
_refine_ls_shell.pdbx_refine_id                   'X-RAY DIFFRACTION' 
# 
_struct.entry_id                  3I7M 
_struct.title                     'N-terminal domain of Xaa-Pro dipeptidase from Lactobacillus brevis.' 
_struct.pdbx_model_details        ? 
_struct.pdbx_CASP_flag            ? 
_struct.pdbx_model_type_details   ? 
# 
_struct_keywords.entry_id        3I7M 
_struct_keywords.text            
;structural genomics, APC64794.2, Xaa-Pro dipeptidase, Metallo peptidase, Creatinase/Prolidase N-terminal domain, PSI-2, Protein Structure Initiative, Midwest Center for Structural Genomics, MCSG, Hydrolase
;
_struct_keywords.pdbx_keywords   HYDROLASE 
# 
loop_
_struct_asym.id 
_struct_asym.pdbx_blank_PDB_chainid_flag 
_struct_asym.pdbx_modified 
_struct_asym.entity_id 
_struct_asym.details 
A N N 1 ? 
B N N 2 ? 
# 
_struct_ref.id                         1 
_struct_ref.db_name                    UNP 
_struct_ref.db_code                    Q03R62_LACBA 
_struct_ref.pdbx_db_accession          Q03R62 
_struct_ref.entity_id                  1 
_struct_ref.pdbx_seq_one_letter_code   
;MTKLEQIQQWTAQHHASMTYLSNPKTIEYLTGFGSDPIERVLALVVFPDQDPFIFAPALEVEVIKETGWQFPVIGYLDHE
NPWAMIADQVKQRHVNPEHVAIEKGQLQVARMEALAAQFSAPSFDLDITSFIEHMR
;
_struct_ref.pdbx_align_begin           1 
_struct_ref.pdbx_db_isoform            ? 
# 
_struct_ref_seq.align_id                      1 
_struct_ref_seq.ref_id                        1 
_struct_ref_seq.pdbx_PDB_id_code              3I7M 
_struct_ref_seq.pdbx_strand_id                A 
_struct_ref_seq.seq_align_beg                 3 
_struct_ref_seq.pdbx_seq_align_beg_ins_code   ? 
_struct_ref_seq.seq_align_end                 138 
_struct_ref_seq.pdbx_seq_align_end_ins_code   ? 
_struct_ref_seq.pdbx_db_accession             Q03R62 
_struct_ref_seq.db_align_beg                  1 
_struct_ref_seq.pdbx_db_align_beg_ins_code    ? 
_struct_ref_seq.db_align_end                  136 
_struct_ref_seq.pdbx_db_align_end_ins_code    ? 
_struct_ref_seq.pdbx_auth_seq_align_beg       1 
_struct_ref_seq.pdbx_auth_seq_align_end       136 
# 
loop_
_struct_ref_seq_dif.align_id 
_struct_ref_seq_dif.pdbx_pdb_id_code 
_struct_ref_seq_dif.mon_id 
_struct_ref_seq_dif.pdbx_pdb_strand_id 
_struct_ref_seq_dif.seq_num 
_struct_ref_seq_dif.pdbx_pdb_ins_code 
_struct_ref_seq_dif.pdbx_seq_db_name 
_struct_ref_seq_dif.pdbx_seq_db_accession_code 
_struct_ref_seq_dif.db_mon_id 
_struct_ref_seq_dif.pdbx_seq_db_seq_num 
_struct_ref_seq_dif.details 
_struct_ref_seq_dif.pdbx_auth_seq_num 
_struct_ref_seq_dif.pdbx_ordinal 
1 3I7M GLY A 1   ? UNP Q03R62 ? ? 'expression tag' -1  1 
1 3I7M HIS A 2   ? UNP Q03R62 ? ? 'expression tag' 0   2 
1 3I7M GLY A 139 ? UNP Q03R62 ? ? 'expression tag' 137 3 
1 3I7M SER A 140 ? UNP Q03R62 ? ? 'expression tag' 138 4 
# 
_pdbx_struct_assembly.id                   1 
_pdbx_struct_assembly.details              author_defined_assembly 
_pdbx_struct_assembly.method_details       ? 
_pdbx_struct_assembly.oligomeric_details   monomeric 
_pdbx_struct_assembly.oligomeric_count     1 
# 
_pdbx_struct_assembly_gen.assembly_id       1 
_pdbx_struct_assembly_gen.oper_expression   1 
_pdbx_struct_assembly_gen.asym_id_list      A,B 
# 
_pdbx_struct_oper_list.id                   1 
_pdbx_struct_oper_list.type                 'identity operation' 
_pdbx_struct_oper_list.name                 1_555 
_pdbx_struct_oper_list.symmetry_operation   x,y,z 
_pdbx_struct_oper_list.matrix[1][1]         1.0000000000 
_pdbx_struct_oper_list.matrix[1][2]         0.0000000000 
_pdbx_struct_oper_list.matrix[1][3]         0.0000000000 
_pdbx_struct_oper_list.vector[1]            0.0000000000 
_pdbx_struct_oper_list.matrix[2][1]         0.0000000000 
_pdbx_struct_oper_list.matrix[2][2]         1.0000000000 
_pdbx_struct_oper_list.matrix[2][3]         0.0000000000 
_pdbx_struct_oper_list.vector[2]            0.0000000000 
_pdbx_struct_oper_list.matrix[3][1]         0.0000000000 
_pdbx_struct_oper_list.matrix[3][2]         0.0000000000 
_pdbx_struct_oper_list.matrix[3][3]         1.0000000000 
_pdbx_struct_oper_list.vector[3]            0.0000000000 
# 
_struct_biol.id   1 
# 
loop_
_struct_conf.conf_type_id 
_struct_conf.id 
_struct_conf.pdbx_PDB_helix_id 
_struct_conf.beg_label_comp_id 
_struct_conf.beg_label_asym_id 
_struct_conf.beg_label_seq_id 
_struct_conf.pdbx_beg_PDB_ins_code 
_struct_conf.end_label_comp_id 
_struct_conf.end_label_asym_id 
_struct_conf.end_label_seq_id 
_struct_conf.pdbx_end_PDB_ins_code 
_struct_conf.beg_auth_comp_id 
_struct_conf.beg_auth_asym_id 
_struct_conf.beg_auth_seq_id 
_struct_conf.end_auth_comp_id 
_struct_conf.end_auth_asym_id 
_struct_conf.end_auth_seq_id 
_struct_conf.pdbx_PDB_helix_class 
_struct_conf.details 
_struct_conf.pdbx_PDB_helix_length 
HELX_P HELX_P1 1 THR A 4   ? HIS A 16  ? THR A 2   HIS A 14  1 ? 13 
HELX_P HELX_P2 2 ASN A 25  ? GLY A 34  ? ASN A 23  GLY A 32  1 ? 10 
HELX_P HELX_P3 3 GLU A 62  ? GLU A 68  ? GLU A 60  GLU A 66  1 ? 7  
HELX_P HELX_P4 4 ASN A 83  ? ARG A 95  ? ASN A 81  ARG A 93  1 ? 13 
HELX_P HELX_P5 5 GLN A 110 ? ALA A 119 ? GLN A 108 ALA A 117 1 ? 10 
HELX_P HELX_P6 6 ILE A 130 ? MSE A 137 ? ILE A 128 MSE A 135 1 ? 8  
# 
_struct_conf_type.id          HELX_P 
_struct_conf_type.criteria    ? 
_struct_conf_type.reference   ? 
# 
loop_
_struct_conn.id 
_struct_conn.conn_type_id 
_struct_conn.pdbx_leaving_atom_flag 
_struct_conn.pdbx_PDB_id 
_struct_conn.ptnr1_label_asym_id 
_struct_conn.ptnr1_label_comp_id 
_struct_conn.ptnr1_label_seq_id 
_struct_conn.ptnr1_label_atom_id 
_struct_conn.pdbx_ptnr1_label_alt_id 
_struct_conn.pdbx_ptnr1_PDB_ins_code 
_struct_conn.pdbx_ptnr1_standard_comp_id 
_struct_conn.ptnr1_symmetry 
_struct_conn.ptnr2_label_asym_id 
_struct_conn.ptnr2_label_comp_id 
_struct_conn.ptnr2_label_seq_id 
_struct_conn.ptnr2_label_atom_id 
_struct_conn.pdbx_ptnr2_label_alt_id 
_struct_conn.pdbx_ptnr2_PDB_ins_code 
_struct_conn.ptnr1_auth_asym_id 
_struct_conn.ptnr1_auth_comp_id 
_struct_conn.ptnr1_auth_seq_id 
_struct_conn.ptnr2_auth_asym_id 
_struct_conn.ptnr2_auth_comp_id 
_struct_conn.ptnr2_auth_seq_id 
_struct_conn.ptnr2_symmetry 
_struct_conn.pdbx_ptnr3_label_atom_id 
_struct_conn.pdbx_ptnr3_label_seq_id 
_struct_conn.pdbx_ptnr3_label_comp_id 
_struct_conn.pdbx_ptnr3_label_asym_id 
_struct_conn.pdbx_ptnr3_label_alt_id 
_struct_conn.pdbx_ptnr3_PDB_ins_code 
_struct_conn.details 
_struct_conn.pdbx_dist_value 
_struct_conn.pdbx_value_order 
_struct_conn.pdbx_role 
covale1 covale both ? A SER 19  C ? ? ? 1_555 A MSE 20  N ? ? A SER 17  A MSE 18  1_555 ? ? ? ? ? ? ? 1.323 ? ? 
covale2 covale both ? A MSE 20  C ? ? ? 1_555 A THR 21  N ? ? A MSE 18  A THR 19  1_555 ? ? ? ? ? ? ? 1.335 ? ? 
covale3 covale both ? A ALA 86  C ? ? ? 1_555 A MSE 87  N ? ? A ALA 84  A MSE 85  1_555 ? ? ? ? ? ? ? 1.323 ? ? 
covale4 covale both ? A MSE 87  C ? ? ? 1_555 A ILE 88  N ? ? A MSE 85  A ILE 86  1_555 ? ? ? ? ? ? ? 1.331 ? ? 
covale5 covale both ? A ARG 113 C ? ? ? 1_555 A MSE 114 N ? ? A ARG 111 A MSE 112 1_555 ? ? ? ? ? ? ? 1.338 ? ? 
covale6 covale both ? A MSE 114 C ? ? ? 1_555 A GLU 115 N ? ? A MSE 112 A GLU 113 1_555 ? ? ? ? ? ? ? 1.318 ? ? 
covale7 covale both ? A HIS 136 C ? ? ? 1_555 A MSE 137 N ? ? A HIS 134 A MSE 135 1_555 ? ? ? ? ? ? ? 1.323 ? ? 
# 
_struct_conn_type.id          covale 
_struct_conn_type.criteria    ? 
_struct_conn_type.reference   ? 
# 
loop_
_pdbx_modification_feature.ordinal 
_pdbx_modification_feature.label_comp_id 
_pdbx_modification_feature.label_asym_id 
_pdbx_modification_feature.label_seq_id 
_pdbx_modification_feature.label_alt_id 
_pdbx_modification_feature.modified_residue_label_comp_id 
_pdbx_modification_feature.modified_residue_label_asym_id 
_pdbx_modification_feature.modified_residue_label_seq_id 
_pdbx_modification_feature.modified_residue_label_alt_id 
_pdbx_modification_feature.auth_comp_id 
_pdbx_modification_feature.auth_asym_id 
_pdbx_modification_feature.auth_seq_id 
_pdbx_modification_feature.PDB_ins_code 
_pdbx_modification_feature.symmetry 
_pdbx_modification_feature.modified_residue_auth_comp_id 
_pdbx_modification_feature.modified_residue_auth_asym_id 
_pdbx_modification_feature.modified_residue_auth_seq_id 
_pdbx_modification_feature.modified_residue_PDB_ins_code 
_pdbx_modification_feature.modified_residue_symmetry 
_pdbx_modification_feature.comp_id_linking_atom 
_pdbx_modification_feature.modified_residue_id_linking_atom 
_pdbx_modification_feature.modified_residue_id 
_pdbx_modification_feature.ref_pcm_id 
_pdbx_modification_feature.ref_comp_id 
_pdbx_modification_feature.type 
_pdbx_modification_feature.category 
1 MSE A 20  ? . . . . MSE A 18  ? 1_555 . . . . . . . MET 1 MSE Selenomethionine 'Named protein modification' 
2 MSE A 87  ? . . . . MSE A 85  ? 1_555 . . . . . . . MET 1 MSE Selenomethionine 'Named protein modification' 
3 MSE A 114 ? . . . . MSE A 112 ? 1_555 . . . . . . . MET 1 MSE Selenomethionine 'Named protein modification' 
4 MSE A 137 ? . . . . MSE A 135 ? 1_555 . . . . . . . MET 1 MSE Selenomethionine 'Named protein modification' 
# 
_struct_sheet.id               A 
_struct_sheet.type             ? 
_struct_sheet.number_strands   6 
_struct_sheet.details          ? 
# 
loop_
_struct_sheet_order.sheet_id 
_struct_sheet_order.range_id_1 
_struct_sheet_order.range_id_2 
_struct_sheet_order.offset 
_struct_sheet_order.sense 
A 1 2 ? parallel      
A 2 3 ? anti-parallel 
A 3 4 ? anti-parallel 
A 4 5 ? parallel      
A 5 6 ? parallel      
# 
loop_
_struct_sheet_range.sheet_id 
_struct_sheet_range.id 
_struct_sheet_range.beg_label_comp_id 
_struct_sheet_range.beg_label_asym_id 
_struct_sheet_range.beg_label_seq_id 
_struct_sheet_range.pdbx_beg_PDB_ins_code 
_struct_sheet_range.end_label_comp_id 
_struct_sheet_range.end_label_asym_id 
_struct_sheet_range.end_label_seq_id 
_struct_sheet_range.pdbx_end_PDB_ins_code 
_struct_sheet_range.beg_auth_comp_id 
_struct_sheet_range.beg_auth_asym_id 
_struct_sheet_range.beg_auth_seq_id 
_struct_sheet_range.end_auth_comp_id 
_struct_sheet_range.end_auth_asym_id 
_struct_sheet_range.end_auth_seq_id 
A 1 VAL A 75  ? TYR A 78  ? VAL A 73  TYR A 76  
A 2 PHE A 55  ? PRO A 59  ? PHE A 53  PRO A 57  
A 3 ALA A 45  ? VAL A 48  ? ALA A 43  VAL A 46  
A 4 MSE A 20  ? LEU A 23  ? MSE A 18  LEU A 21  
A 5 HIS A 101 ? ILE A 104 ? HIS A 99  ILE A 102 
A 6 SER A 125 ? ASP A 129 ? SER A 123 ASP A 127 
# 
loop_
_pdbx_struct_sheet_hbond.sheet_id 
_pdbx_struct_sheet_hbond.range_id_1 
_pdbx_struct_sheet_hbond.range_id_2 
_pdbx_struct_sheet_hbond.range_1_label_atom_id 
_pdbx_struct_sheet_hbond.range_1_label_comp_id 
_pdbx_struct_sheet_hbond.range_1_label_asym_id 
_pdbx_struct_sheet_hbond.range_1_label_seq_id 
_pdbx_struct_sheet_hbond.range_1_PDB_ins_code 
_pdbx_struct_sheet_hbond.range_1_auth_atom_id 
_pdbx_struct_sheet_hbond.range_1_auth_comp_id 
_pdbx_struct_sheet_hbond.range_1_auth_asym_id 
_pdbx_struct_sheet_hbond.range_1_auth_seq_id 
_pdbx_struct_sheet_hbond.range_2_label_atom_id 
_pdbx_struct_sheet_hbond.range_2_label_comp_id 
_pdbx_struct_sheet_hbond.range_2_label_asym_id 
_pdbx_struct_sheet_hbond.range_2_label_seq_id 
_pdbx_struct_sheet_hbond.range_2_PDB_ins_code 
_pdbx_struct_sheet_hbond.range_2_auth_atom_id 
_pdbx_struct_sheet_hbond.range_2_auth_comp_id 
_pdbx_struct_sheet_hbond.range_2_auth_asym_id 
_pdbx_struct_sheet_hbond.range_2_auth_seq_id 
A 1 2 O ILE A 76  ? O ILE A 74  N ILE A 56  ? N ILE A 54  
A 2 3 O PHE A 55  ? O PHE A 53  N VAL A 47  ? N VAL A 45  
A 3 4 O LEU A 46  ? O LEU A 44  N LEU A 23  ? N LEU A 21  
A 4 5 N TYR A 22  ? N TYR A 20  O ALA A 103 ? O ALA A 101 
A 5 6 N VAL A 102 ? N VAL A 100 O SER A 125 ? O SER A 123 
# 
_pdbx_entry_details.entry_id                   3I7M 
_pdbx_entry_details.compound_details           ? 
_pdbx_entry_details.source_details             ? 
_pdbx_entry_details.nonpolymer_details         ? 
_pdbx_entry_details.sequence_details           ? 
_pdbx_entry_details.has_ligand_of_interest     ? 
_pdbx_entry_details.has_protein_modification   Y 
# 
loop_
_pdbx_validate_close_contact.id 
_pdbx_validate_close_contact.PDB_model_num 
_pdbx_validate_close_contact.auth_atom_id_1 
_pdbx_validate_close_contact.auth_asym_id_1 
_pdbx_validate_close_contact.auth_comp_id_1 
_pdbx_validate_close_contact.auth_seq_id_1 
_pdbx_validate_close_contact.PDB_ins_code_1 
_pdbx_validate_close_contact.label_alt_id_1 
_pdbx_validate_close_contact.auth_atom_id_2 
_pdbx_validate_close_contact.auth_asym_id_2 
_pdbx_validate_close_contact.auth_comp_id_2 
_pdbx_validate_close_contact.auth_seq_id_2 
_pdbx_validate_close_contact.PDB_ins_code_2 
_pdbx_validate_close_contact.label_alt_id_2 
_pdbx_validate_close_contact.dist 
1 1 O   A HOH 180 ? ? O A HOH 260 ? ? 1.72 
2 1 O   A HOH 180 ? ? O A HOH 204 ? ? 1.78 
3 1 OD1 A ASP 49  ? ? O A HOH 289 ? ? 1.80 
4 1 NE2 A GLN 8   ? B O A HOH 290 ? ? 1.91 
5 1 OD1 A ASN 96  ? A O A HOH 208 ? ? 2.10 
6 1 OD1 A ASP 78  ? B O A HOH 293 ? ? 2.11 
7 1 OE2 A GLU 133 ? A O A HOH 253 ? ? 2.13 
8 1 CG2 A ILE 38  ? A O A HOH 252 ? ? 2.15 
# 
loop_
_pdbx_validate_symm_contact.id 
_pdbx_validate_symm_contact.PDB_model_num 
_pdbx_validate_symm_contact.auth_atom_id_1 
_pdbx_validate_symm_contact.auth_asym_id_1 
_pdbx_validate_symm_contact.auth_comp_id_1 
_pdbx_validate_symm_contact.auth_seq_id_1 
_pdbx_validate_symm_contact.PDB_ins_code_1 
_pdbx_validate_symm_contact.label_alt_id_1 
_pdbx_validate_symm_contact.site_symmetry_1 
_pdbx_validate_symm_contact.auth_atom_id_2 
_pdbx_validate_symm_contact.auth_asym_id_2 
_pdbx_validate_symm_contact.auth_comp_id_2 
_pdbx_validate_symm_contact.auth_seq_id_2 
_pdbx_validate_symm_contact.PDB_ins_code_2 
_pdbx_validate_symm_contact.label_alt_id_2 
_pdbx_validate_symm_contact.site_symmetry_2 
_pdbx_validate_symm_contact.dist 
1 1 O A HOH 192 ? ? 1_555 O A HOH 299 ? ? 4_555 2.03 
2 1 O A HOH 206 ? ? 1_555 O A HOH 328 ? ? 3_545 2.16 
# 
loop_
_pdbx_validate_rmsd_angle.id 
_pdbx_validate_rmsd_angle.PDB_model_num 
_pdbx_validate_rmsd_angle.auth_atom_id_1 
_pdbx_validate_rmsd_angle.auth_asym_id_1 
_pdbx_validate_rmsd_angle.auth_comp_id_1 
_pdbx_validate_rmsd_angle.auth_seq_id_1 
_pdbx_validate_rmsd_angle.PDB_ins_code_1 
_pdbx_validate_rmsd_angle.label_alt_id_1 
_pdbx_validate_rmsd_angle.auth_atom_id_2 
_pdbx_validate_rmsd_angle.auth_asym_id_2 
_pdbx_validate_rmsd_angle.auth_comp_id_2 
_pdbx_validate_rmsd_angle.auth_seq_id_2 
_pdbx_validate_rmsd_angle.PDB_ins_code_2 
_pdbx_validate_rmsd_angle.label_alt_id_2 
_pdbx_validate_rmsd_angle.auth_atom_id_3 
_pdbx_validate_rmsd_angle.auth_asym_id_3 
_pdbx_validate_rmsd_angle.auth_comp_id_3 
_pdbx_validate_rmsd_angle.auth_seq_id_3 
_pdbx_validate_rmsd_angle.PDB_ins_code_3 
_pdbx_validate_rmsd_angle.label_alt_id_3 
_pdbx_validate_rmsd_angle.angle_value 
_pdbx_validate_rmsd_angle.angle_target_value 
_pdbx_validate_rmsd_angle.angle_deviation 
_pdbx_validate_rmsd_angle.angle_standard_deviation 
_pdbx_validate_rmsd_angle.linker_flag 
1 1 CB A ASP 51  ? ? CG A ASP 51  ? ? OD2 A ASP 51  ? ? 112.23 118.30 -6.07 0.90 N 
2 1 CB A ASP 125 ? ? CG A ASP 125 ? ? OD1 A ASP 125 ? ? 124.00 118.30 5.70  0.90 N 
3 1 CB A ASP 125 ? ? CG A ASP 125 ? ? OD2 A ASP 125 ? ? 111.74 118.30 -6.56 0.90 N 
# 
loop_
_pdbx_validate_torsion.id 
_pdbx_validate_torsion.PDB_model_num 
_pdbx_validate_torsion.auth_comp_id 
_pdbx_validate_torsion.auth_asym_id 
_pdbx_validate_torsion.auth_seq_id 
_pdbx_validate_torsion.PDB_ins_code 
_pdbx_validate_torsion.label_alt_id 
_pdbx_validate_torsion.phi 
_pdbx_validate_torsion.psi 
1 1 ASP A 49  ? ? -143.38 21.57  
2 1 GLU A 98  ? ? -102.86 -96.11 
3 1 ALA A 121 ? ? -160.23 68.27  
# 
_pdbx_SG_project.id                    1 
_pdbx_SG_project.project_name          'PSI, Protein Structure Initiative' 
_pdbx_SG_project.full_name_of_center   'Midwest Center for Structural Genomics' 
_pdbx_SG_project.initial_of_center     MCSG 
# 
loop_
_pdbx_struct_mod_residue.id 
_pdbx_struct_mod_residue.label_asym_id 
_pdbx_struct_mod_residue.label_comp_id 
_pdbx_struct_mod_residue.label_seq_id 
_pdbx_struct_mod_residue.auth_asym_id 
_pdbx_struct_mod_residue.auth_comp_id 
_pdbx_struct_mod_residue.auth_seq_id 
_pdbx_struct_mod_residue.PDB_ins_code 
_pdbx_struct_mod_residue.parent_comp_id 
_pdbx_struct_mod_residue.details 
1 A MSE 20  A MSE 18  ? MET SELENOMETHIONINE 
2 A MSE 87  A MSE 85  ? MET SELENOMETHIONINE 
3 A MSE 114 A MSE 112 ? MET SELENOMETHIONINE 
4 A MSE 137 A MSE 135 ? MET SELENOMETHIONINE 
# 
loop_
_pdbx_refine_tls.pdbx_refine_id 
_pdbx_refine_tls.id 
_pdbx_refine_tls.details 
_pdbx_refine_tls.method 
_pdbx_refine_tls.origin_x 
_pdbx_refine_tls.origin_y 
_pdbx_refine_tls.origin_z 
_pdbx_refine_tls.T[1][1] 
_pdbx_refine_tls.T[2][2] 
_pdbx_refine_tls.T[3][3] 
_pdbx_refine_tls.T[1][2] 
_pdbx_refine_tls.T[1][3] 
_pdbx_refine_tls.T[2][3] 
_pdbx_refine_tls.L[1][1] 
_pdbx_refine_tls.L[2][2] 
_pdbx_refine_tls.L[3][3] 
_pdbx_refine_tls.L[1][2] 
_pdbx_refine_tls.L[1][3] 
_pdbx_refine_tls.L[2][3] 
_pdbx_refine_tls.S[1][1] 
_pdbx_refine_tls.S[2][2] 
_pdbx_refine_tls.S[3][3] 
_pdbx_refine_tls.S[1][2] 
_pdbx_refine_tls.S[1][3] 
_pdbx_refine_tls.S[2][3] 
_pdbx_refine_tls.S[2][1] 
_pdbx_refine_tls.S[3][1] 
_pdbx_refine_tls.S[3][2] 
'X-RAY DIFFRACTION' 1 ? refined 0.6267  -0.9607 3.5650  0.1041 0.0303 0.0134 0.0046 -0.0263 -0.0083 1.0280 0.8201 2.6201 0.3487  0.5191 0.4342 0.0829 -0.0286 -0.0543 -0.0576 0.0539 -0.0059 0.1518 0.2032 0.0319 
'X-RAY DIFFRACTION' 2 ? refined -1.0944 1.0968  -7.6927 0.0591 0.0603 0.0225 0.0101 -0.0092 -0.0098 1.2471 1.3051 1.7775 -0.3527 0.5349 0.4398 0.0591 -0.0138 -0.0453 0.1068  0.0224 -0.0006 0.0868 0.1775 0.0616 
# 
loop_
_pdbx_refine_tls_group.pdbx_refine_id 
_pdbx_refine_tls_group.id 
_pdbx_refine_tls_group.refine_tls_id 
_pdbx_refine_tls_group.beg_auth_asym_id 
_pdbx_refine_tls_group.beg_auth_seq_id 
_pdbx_refine_tls_group.end_auth_asym_id 
_pdbx_refine_tls_group.end_auth_seq_id 
_pdbx_refine_tls_group.selection_details 
_pdbx_refine_tls_group.beg_label_asym_id 
_pdbx_refine_tls_group.beg_label_seq_id 
_pdbx_refine_tls_group.end_label_asym_id 
_pdbx_refine_tls_group.end_label_seq_id 
_pdbx_refine_tls_group.selection 
'X-RAY DIFFRACTION' 1 1 A 2  A 90  ? . . . . ? 
'X-RAY DIFFRACTION' 2 2 A 91 A 135 ? . . . . ? 
# 
loop_
_pdbx_unobs_or_zero_occ_residues.id 
_pdbx_unobs_or_zero_occ_residues.PDB_model_num 
_pdbx_unobs_or_zero_occ_residues.polymer_flag 
_pdbx_unobs_or_zero_occ_residues.occupancy_flag 
_pdbx_unobs_or_zero_occ_residues.auth_asym_id 
_pdbx_unobs_or_zero_occ_residues.auth_comp_id 
_pdbx_unobs_or_zero_occ_residues.auth_seq_id 
_pdbx_unobs_or_zero_occ_residues.PDB_ins_code 
_pdbx_unobs_or_zero_occ_residues.label_asym_id 
_pdbx_unobs_or_zero_occ_residues.label_comp_id 
_pdbx_unobs_or_zero_occ_residues.label_seq_id 
1 1 Y 1 A GLY -1  ? A GLY 1   
2 1 Y 1 A HIS 0   ? A HIS 2   
3 1 Y 1 A MSE 1   ? A MSE 3   
4 1 Y 1 A ARG 136 ? A ARG 138 
5 1 Y 1 A GLY 137 ? A GLY 139 
6 1 Y 1 A SER 138 ? A SER 140 
# 
loop_
_chem_comp_atom.comp_id 
_chem_comp_atom.atom_id 
_chem_comp_atom.type_symbol 
_chem_comp_atom.pdbx_aromatic_flag 
_chem_comp_atom.pdbx_stereo_config 
_chem_comp_atom.pdbx_ordinal 
ALA N    N  N N 1   
ALA CA   C  N S 2   
ALA C    C  N N 3   
ALA O    O  N N 4   
ALA CB   C  N N 5   
ALA OXT  O  N N 6   
ALA H    H  N N 7   
ALA H2   H  N N 8   
ALA HA   H  N N 9   
ALA HB1  H  N N 10  
ALA HB2  H  N N 11  
ALA HB3  H  N N 12  
ALA HXT  H  N N 13  
ARG N    N  N N 14  
ARG CA   C  N S 15  
ARG C    C  N N 16  
ARG O    O  N N 17  
ARG CB   C  N N 18  
ARG CG   C  N N 19  
ARG CD   C  N N 20  
ARG NE   N  N N 21  
ARG CZ   C  N N 22  
ARG NH1  N  N N 23  
ARG NH2  N  N N 24  
ARG OXT  O  N N 25  
ARG H    H  N N 26  
ARG H2   H  N N 27  
ARG HA   H  N N 28  
ARG HB2  H  N N 29  
ARG HB3  H  N N 30  
ARG HG2  H  N N 31  
ARG HG3  H  N N 32  
ARG HD2  H  N N 33  
ARG HD3  H  N N 34  
ARG HE   H  N N 35  
ARG HH11 H  N N 36  
ARG HH12 H  N N 37  
ARG HH21 H  N N 38  
ARG HH22 H  N N 39  
ARG HXT  H  N N 40  
ASN N    N  N N 41  
ASN CA   C  N S 42  
ASN C    C  N N 43  
ASN O    O  N N 44  
ASN CB   C  N N 45  
ASN CG   C  N N 46  
ASN OD1  O  N N 47  
ASN ND2  N  N N 48  
ASN OXT  O  N N 49  
ASN H    H  N N 50  
ASN H2   H  N N 51  
ASN HA   H  N N 52  
ASN HB2  H  N N 53  
ASN HB3  H  N N 54  
ASN HD21 H  N N 55  
ASN HD22 H  N N 56  
ASN HXT  H  N N 57  
ASP N    N  N N 58  
ASP CA   C  N S 59  
ASP C    C  N N 60  
ASP O    O  N N 61  
ASP CB   C  N N 62  
ASP CG   C  N N 63  
ASP OD1  O  N N 64  
ASP OD2  O  N N 65  
ASP OXT  O  N N 66  
ASP H    H  N N 67  
ASP H2   H  N N 68  
ASP HA   H  N N 69  
ASP HB2  H  N N 70  
ASP HB3  H  N N 71  
ASP HD2  H  N N 72  
ASP HXT  H  N N 73  
GLN N    N  N N 74  
GLN CA   C  N S 75  
GLN C    C  N N 76  
GLN O    O  N N 77  
GLN CB   C  N N 78  
GLN CG   C  N N 79  
GLN CD   C  N N 80  
GLN OE1  O  N N 81  
GLN NE2  N  N N 82  
GLN OXT  O  N N 83  
GLN H    H  N N 84  
GLN H2   H  N N 85  
GLN HA   H  N N 86  
GLN HB2  H  N N 87  
GLN HB3  H  N N 88  
GLN HG2  H  N N 89  
GLN HG3  H  N N 90  
GLN HE21 H  N N 91  
GLN HE22 H  N N 92  
GLN HXT  H  N N 93  
GLU N    N  N N 94  
GLU CA   C  N S 95  
GLU C    C  N N 96  
GLU O    O  N N 97  
GLU CB   C  N N 98  
GLU CG   C  N N 99  
GLU CD   C  N N 100 
GLU OE1  O  N N 101 
GLU OE2  O  N N 102 
GLU OXT  O  N N 103 
GLU H    H  N N 104 
GLU H2   H  N N 105 
GLU HA   H  N N 106 
GLU HB2  H  N N 107 
GLU HB3  H  N N 108 
GLU HG2  H  N N 109 
GLU HG3  H  N N 110 
GLU HE2  H  N N 111 
GLU HXT  H  N N 112 
GLY N    N  N N 113 
GLY CA   C  N N 114 
GLY C    C  N N 115 
GLY O    O  N N 116 
GLY OXT  O  N N 117 
GLY H    H  N N 118 
GLY H2   H  N N 119 
GLY HA2  H  N N 120 
GLY HA3  H  N N 121 
GLY HXT  H  N N 122 
HIS N    N  N N 123 
HIS CA   C  N S 124 
HIS C    C  N N 125 
HIS O    O  N N 126 
HIS CB   C  N N 127 
HIS CG   C  Y N 128 
HIS ND1  N  Y N 129 
HIS CD2  C  Y N 130 
HIS CE1  C  Y N 131 
HIS NE2  N  Y N 132 
HIS OXT  O  N N 133 
HIS H    H  N N 134 
HIS H2   H  N N 135 
HIS HA   H  N N 136 
HIS HB2  H  N N 137 
HIS HB3  H  N N 138 
HIS HD1  H  N N 139 
HIS HD2  H  N N 140 
HIS HE1  H  N N 141 
HIS HE2  H  N N 142 
HIS HXT  H  N N 143 
HOH O    O  N N 144 
HOH H1   H  N N 145 
HOH H2   H  N N 146 
ILE N    N  N N 147 
ILE CA   C  N S 148 
ILE C    C  N N 149 
ILE O    O  N N 150 
ILE CB   C  N S 151 
ILE CG1  C  N N 152 
ILE CG2  C  N N 153 
ILE CD1  C  N N 154 
ILE OXT  O  N N 155 
ILE H    H  N N 156 
ILE H2   H  N N 157 
ILE HA   H  N N 158 
ILE HB   H  N N 159 
ILE HG12 H  N N 160 
ILE HG13 H  N N 161 
ILE HG21 H  N N 162 
ILE HG22 H  N N 163 
ILE HG23 H  N N 164 
ILE HD11 H  N N 165 
ILE HD12 H  N N 166 
ILE HD13 H  N N 167 
ILE HXT  H  N N 168 
LEU N    N  N N 169 
LEU CA   C  N S 170 
LEU C    C  N N 171 
LEU O    O  N N 172 
LEU CB   C  N N 173 
LEU CG   C  N N 174 
LEU CD1  C  N N 175 
LEU CD2  C  N N 176 
LEU OXT  O  N N 177 
LEU H    H  N N 178 
LEU H2   H  N N 179 
LEU HA   H  N N 180 
LEU HB2  H  N N 181 
LEU HB3  H  N N 182 
LEU HG   H  N N 183 
LEU HD11 H  N N 184 
LEU HD12 H  N N 185 
LEU HD13 H  N N 186 
LEU HD21 H  N N 187 
LEU HD22 H  N N 188 
LEU HD23 H  N N 189 
LEU HXT  H  N N 190 
LYS N    N  N N 191 
LYS CA   C  N S 192 
LYS C    C  N N 193 
LYS O    O  N N 194 
LYS CB   C  N N 195 
LYS CG   C  N N 196 
LYS CD   C  N N 197 
LYS CE   C  N N 198 
LYS NZ   N  N N 199 
LYS OXT  O  N N 200 
LYS H    H  N N 201 
LYS H2   H  N N 202 
LYS HA   H  N N 203 
LYS HB2  H  N N 204 
LYS HB3  H  N N 205 
LYS HG2  H  N N 206 
LYS HG3  H  N N 207 
LYS HD2  H  N N 208 
LYS HD3  H  N N 209 
LYS HE2  H  N N 210 
LYS HE3  H  N N 211 
LYS HZ1  H  N N 212 
LYS HZ2  H  N N 213 
LYS HZ3  H  N N 214 
LYS HXT  H  N N 215 
MSE N    N  N N 216 
MSE CA   C  N S 217 
MSE C    C  N N 218 
MSE O    O  N N 219 
MSE OXT  O  N N 220 
MSE CB   C  N N 221 
MSE CG   C  N N 222 
MSE SE   SE N N 223 
MSE CE   C  N N 224 
MSE H    H  N N 225 
MSE H2   H  N N 226 
MSE HA   H  N N 227 
MSE HXT  H  N N 228 
MSE HB2  H  N N 229 
MSE HB3  H  N N 230 
MSE HG2  H  N N 231 
MSE HG3  H  N N 232 
MSE HE1  H  N N 233 
MSE HE2  H  N N 234 
MSE HE3  H  N N 235 
PHE N    N  N N 236 
PHE CA   C  N S 237 
PHE C    C  N N 238 
PHE O    O  N N 239 
PHE CB   C  N N 240 
PHE CG   C  Y N 241 
PHE CD1  C  Y N 242 
PHE CD2  C  Y N 243 
PHE CE1  C  Y N 244 
PHE CE2  C  Y N 245 
PHE CZ   C  Y N 246 
PHE OXT  O  N N 247 
PHE H    H  N N 248 
PHE H2   H  N N 249 
PHE HA   H  N N 250 
PHE HB2  H  N N 251 
PHE HB3  H  N N 252 
PHE HD1  H  N N 253 
PHE HD2  H  N N 254 
PHE HE1  H  N N 255 
PHE HE2  H  N N 256 
PHE HZ   H  N N 257 
PHE HXT  H  N N 258 
PRO N    N  N N 259 
PRO CA   C  N S 260 
PRO C    C  N N 261 
PRO O    O  N N 262 
PRO CB   C  N N 263 
PRO CG   C  N N 264 
PRO CD   C  N N 265 
PRO OXT  O  N N 266 
PRO H    H  N N 267 
PRO HA   H  N N 268 
PRO HB2  H  N N 269 
PRO HB3  H  N N 270 
PRO HG2  H  N N 271 
PRO HG3  H  N N 272 
PRO HD2  H  N N 273 
PRO HD3  H  N N 274 
PRO HXT  H  N N 275 
SER N    N  N N 276 
SER CA   C  N S 277 
SER C    C  N N 278 
SER O    O  N N 279 
SER CB   C  N N 280 
SER OG   O  N N 281 
SER OXT  O  N N 282 
SER H    H  N N 283 
SER H2   H  N N 284 
SER HA   H  N N 285 
SER HB2  H  N N 286 
SER HB3  H  N N 287 
SER HG   H  N N 288 
SER HXT  H  N N 289 
THR N    N  N N 290 
THR CA   C  N S 291 
THR C    C  N N 292 
THR O    O  N N 293 
THR CB   C  N R 294 
THR OG1  O  N N 295 
THR CG2  C  N N 296 
THR OXT  O  N N 297 
THR H    H  N N 298 
THR H2   H  N N 299 
THR HA   H  N N 300 
THR HB   H  N N 301 
THR HG1  H  N N 302 
THR HG21 H  N N 303 
THR HG22 H  N N 304 
THR HG23 H  N N 305 
THR HXT  H  N N 306 
TRP N    N  N N 307 
TRP CA   C  N S 308 
TRP C    C  N N 309 
TRP O    O  N N 310 
TRP CB   C  N N 311 
TRP CG   C  Y N 312 
TRP CD1  C  Y N 313 
TRP CD2  C  Y N 314 
TRP NE1  N  Y N 315 
TRP CE2  C  Y N 316 
TRP CE3  C  Y N 317 
TRP CZ2  C  Y N 318 
TRP CZ3  C  Y N 319 
TRP CH2  C  Y N 320 
TRP OXT  O  N N 321 
TRP H    H  N N 322 
TRP H2   H  N N 323 
TRP HA   H  N N 324 
TRP HB2  H  N N 325 
TRP HB3  H  N N 326 
TRP HD1  H  N N 327 
TRP HE1  H  N N 328 
TRP HE3  H  N N 329 
TRP HZ2  H  N N 330 
TRP HZ3  H  N N 331 
TRP HH2  H  N N 332 
TRP HXT  H  N N 333 
TYR N    N  N N 334 
TYR CA   C  N S 335 
TYR C    C  N N 336 
TYR O    O  N N 337 
TYR CB   C  N N 338 
TYR CG   C  Y N 339 
TYR CD1  C  Y N 340 
TYR CD2  C  Y N 341 
TYR CE1  C  Y N 342 
TYR CE2  C  Y N 343 
TYR CZ   C  Y N 344 
TYR OH   O  N N 345 
TYR OXT  O  N N 346 
TYR H    H  N N 347 
TYR H2   H  N N 348 
TYR HA   H  N N 349 
TYR HB2  H  N N 350 
TYR HB3  H  N N 351 
TYR HD1  H  N N 352 
TYR HD2  H  N N 353 
TYR HE1  H  N N 354 
TYR HE2  H  N N 355 
TYR HH   H  N N 356 
TYR HXT  H  N N 357 
VAL N    N  N N 358 
VAL CA   C  N S 359 
VAL C    C  N N 360 
VAL O    O  N N 361 
VAL CB   C  N N 362 
VAL CG1  C  N N 363 
VAL CG2  C  N N 364 
VAL OXT  O  N N 365 
VAL H    H  N N 366 
VAL H2   H  N N 367 
VAL HA   H  N N 368 
VAL HB   H  N N 369 
VAL HG11 H  N N 370 
VAL HG12 H  N N 371 
VAL HG13 H  N N 372 
VAL HG21 H  N N 373 
VAL HG22 H  N N 374 
VAL HG23 H  N N 375 
VAL HXT  H  N N 376 
# 
loop_
_chem_comp_bond.comp_id 
_chem_comp_bond.atom_id_1 
_chem_comp_bond.atom_id_2 
_chem_comp_bond.value_order 
_chem_comp_bond.pdbx_aromatic_flag 
_chem_comp_bond.pdbx_stereo_config 
_chem_comp_bond.pdbx_ordinal 
ALA N   CA   sing N N 1   
ALA N   H    sing N N 2   
ALA N   H2   sing N N 3   
ALA CA  C    sing N N 4   
ALA CA  CB   sing N N 5   
ALA CA  HA   sing N N 6   
ALA C   O    doub N N 7   
ALA C   OXT  sing N N 8   
ALA CB  HB1  sing N N 9   
ALA CB  HB2  sing N N 10  
ALA CB  HB3  sing N N 11  
ALA OXT HXT  sing N N 12  
ARG N   CA   sing N N 13  
ARG N   H    sing N N 14  
ARG N   H2   sing N N 15  
ARG CA  C    sing N N 16  
ARG CA  CB   sing N N 17  
ARG CA  HA   sing N N 18  
ARG C   O    doub N N 19  
ARG C   OXT  sing N N 20  
ARG CB  CG   sing N N 21  
ARG CB  HB2  sing N N 22  
ARG CB  HB3  sing N N 23  
ARG CG  CD   sing N N 24  
ARG CG  HG2  sing N N 25  
ARG CG  HG3  sing N N 26  
ARG CD  NE   sing N N 27  
ARG CD  HD2  sing N N 28  
ARG CD  HD3  sing N N 29  
ARG NE  CZ   sing N N 30  
ARG NE  HE   sing N N 31  
ARG CZ  NH1  sing N N 32  
ARG CZ  NH2  doub N N 33  
ARG NH1 HH11 sing N N 34  
ARG NH1 HH12 sing N N 35  
ARG NH2 HH21 sing N N 36  
ARG NH2 HH22 sing N N 37  
ARG OXT HXT  sing N N 38  
ASN N   CA   sing N N 39  
ASN N   H    sing N N 40  
ASN N   H2   sing N N 41  
ASN CA  C    sing N N 42  
ASN CA  CB   sing N N 43  
ASN CA  HA   sing N N 44  
ASN C   O    doub N N 45  
ASN C   OXT  sing N N 46  
ASN CB  CG   sing N N 47  
ASN CB  HB2  sing N N 48  
ASN CB  HB3  sing N N 49  
ASN CG  OD1  doub N N 50  
ASN CG  ND2  sing N N 51  
ASN ND2 HD21 sing N N 52  
ASN ND2 HD22 sing N N 53  
ASN OXT HXT  sing N N 54  
ASP N   CA   sing N N 55  
ASP N   H    sing N N 56  
ASP N   H2   sing N N 57  
ASP CA  C    sing N N 58  
ASP CA  CB   sing N N 59  
ASP CA  HA   sing N N 60  
ASP C   O    doub N N 61  
ASP C   OXT  sing N N 62  
ASP CB  CG   sing N N 63  
ASP CB  HB2  sing N N 64  
ASP CB  HB3  sing N N 65  
ASP CG  OD1  doub N N 66  
ASP CG  OD2  sing N N 67  
ASP OD2 HD2  sing N N 68  
ASP OXT HXT  sing N N 69  
GLN N   CA   sing N N 70  
GLN N   H    sing N N 71  
GLN N   H2   sing N N 72  
GLN CA  C    sing N N 73  
GLN CA  CB   sing N N 74  
GLN CA  HA   sing N N 75  
GLN C   O    doub N N 76  
GLN C   OXT  sing N N 77  
GLN CB  CG   sing N N 78  
GLN CB  HB2  sing N N 79  
GLN CB  HB3  sing N N 80  
GLN CG  CD   sing N N 81  
GLN CG  HG2  sing N N 82  
GLN CG  HG3  sing N N 83  
GLN CD  OE1  doub N N 84  
GLN CD  NE2  sing N N 85  
GLN NE2 HE21 sing N N 86  
GLN NE2 HE22 sing N N 87  
GLN OXT HXT  sing N N 88  
GLU N   CA   sing N N 89  
GLU N   H    sing N N 90  
GLU N   H2   sing N N 91  
GLU CA  C    sing N N 92  
GLU CA  CB   sing N N 93  
GLU CA  HA   sing N N 94  
GLU C   O    doub N N 95  
GLU C   OXT  sing N N 96  
GLU CB  CG   sing N N 97  
GLU CB  HB2  sing N N 98  
GLU CB  HB3  sing N N 99  
GLU CG  CD   sing N N 100 
GLU CG  HG2  sing N N 101 
GLU CG  HG3  sing N N 102 
GLU CD  OE1  doub N N 103 
GLU CD  OE2  sing N N 104 
GLU OE2 HE2  sing N N 105 
GLU OXT HXT  sing N N 106 
GLY N   CA   sing N N 107 
GLY N   H    sing N N 108 
GLY N   H2   sing N N 109 
GLY CA  C    sing N N 110 
GLY CA  HA2  sing N N 111 
GLY CA  HA3  sing N N 112 
GLY C   O    doub N N 113 
GLY C   OXT  sing N N 114 
GLY OXT HXT  sing N N 115 
HIS N   CA   sing N N 116 
HIS N   H    sing N N 117 
HIS N   H2   sing N N 118 
HIS CA  C    sing N N 119 
HIS CA  CB   sing N N 120 
HIS CA  HA   sing N N 121 
HIS C   O    doub N N 122 
HIS C   OXT  sing N N 123 
HIS CB  CG   sing N N 124 
HIS CB  HB2  sing N N 125 
HIS CB  HB3  sing N N 126 
HIS CG  ND1  sing Y N 127 
HIS CG  CD2  doub Y N 128 
HIS ND1 CE1  doub Y N 129 
HIS ND1 HD1  sing N N 130 
HIS CD2 NE2  sing Y N 131 
HIS CD2 HD2  sing N N 132 
HIS CE1 NE2  sing Y N 133 
HIS CE1 HE1  sing N N 134 
HIS NE2 HE2  sing N N 135 
HIS OXT HXT  sing N N 136 
HOH O   H1   sing N N 137 
HOH O   H2   sing N N 138 
ILE N   CA   sing N N 139 
ILE N   H    sing N N 140 
ILE N   H2   sing N N 141 
ILE CA  C    sing N N 142 
ILE CA  CB   sing N N 143 
ILE CA  HA   sing N N 144 
ILE C   O    doub N N 145 
ILE C   OXT  sing N N 146 
ILE CB  CG1  sing N N 147 
ILE CB  CG2  sing N N 148 
ILE CB  HB   sing N N 149 
ILE CG1 CD1  sing N N 150 
ILE CG1 HG12 sing N N 151 
ILE CG1 HG13 sing N N 152 
ILE CG2 HG21 sing N N 153 
ILE CG2 HG22 sing N N 154 
ILE CG2 HG23 sing N N 155 
ILE CD1 HD11 sing N N 156 
ILE CD1 HD12 sing N N 157 
ILE CD1 HD13 sing N N 158 
ILE OXT HXT  sing N N 159 
LEU N   CA   sing N N 160 
LEU N   H    sing N N 161 
LEU N   H2   sing N N 162 
LEU CA  C    sing N N 163 
LEU CA  CB   sing N N 164 
LEU CA  HA   sing N N 165 
LEU C   O    doub N N 166 
LEU C   OXT  sing N N 167 
LEU CB  CG   sing N N 168 
LEU CB  HB2  sing N N 169 
LEU CB  HB3  sing N N 170 
LEU CG  CD1  sing N N 171 
LEU CG  CD2  sing N N 172 
LEU CG  HG   sing N N 173 
LEU CD1 HD11 sing N N 174 
LEU CD1 HD12 sing N N 175 
LEU CD1 HD13 sing N N 176 
LEU CD2 HD21 sing N N 177 
LEU CD2 HD22 sing N N 178 
LEU CD2 HD23 sing N N 179 
LEU OXT HXT  sing N N 180 
LYS N   CA   sing N N 181 
LYS N   H    sing N N 182 
LYS N   H2   sing N N 183 
LYS CA  C    sing N N 184 
LYS CA  CB   sing N N 185 
LYS CA  HA   sing N N 186 
LYS C   O    doub N N 187 
LYS C   OXT  sing N N 188 
LYS CB  CG   sing N N 189 
LYS CB  HB2  sing N N 190 
LYS CB  HB3  sing N N 191 
LYS CG  CD   sing N N 192 
LYS CG  HG2  sing N N 193 
LYS CG  HG3  sing N N 194 
LYS CD  CE   sing N N 195 
LYS CD  HD2  sing N N 196 
LYS CD  HD3  sing N N 197 
LYS CE  NZ   sing N N 198 
LYS CE  HE2  sing N N 199 
LYS CE  HE3  sing N N 200 
LYS NZ  HZ1  sing N N 201 
LYS NZ  HZ2  sing N N 202 
LYS NZ  HZ3  sing N N 203 
LYS OXT HXT  sing N N 204 
MSE N   CA   sing N N 205 
MSE N   H    sing N N 206 
MSE N   H2   sing N N 207 
MSE CA  C    sing N N 208 
MSE CA  CB   sing N N 209 
MSE CA  HA   sing N N 210 
MSE C   O    doub N N 211 
MSE C   OXT  sing N N 212 
MSE OXT HXT  sing N N 213 
MSE CB  CG   sing N N 214 
MSE CB  HB2  sing N N 215 
MSE CB  HB3  sing N N 216 
MSE CG  SE   sing N N 217 
MSE CG  HG2  sing N N 218 
MSE CG  HG3  sing N N 219 
MSE SE  CE   sing N N 220 
MSE CE  HE1  sing N N 221 
MSE CE  HE2  sing N N 222 
MSE CE  HE3  sing N N 223 
PHE N   CA   sing N N 224 
PHE N   H    sing N N 225 
PHE N   H2   sing N N 226 
PHE CA  C    sing N N 227 
PHE CA  CB   sing N N 228 
PHE CA  HA   sing N N 229 
PHE C   O    doub N N 230 
PHE C   OXT  sing N N 231 
PHE CB  CG   sing N N 232 
PHE CB  HB2  sing N N 233 
PHE CB  HB3  sing N N 234 
PHE CG  CD1  doub Y N 235 
PHE CG  CD2  sing Y N 236 
PHE CD1 CE1  sing Y N 237 
PHE CD1 HD1  sing N N 238 
PHE CD2 CE2  doub Y N 239 
PHE CD2 HD2  sing N N 240 
PHE CE1 CZ   doub Y N 241 
PHE CE1 HE1  sing N N 242 
PHE CE2 CZ   sing Y N 243 
PHE CE2 HE2  sing N N 244 
PHE CZ  HZ   sing N N 245 
PHE OXT HXT  sing N N 246 
PRO N   CA   sing N N 247 
PRO N   CD   sing N N 248 
PRO N   H    sing N N 249 
PRO CA  C    sing N N 250 
PRO CA  CB   sing N N 251 
PRO CA  HA   sing N N 252 
PRO C   O    doub N N 253 
PRO C   OXT  sing N N 254 
PRO CB  CG   sing N N 255 
PRO CB  HB2  sing N N 256 
PRO CB  HB3  sing N N 257 
PRO CG  CD   sing N N 258 
PRO CG  HG2  sing N N 259 
PRO CG  HG3  sing N N 260 
PRO CD  HD2  sing N N 261 
PRO CD  HD3  sing N N 262 
PRO OXT HXT  sing N N 263 
SER N   CA   sing N N 264 
SER N   H    sing N N 265 
SER N   H2   sing N N 266 
SER CA  C    sing N N 267 
SER CA  CB   sing N N 268 
SER CA  HA   sing N N 269 
SER C   O    doub N N 270 
SER C   OXT  sing N N 271 
SER CB  OG   sing N N 272 
SER CB  HB2  sing N N 273 
SER CB  HB3  sing N N 274 
SER OG  HG   sing N N 275 
SER OXT HXT  sing N N 276 
THR N   CA   sing N N 277 
THR N   H    sing N N 278 
THR N   H2   sing N N 279 
THR CA  C    sing N N 280 
THR CA  CB   sing N N 281 
THR CA  HA   sing N N 282 
THR C   O    doub N N 283 
THR C   OXT  sing N N 284 
THR CB  OG1  sing N N 285 
THR CB  CG2  sing N N 286 
THR CB  HB   sing N N 287 
THR OG1 HG1  sing N N 288 
THR CG2 HG21 sing N N 289 
THR CG2 HG22 sing N N 290 
THR CG2 HG23 sing N N 291 
THR OXT HXT  sing N N 292 
TRP N   CA   sing N N 293 
TRP N   H    sing N N 294 
TRP N   H2   sing N N 295 
TRP CA  C    sing N N 296 
TRP CA  CB   sing N N 297 
TRP CA  HA   sing N N 298 
TRP C   O    doub N N 299 
TRP C   OXT  sing N N 300 
TRP CB  CG   sing N N 301 
TRP CB  HB2  sing N N 302 
TRP CB  HB3  sing N N 303 
TRP CG  CD1  doub Y N 304 
TRP CG  CD2  sing Y N 305 
TRP CD1 NE1  sing Y N 306 
TRP CD1 HD1  sing N N 307 
TRP CD2 CE2  doub Y N 308 
TRP CD2 CE3  sing Y N 309 
TRP NE1 CE2  sing Y N 310 
TRP NE1 HE1  sing N N 311 
TRP CE2 CZ2  sing Y N 312 
TRP CE3 CZ3  doub Y N 313 
TRP CE3 HE3  sing N N 314 
TRP CZ2 CH2  doub Y N 315 
TRP CZ2 HZ2  sing N N 316 
TRP CZ3 CH2  sing Y N 317 
TRP CZ3 HZ3  sing N N 318 
TRP CH2 HH2  sing N N 319 
TRP OXT HXT  sing N N 320 
TYR N   CA   sing N N 321 
TYR N   H    sing N N 322 
TYR N   H2   sing N N 323 
TYR CA  C    sing N N 324 
TYR CA  CB   sing N N 325 
TYR CA  HA   sing N N 326 
TYR C   O    doub N N 327 
TYR C   OXT  sing N N 328 
TYR CB  CG   sing N N 329 
TYR CB  HB2  sing N N 330 
TYR CB  HB3  sing N N 331 
TYR CG  CD1  doub Y N 332 
TYR CG  CD2  sing Y N 333 
TYR CD1 CE1  sing Y N 334 
TYR CD1 HD1  sing N N 335 
TYR CD2 CE2  doub Y N 336 
TYR CD2 HD2  sing N N 337 
TYR CE1 CZ   doub Y N 338 
TYR CE1 HE1  sing N N 339 
TYR CE2 CZ   sing Y N 340 
TYR CE2 HE2  sing N N 341 
TYR CZ  OH   sing N N 342 
TYR OH  HH   sing N N 343 
TYR OXT HXT  sing N N 344 
VAL N   CA   sing N N 345 
VAL N   H    sing N N 346 
VAL N   H2   sing N N 347 
VAL CA  C    sing N N 348 
VAL CA  CB   sing N N 349 
VAL CA  HA   sing N N 350 
VAL C   O    doub N N 351 
VAL C   OXT  sing N N 352 
VAL CB  CG1  sing N N 353 
VAL CB  CG2  sing N N 354 
VAL CB  HB   sing N N 355 
VAL CG1 HG11 sing N N 356 
VAL CG1 HG12 sing N N 357 
VAL CG1 HG13 sing N N 358 
VAL CG2 HG21 sing N N 359 
VAL CG2 HG22 sing N N 360 
VAL CG2 HG23 sing N N 361 
VAL OXT HXT  sing N N 362 
# 
_atom_sites.entry_id                    3I7M 
_atom_sites.fract_transf_matrix[1][1]   -0.01680661 
_atom_sites.fract_transf_matrix[1][2]   0.00234163 
_atom_sites.fract_transf_matrix[1][3]   -0.00889737 
_atom_sites.fract_transf_matrix[2][1]   -0.00865833 
_atom_sites.fract_transf_matrix[2][2]   0.00345880 
_atom_sites.fract_transf_matrix[2][3]   0.01726537 
_atom_sites.fract_transf_matrix[3][1]   -0.00070347 
_atom_sites.fract_transf_matrix[3][2]   0.02044971 
_atom_sites.fract_transf_matrix[3][3]   -0.00444951 
_atom_sites.fract_transf_vector[1]      0.275804 
_atom_sites.fract_transf_vector[2]      0.052293 
_atom_sites.fract_transf_vector[3]      0.252917 
# 
loop_
_atom_type.symbol 
C  
N  
O  
SE 
# 
loop_
_atom_site.group_PDB 
_atom_site.id 
_atom_site.type_symbol 
_atom_site.label_atom_id 
_atom_site.label_alt_id 
_atom_site.label_comp_id 
_atom_site.label_asym_id 
_atom_site.label_entity_id 
_atom_site.label_seq_id 
_atom_site.pdbx_PDB_ins_code 
_atom_site.Cartn_x 
_atom_site.Cartn_y 
_atom_site.Cartn_z 
_atom_site.occupancy 
_atom_site.B_iso_or_equiv 
_atom_site.pdbx_formal_charge 
_atom_site.auth_seq_id 
_atom_site.auth_comp_id 
_atom_site.auth_asym_id 
_atom_site.auth_atom_id 
_atom_site.pdbx_PDB_model_num 
ATOM   1    N  N   . THR A 1 4   ? -5.417  -16.744 4.260   1.00 21.27 ? 2   THR A N   1 
ATOM   2    C  CA  . THR A 1 4   ? -5.579  -15.441 5.029   1.00 19.71 ? 2   THR A CA  1 
ATOM   3    C  C   . THR A 1 4   ? -6.074  -14.308 4.083   1.00 17.98 ? 2   THR A C   1 
ATOM   4    O  O   . THR A 1 4   ? -5.993  -14.425 2.894   1.00 17.61 ? 2   THR A O   1 
ATOM   5    C  CB  . THR A 1 4   ? -4.266  -14.917 5.705   1.00 21.02 ? 2   THR A CB  1 
ATOM   6    O  OG1 . THR A 1 4   ? -3.357  -14.490 4.687   1.00 21.78 ? 2   THR A OG1 1 
ATOM   7    C  CG2 . THR A 1 4   ? -3.576  -15.990 6.607   1.00 20.92 ? 2   THR A CG2 1 
ATOM   8    N  N   . LYS A 1 5   ? -6.637  -13.247 4.647   1.00 18.65 ? 3   LYS A N   1 
ATOM   9    C  CA  . LYS A 1 5   ? -7.050  -12.058 3.867   1.00 17.65 ? 3   LYS A CA  1 
ATOM   10   C  C   . LYS A 1 5   ? -5.898  -11.511 3.009   1.00 17.23 ? 3   LYS A C   1 
ATOM   11   O  O   . LYS A 1 5   ? -6.083  -11.221 1.820   1.00 14.59 ? 3   LYS A O   1 
ATOM   12   C  CB  . LYS A 1 5   ? -7.517  -10.928 4.767   1.00 18.02 ? 3   LYS A CB  1 
ATOM   13   C  CG  . LYS A 1 5   ? -8.800  -11.181 5.595   1.00 20.99 ? 3   LYS A CG  1 
ATOM   14   C  CD  . LYS A 1 5   ? -8.910  -10.110 6.684   1.00 23.01 ? 3   LYS A CD  1 
ATOM   15   C  CE  . LYS A 1 5   ? -10.084 -10.312 7.615   1.00 25.50 ? 3   LYS A CE  1 
ATOM   16   N  NZ  . LYS A 1 5   ? -10.218 -9.149  8.539   1.00 25.77 ? 3   LYS A NZ  1 
ATOM   17   N  N   . LEU A 1 6   ? -4.714  -11.425 3.624   1.00 17.18 ? 4   LEU A N   1 
ATOM   18   C  CA  . LEU A 1 6   ? -3.525  -10.993 2.887   1.00 18.23 ? 4   LEU A CA  1 
ATOM   19   C  C   . LEU A 1 6   ? -3.133  -11.936 1.797   1.00 17.53 ? 4   LEU A C   1 
ATOM   20   O  O   . LEU A 1 6   ? -2.773  -11.488 0.688   1.00 16.13 ? 4   LEU A O   1 
ATOM   21   C  CB  . LEU A 1 6   ? -2.339  -10.792 3.794   1.00 18.43 ? 4   LEU A CB  1 
ATOM   22   C  CG  . LEU A 1 6   ? -2.428  -9.430  4.432   1.00 23.77 ? 4   LEU A CG  1 
ATOM   23   C  CD1 . LEU A 1 6   ? -1.591  -9.491  5.734   1.00 27.90 ? 4   LEU A CD1 1 
ATOM   24   C  CD2 . LEU A 1 6   ? -2.055  -8.309  3.397   1.00 24.85 ? 4   LEU A CD2 1 
ATOM   25   N  N   . GLU A 1 7   ? -3.211  -13.243 2.046   1.00 16.28 ? 5   GLU A N   1 
ATOM   26   C  CA  . GLU A 1 7   ? -2.936  -14.202 0.946   1.00 16.01 ? 5   GLU A CA  1 
ATOM   27   C  C   . GLU A 1 7   ? -3.976  -14.130 -0.193  1.00 13.55 ? 5   GLU A C   1 
ATOM   28   O  O   . GLU A 1 7   ? -3.637  -14.285 -1.368  1.00 13.04 ? 5   GLU A O   1 
ATOM   29   C  CB  . GLU A 1 7   ? -2.742  -15.661 1.461   1.00 17.67 ? 5   GLU A CB  1 
ATOM   30   C  CG  . GLU A 1 7   ? -1.600  -15.784 2.456   1.00 21.37 ? 5   GLU A CG  1 
ATOM   31   C  CD  . GLU A 1 7   ? -1.574  -17.111 3.233   1.00 26.02 ? 5   GLU A CD  1 
ATOM   32   O  OE1 . GLU A 1 7   ? -2.634  -17.707 3.522   1.00 27.75 ? 5   GLU A OE1 1 
ATOM   33   O  OE2 . GLU A 1 7   ? -0.452  -17.507 3.607   1.00 32.11 ? 5   GLU A OE2 1 
ATOM   34   N  N   . GLN A 1 8   ? -5.245  -13.865 0.124   1.00 13.72 ? 6   GLN A N   1 
ATOM   35   C  CA  . GLN A 1 8   ? -6.225  -13.628 -0.885  1.00 13.99 ? 6   GLN A CA  1 
ATOM   36   C  C   . GLN A 1 8   ? -5.870  -12.434 -1.775  1.00 12.66 ? 6   GLN A C   1 
ATOM   37   O  O   . GLN A 1 8   ? -6.027  -12.510 -2.999  1.00 13.49 ? 6   GLN A O   1 
ATOM   38   C  CB  . GLN A 1 8   ? -7.614  -13.408 -0.271  1.00 13.87 ? 6   GLN A CB  1 
ATOM   39   C  CG  . GLN A 1 8   ? -8.244  -14.666 0.374   1.00 17.20 ? 6   GLN A CG  1 
ATOM   40   C  CD  . GLN A 1 8   ? -9.576  -14.326 1.046   1.00 20.33 ? 6   GLN A CD  1 
ATOM   41   O  OE1 . GLN A 1 8   ? -10.526 -13.948 0.385   1.00 22.95 ? 6   GLN A OE1 1 
ATOM   42   N  NE2 . GLN A 1 8   ? -9.641  -14.461 2.358   1.00 28.84 ? 6   GLN A NE2 1 
ATOM   43   N  N   . ILE A 1 9   ? -5.394  -11.352 -1.155  1.00 12.89 ? 7   ILE A N   1 
ATOM   44   C  CA  . ILE A 1 9   ? -4.972  -10.193 -1.966  1.00 11.75 ? 7   ILE A CA  1 
ATOM   45   C  C   . ILE A 1 9   ? -3.748  -10.479 -2.778  1.00 12.55 ? 7   ILE A C   1 
ATOM   46   O  O   . ILE A 1 9   ? -3.652  -10.047 -3.930  1.00 11.55 ? 7   ILE A O   1 
ATOM   47   C  CB  . ILE A 1 9   ? -4.784  -8.957  -1.088  1.00 11.09 ? 7   ILE A CB  1 
ATOM   48   C  CG1 . ILE A 1 9   ? -6.131  -8.585  -0.480  1.00 14.24 ? 7   ILE A CG1 1 
ATOM   49   C  CG2 . ILE A 1 9   ? -4.379  -7.718  -1.910  1.00 13.07 ? 7   ILE A CG2 1 
ATOM   50   C  CD1 . ILE A 1 9   ? -6.074  -7.675  0.703   1.00 16.05 ? 7   ILE A CD1 1 
ATOM   51   N  N   A GLN A 1 10  ? -2.806  -11.199 -2.186  0.60 12.71 ? 8   GLN A N   1 
ATOM   52   N  N   B GLN A 1 10  ? -2.812  -11.247 -2.214  0.40 12.32 ? 8   GLN A N   1 
ATOM   53   C  CA  A GLN A 1 10  ? -1.634  -11.577 -2.940  0.60 12.64 ? 8   GLN A CA  1 
ATOM   54   C  CA  B GLN A 1 10  ? -1.632  -11.678 -2.969  0.40 12.13 ? 8   GLN A CA  1 
ATOM   55   C  C   A GLN A 1 10  ? -2.013  -12.409 -4.148  0.60 12.29 ? 8   GLN A C   1 
ATOM   56   C  C   B GLN A 1 10  ? -2.046  -12.466 -4.193  0.40 11.76 ? 8   GLN A C   1 
ATOM   57   O  O   A GLN A 1 10  ? -1.503  -12.204 -5.248  0.60 11.72 ? 8   GLN A O   1 
ATOM   58   O  O   B GLN A 1 10  ? -1.582  -12.219 -5.303  0.40 11.21 ? 8   GLN A O   1 
ATOM   59   C  CB  A GLN A 1 10  ? -0.670  -12.333 -2.016  0.60 12.58 ? 8   GLN A CB  1 
ATOM   60   C  CB  B GLN A 1 10  ? -0.690  -12.522 -2.070  0.40 12.28 ? 8   GLN A CB  1 
ATOM   61   C  CG  A GLN A 1 10  ? 0.465   -12.930 -2.758  0.60 14.73 ? 8   GLN A CG  1 
ATOM   62   C  CG  B GLN A 1 10  ? -0.038  -11.737 -0.969  0.40 13.60 ? 8   GLN A CG  1 
ATOM   63   C  CD  A GLN A 1 10  ? 1.478   -13.471 -1.781  0.60 15.26 ? 8   GLN A CD  1 
ATOM   64   C  CD  B GLN A 1 10  ? 0.679   -12.582 0.072   0.40 14.48 ? 8   GLN A CD  1 
ATOM   65   O  OE1 A GLN A 1 10  ? 1.281   -14.541 -1.199  0.60 19.33 ? 8   GLN A OE1 1 
ATOM   66   O  OE1 B GLN A 1 10  ? 0.512   -13.802 0.152   0.40 18.22 ? 8   GLN A OE1 1 
ATOM   67   N  NE2 A GLN A 1 10  ? 2.537   -12.702 -1.537  0.60 17.20 ? 8   GLN A NE2 1 
ATOM   68   N  NE2 B GLN A 1 10  ? 1.463   -11.914 0.905   0.40 17.47 ? 8   GLN A NE2 1 
ATOM   69   N  N   A GLN A 1 11  ? -2.945  -13.331 -3.938  0.60 13.00 ? 9   GLN A N   1 
ATOM   70   N  N   B GLN A 1 11  ? -2.950  -13.410 -3.997  0.40 12.18 ? 9   GLN A N   1 
ATOM   71   C  CA  A GLN A 1 11  ? -3.371  -14.200 -5.024  0.60 13.09 ? 9   GLN A CA  1 
ATOM   72   C  CA  B GLN A 1 11  ? -3.347  -14.237 -5.117  0.40 12.09 ? 9   GLN A CA  1 
ATOM   73   C  C   A GLN A 1 11  ? -4.023  -13.403 -6.164  0.60 11.94 ? 9   GLN A C   1 
ATOM   74   C  C   B GLN A 1 11  ? -4.045  -13.412 -6.198  0.40 11.45 ? 9   GLN A C   1 
ATOM   75   O  O   A GLN A 1 11  ? -3.779  -13.622 -7.363  0.60 13.07 ? 9   GLN A O   1 
ATOM   76   O  O   B GLN A 1 11  ? -3.834  -13.614 -7.403  0.40 12.11 ? 9   GLN A O   1 
ATOM   77   C  CB  A GLN A 1 11  ? -4.323  -15.284 -4.477  0.60 13.33 ? 9   GLN A CB  1 
ATOM   78   C  CB  B GLN A 1 11  ? -4.200  -15.428 -4.643  0.40 12.03 ? 9   GLN A CB  1 
ATOM   79   C  CG  A GLN A 1 11  ? -4.823  -16.248 -5.518  0.60 17.37 ? 9   GLN A CG  1 
ATOM   80   C  CG  B GLN A 1 11  ? -3.371  -16.479 -3.927  0.40 13.53 ? 9   GLN A CG  1 
ATOM   81   C  CD  A GLN A 1 11  ? -5.939  -17.124 -4.996  0.60 21.08 ? 9   GLN A CD  1 
ATOM   82   C  CD  B GLN A 1 11  ? -4.117  -17.765 -3.745  0.40 17.17 ? 9   GLN A CD  1 
ATOM   83   O  OE1 A GLN A 1 11  ? -7.133  -16.813 -5.158  0.60 23.64 ? 9   GLN A OE1 1 
ATOM   84   O  OE1 B GLN A 1 11  ? -3.564  -18.737 -3.260  0.40 21.51 ? 9   GLN A OE1 1 
ATOM   85   N  NE2 A GLN A 1 11  ? -5.565  -18.235 -4.371  0.60 24.23 ? 9   GLN A NE2 1 
ATOM   86   N  NE2 B GLN A 1 11  ? -5.378  -17.784 -4.149  0.40 20.36 ? 9   GLN A NE2 1 
ATOM   87   N  N   . TRP A 1 12  ? -4.870  -12.460 -5.772  1.00 10.91 ? 10  TRP A N   1 
ATOM   88   C  CA  . TRP A 1 12  ? -5.569  -11.586 -6.718  1.00 10.83 ? 10  TRP A CA  1 
ATOM   89   C  C   . TRP A 1 12  ? -4.543  -10.814 -7.533  1.00 11.42 ? 10  TRP A C   1 
ATOM   90   O  O   . TRP A 1 12  ? -4.657  -10.686 -8.740  1.00 10.13 ? 10  TRP A O   1 
ATOM   91   C  CB  . TRP A 1 12  ? -6.552  -10.646 -5.973  1.00 11.57 ? 10  TRP A CB  1 
ATOM   92   C  CG  . TRP A 1 12  ? -7.336  -9.742  -6.856  1.00 11.34 ? 10  TRP A CG  1 
ATOM   93   C  CD1 . TRP A 1 12  ? -8.589  -9.931  -7.326  1.00 11.85 ? 10  TRP A CD1 1 
ATOM   94   C  CD2 . TRP A 1 12  ? -6.899  -8.459  -7.424  1.00 9.42  ? 10  TRP A CD2 1 
ATOM   95   N  NE1 . TRP A 1 12  ? -8.981  -8.857  -8.100  1.00 12.00 ? 10  TRP A NE1 1 
ATOM   96   C  CE2 . TRP A 1 12  ? -7.953  -7.959  -8.192  1.00 11.10 ? 10  TRP A CE2 1 
ATOM   97   C  CE3 . TRP A 1 12  ? -5.741  -7.686  -7.292  1.00 11.01 ? 10  TRP A CE3 1 
ATOM   98   C  CZ2 . TRP A 1 12  ? -7.871  -6.744  -8.871  1.00 10.98 ? 10  TRP A CZ2 1 
ATOM   99   C  CZ3 . TRP A 1 12  ? -5.641  -6.526  -7.985  1.00 11.38 ? 10  TRP A CZ3 1 
ATOM   100  C  CH2 . TRP A 1 12  ? -6.696  -6.052  -8.788  1.00 11.83 ? 10  TRP A CH2 1 
ATOM   101  N  N   . THR A 1 13  ? -3.549  -10.289 -6.810  1.00 11.35 ? 11  THR A N   1 
ATOM   102  C  CA  . THR A 1 13  ? -2.474  -9.515  -7.443  1.00 11.26 ? 11  THR A CA  1 
ATOM   103  C  C   . THR A 1 13  ? -1.757  -10.375 -8.520  1.00 10.86 ? 11  THR A C   1 
ATOM   104  O  O   . THR A 1 13  ? -1.541  -9.954  -9.622  1.00 11.83 ? 11  THR A O   1 
ATOM   105  C  CB  . THR A 1 13  ? -1.522  -9.054  -6.378  1.00 11.48 ? 11  THR A CB  1 
ATOM   106  O  OG1 . THR A 1 13  ? -2.268  -8.287  -5.396  1.00 11.82 ? 11  THR A OG1 1 
ATOM   107  C  CG2 . THR A 1 13  ? -0.424  -8.189  -6.927  1.00 13.70 ? 11  THR A CG2 1 
ATOM   108  N  N   . ALA A 1 14  ? -1.393  -11.588 -8.148  1.00 11.48 ? 12  ALA A N   1 
ATOM   109  C  CA  . ALA A 1 14  ? -0.741  -12.504 -9.098  1.00 11.63 ? 12  ALA A CA  1 
ATOM   110  C  C   . ALA A 1 14  ? -1.630  -12.895 -10.265 1.00 10.89 ? 12  ALA A C   1 
ATOM   111  O  O   . ALA A 1 14  ? -1.215  -12.848 -11.438 1.00 11.22 ? 12  ALA A O   1 
ATOM   112  C  CB  . ALA A 1 14  ? -0.258  -13.755 -8.285  1.00 11.41 ? 12  ALA A CB  1 
ATOM   113  N  N   . GLN A 1 15  ? -2.894  -13.169 -9.988  1.00 11.62 ? 13  GLN A N   1 
ATOM   114  C  CA  . GLN A 1 15  ? -3.848  -13.491 -11.032 1.00 12.34 ? 13  GLN A CA  1 
ATOM   115  C  C   . GLN A 1 15  ? -4.107  -12.384 -12.037 1.00 13.94 ? 13  GLN A C   1 
ATOM   116  O  O   . GLN A 1 15  ? -4.436  -12.654 -13.182 1.00 15.83 ? 13  GLN A O   1 
ATOM   117  C  CB  . GLN A 1 15  ? -5.178  -13.925 -10.403 1.00 12.01 ? 13  GLN A CB  1 
ATOM   118  C  CG  . GLN A 1 15  ? -5.077  -15.250 -9.676  1.00 14.98 ? 13  GLN A CG  1 
ATOM   119  C  CD  . GLN A 1 15  ? -6.346  -15.562 -8.891  1.00 22.08 ? 13  GLN A CD  1 
ATOM   120  O  OE1 . GLN A 1 15  ? -7.285  -14.747 -8.853  1.00 25.65 ? 13  GLN A OE1 1 
ATOM   121  N  NE2 . GLN A 1 15  ? -6.380  -16.716 -8.247  1.00 21.63 ? 13  GLN A NE2 1 
ATOM   122  N  N   . HIS A 1 16  ? -3.921  -11.137 -11.616 1.00 12.90 ? 14  HIS A N   1 
ATOM   123  C  CA  . HIS A 1 16  ? -4.045  -9.976  -12.470 1.00 13.39 ? 14  HIS A CA  1 
ATOM   124  C  C   . HIS A 1 16  ? -2.726  -9.503  -13.048 1.00 12.76 ? 14  HIS A C   1 
ATOM   125  O  O   . HIS A 1 16  ? -2.666  -8.451  -13.676 1.00 13.52 ? 14  HIS A O   1 
ATOM   126  C  CB  . HIS A 1 16  ? -4.720  -8.872  -11.650 1.00 13.25 ? 14  HIS A CB  1 
ATOM   127  C  CG  . HIS A 1 16  ? -6.184  -9.097  -11.474 1.00 13.77 ? 14  HIS A CG  1 
ATOM   128  N  ND1 . HIS A 1 16  ? -6.686  -10.008 -10.597 1.00 14.26 ? 14  HIS A ND1 1 
ATOM   129  C  CD2 . HIS A 1 16  ? -7.258  -8.592  -12.137 1.00 14.93 ? 14  HIS A CD2 1 
ATOM   130  C  CE1 . HIS A 1 16  ? -8.000  -10.058 -10.692 1.00 14.49 ? 14  HIS A CE1 1 
ATOM   131  N  NE2 . HIS A 1 16  ? -8.376  -9.174  -11.597 1.00 14.66 ? 14  HIS A NE2 1 
ATOM   132  N  N   . HIS A 1 17  ? -1.667  -10.264 -12.836 1.00 13.98 ? 15  HIS A N   1 
ATOM   133  C  CA  A HIS A 1 17  ? -0.385  -9.993  -13.451 0.60 14.54 ? 15  HIS A CA  1 
ATOM   134  C  CA  B HIS A 1 17  ? -0.314  -9.991  -13.388 0.40 14.60 ? 15  HIS A CA  1 
ATOM   135  C  C   . HIS A 1 17  ? 0.119   -8.606  -12.992 1.00 14.67 ? 15  HIS A C   1 
ATOM   136  O  O   . HIS A 1 17  ? 0.767   -7.872  -13.761 1.00 16.24 ? 15  HIS A O   1 
ATOM   137  C  CB  A HIS A 1 17  ? -0.539  -10.148 -14.989 0.60 15.03 ? 15  HIS A CB  1 
ATOM   138  C  CB  B HIS A 1 17  ? -0.246  -10.167 -14.916 0.40 15.21 ? 15  HIS A CB  1 
ATOM   139  C  CG  A HIS A 1 17  ? -1.425  -11.310 -15.401 0.60 17.34 ? 15  HIS A CG  1 
ATOM   140  C  CG  B HIS A 1 17  ? 1.150   -10.230 -15.480 0.40 17.35 ? 15  HIS A CG  1 
ATOM   141  N  ND1 A HIS A 1 17  ? -2.626  -11.146 -16.066 0.60 20.67 ? 15  HIS A ND1 1 
ATOM   142  N  ND1 B HIS A 1 17  ? 2.125   -11.077 -14.997 0.40 22.75 ? 15  HIS A ND1 1 
ATOM   143  C  CD2 A HIS A 1 17  ? -1.308  -12.638 -15.175 0.60 17.43 ? 15  HIS A CD2 1 
ATOM   144  C  CD2 B HIS A 1 17  ? 1.714   -9.575  -16.526 0.40 20.52 ? 15  HIS A CD2 1 
ATOM   145  C  CE1 A HIS A 1 17  ? -3.194  -12.323 -16.257 0.60 21.62 ? 15  HIS A CE1 1 
ATOM   146  C  CE1 B HIS A 1 17  ? 3.233   -10.924 -15.704 0.40 21.94 ? 15  HIS A CE1 1 
ATOM   147  N  NE2 A HIS A 1 17  ? -2.401  -13.251 -15.751 0.60 21.07 ? 15  HIS A NE2 1 
ATOM   148  N  NE2 B HIS A 1 17  ? 3.011   -10.016 -16.635 0.40 22.28 ? 15  HIS A NE2 1 
ATOM   149  N  N   . ALA A 1 18  ? -0.206  -8.253  -11.761 1.00 13.21 ? 16  ALA A N   1 
ATOM   150  C  CA  . ALA A 1 18  ? 0.219   -6.989  -11.168 1.00 12.42 ? 16  ALA A CA  1 
ATOM   151  C  C   . ALA A 1 18  ? 1.557   -7.171  -10.467 1.00 12.30 ? 16  ALA A C   1 
ATOM   152  O  O   . ALA A 1 18  ? 1.779   -8.157  -9.729  1.00 13.48 ? 16  ALA A O   1 
ATOM   153  C  CB  . ALA A 1 18  ? -0.798  -6.512  -10.149 1.00 14.61 ? 16  ALA A CB  1 
ATOM   154  N  N   . SER A 1 19  ? 2.436   -6.194  -10.611 1.00 11.24 ? 17  SER A N   1 
ATOM   155  C  CA  . SER A 1 19  ? 3.643   -6.173  -9.868  1.00 11.48 ? 17  SER A CA  1 
ATOM   156  C  C   . SER A 1 19  ? 3.454   -5.953  -8.377  1.00 11.74 ? 17  SER A C   1 
ATOM   157  O  O   . SER A 1 19  ? 4.291   -6.371  -7.543  1.00 12.27 ? 17  SER A O   1 
ATOM   158  C  CB  . SER A 1 19  ? 4.584   -5.079  -10.361 1.00 12.78 ? 17  SER A CB  1 
ATOM   159  O  OG  . SER A 1 19  ? 4.959   -5.282  -11.739 1.00 13.67 ? 17  SER A OG  1 
HETATM 160  N  N   . MSE A 1 20  ? 2.408   -5.205  -8.066  1.00 10.02 ? 18  MSE A N   1 
HETATM 161  C  CA  . MSE A 1 20  ? 2.093   -4.916  -6.662  1.00 10.56 ? 18  MSE A CA  1 
HETATM 162  C  C   . MSE A 1 20  ? 0.711   -4.324  -6.634  1.00 9.00  ? 18  MSE A C   1 
HETATM 163  O  O   . MSE A 1 20  ? 0.178   -3.845  -7.633  1.00 10.43 ? 18  MSE A O   1 
HETATM 164  C  CB  . MSE A 1 20  ? 3.060   -4.008  -5.982  1.00 12.94 ? 18  MSE A CB  1 
HETATM 165  C  CG  . MSE A 1 20  ? 3.084   -2.659  -6.626  1.00 14.23 ? 18  MSE A CG  1 
HETATM 166  SE SE  . MSE A 1 20  ? 4.505   -1.560  -5.926  0.60 19.54 ? 18  MSE A SE  1 
HETATM 167  C  CE  . MSE A 1 20  ? 3.995   0.054   -6.606  1.00 19.09 ? 18  MSE A CE  1 
ATOM   168  N  N   . THR A 1 21  ? 0.124   -4.383  -5.437  1.00 8.98  ? 19  THR A N   1 
ATOM   169  C  CA  . THR A 1 21  ? -1.121  -3.708  -5.095  1.00 8.88  ? 19  THR A CA  1 
ATOM   170  C  C   . THR A 1 21  ? -0.820  -2.676  -4.020  1.00 9.16  ? 19  THR A C   1 
ATOM   171  O  O   . THR A 1 21  ? -0.215  -3.041  -2.996  1.00 9.82  ? 19  THR A O   1 
ATOM   172  C  CB  . THR A 1 21  ? -2.110  -4.730  -4.652  1.00 9.81  ? 19  THR A CB  1 
ATOM   173  O  OG1 . THR A 1 21  ? -2.507  -5.497  -5.806  1.00 10.28 ? 19  THR A OG1 1 
ATOM   174  C  CG2 . THR A 1 21  ? -3.343  -4.091  -4.075  1.00 11.42 ? 19  THR A CG2 1 
ATOM   175  N  N   . TYR A 1 22  ? -1.286  -1.445  -4.227  1.00 8.60  ? 20  TYR A N   1 
ATOM   176  C  CA  . TYR A 1 22  ? -1.071  -0.337  -3.277  1.00 8.45  ? 20  TYR A CA  1 
ATOM   177  C  C   . TYR A 1 22  ? -2.405  -0.034  -2.665  1.00 7.30  ? 20  TYR A C   1 
ATOM   178  O  O   . TYR A 1 22  ? -3.301  0.489   -3.368  1.00 8.40  ? 20  TYR A O   1 
ATOM   179  C  CB  . TYR A 1 22  ? -0.492  0.841   -4.051  1.00 7.91  ? 20  TYR A CB  1 
ATOM   180  C  CG  . TYR A 1 22  ? -0.254  2.046   -3.171  1.00 8.07  ? 20  TYR A CG  1 
ATOM   181  C  CD1 . TYR A 1 22  ? 0.979   2.223   -2.563  1.00 10.38 ? 20  TYR A CD1 1 
ATOM   182  C  CD2 . TYR A 1 22  ? -1.172  3.046   -3.079  1.00 8.16  ? 20  TYR A CD2 1 
ATOM   183  C  CE1 . TYR A 1 22  ? 1.186   3.315   -1.732  1.00 9.81  ? 20  TYR A CE1 1 
ATOM   184  C  CE2 . TYR A 1 22  ? -0.956  4.174   -2.232  1.00 8.67  ? 20  TYR A CE2 1 
ATOM   185  C  CZ  . TYR A 1 22  ? 0.246   4.271   -1.632  1.00 7.96  ? 20  TYR A CZ  1 
ATOM   186  O  OH  . TYR A 1 22  ? 0.461   5.362   -0.771  1.00 12.57 ? 20  TYR A OH  1 
ATOM   187  N  N   . LEU A 1 23  ? -2.609  -0.354  -1.382  1.00 8.64  ? 21  LEU A N   1 
ATOM   188  C  CA  . LEU A 1 23  ? -3.876  -0.116  -0.645  1.00 8.23  ? 21  LEU A CA  1 
ATOM   189  C  C   . LEU A 1 23  ? -3.730  1.168   0.170   1.00 8.00  ? 21  LEU A C   1 
ATOM   190  O  O   . LEU A 1 23  ? -2.713  1.334   0.900   1.00 10.03 ? 21  LEU A O   1 
ATOM   191  C  CB  . LEU A 1 23  ? -4.141  -1.284  0.251   1.00 9.61  ? 21  LEU A CB  1 
ATOM   192  C  CG  . LEU A 1 23  ? -4.360  -2.599  -0.491  1.00 8.71  ? 21  LEU A CG  1 
ATOM   193  C  CD1 . LEU A 1 23  ? -4.569  -3.687  0.575   1.00 12.16 ? 21  LEU A CD1 1 
ATOM   194  C  CD2 . LEU A 1 23  ? -5.469  -2.579  -1.524  1.00 8.93  ? 21  LEU A CD2 1 
ATOM   195  N  N   . SER A 1 24  ? -4.696  2.050   -0.027  1.00 7.37  ? 22  SER A N   1 
ATOM   196  C  CA  . SER A 1 24  ? -4.708  3.389   0.605   1.00 8.50  ? 22  SER A CA  1 
ATOM   197  C  C   . SER A 1 24  ? -5.967  3.685   1.380   1.00 8.73  ? 22  SER A C   1 
ATOM   198  O  O   . SER A 1 24  ? -6.016  4.751   2.047   1.00 9.55  ? 22  SER A O   1 
ATOM   199  C  CB  . SER A 1 24  ? -4.526  4.439   -0.506  1.00 9.29  ? 22  SER A CB  1 
ATOM   200  O  OG  . SER A 1 24  ? -5.549  4.299   -1.504  1.00 8.62  ? 22  SER A OG  1 
ATOM   201  N  N   . ASN A 1 25  ? -7.032  2.903   1.219   1.00 8.86  ? 23  ASN A N   1 
ATOM   202  C  CA  . ASN A 1 25  ? -8.308  3.208   1.858   1.00 9.55  ? 23  ASN A CA  1 
ATOM   203  C  C   . ASN A 1 25  ? -8.183  2.868   3.344   1.00 10.32 ? 23  ASN A C   1 
ATOM   204  O  O   . ASN A 1 25  ? -7.943  1.730   3.644   1.00 10.43 ? 23  ASN A O   1 
ATOM   205  C  CB  . ASN A 1 25  ? -9.440  2.442   1.149   1.00 9.47  ? 23  ASN A CB  1 
ATOM   206  C  CG  . ASN A 1 25  ? -10.803 2.762   1.646   1.00 9.48  ? 23  ASN A CG  1 
ATOM   207  O  OD1 . ASN A 1 25  ? -10.986 3.430   2.690   1.00 12.40 ? 23  ASN A OD1 1 
ATOM   208  N  ND2 . ASN A 1 25  ? -11.782 2.344   0.897   1.00 12.06 ? 23  ASN A ND2 1 
ATOM   209  N  N   . PRO A 1 26  ? -8.357  3.869   4.235   1.00 10.89 ? 24  PRO A N   1 
ATOM   210  C  CA  . PRO A 1 26  ? -8.195  3.518   5.655   1.00 11.32 ? 24  PRO A CA  1 
ATOM   211  C  C   . PRO A 1 26  ? -9.166  2.393   6.072   1.00 11.72 ? 24  PRO A C   1 
ATOM   212  O  O   . PRO A 1 26  ? -8.835  1.631   6.971   1.00 12.57 ? 24  PRO A O   1 
ATOM   213  C  CB  . PRO A 1 26  ? -8.525  4.799   6.392   1.00 13.45 ? 24  PRO A CB  1 
ATOM   214  C  CG  . PRO A 1 26  ? -8.406  5.910   5.377   1.00 14.57 ? 24  PRO A CG  1 
ATOM   215  C  CD  . PRO A 1 26  ? -8.597  5.306   4.018   1.00 11.12 ? 24  PRO A CD  1 
ATOM   216  N  N   . LYS A 1 27  ? -10.336 2.320   5.472   1.00 11.56 ? 25  LYS A N   1 
ATOM   217  C  CA  . LYS A 1 27  ? -11.302 1.215   5.798   1.00 11.00 ? 25  LYS A CA  1 
ATOM   218  C  C   . LYS A 1 27  ? -10.740 -0.119  5.391   1.00 11.97 ? 25  LYS A C   1 
ATOM   219  O  O   . LYS A 1 27  ? -10.921 -1.125  6.076   1.00 11.69 ? 25  LYS A O   1 
ATOM   220  C  CB  . LYS A 1 27  ? -12.628 1.447   5.126   1.00 13.18 ? 25  LYS A CB  1 
ATOM   221  C  CG  . LYS A 1 27  ? -13.411 2.701   5.599   1.00 20.49 ? 25  LYS A CG  1 
ATOM   222  C  CD  . LYS A 1 27  ? -14.081 2.537   6.978   1.00 25.77 ? 25  LYS A CD  1 
ATOM   223  C  CE  . LYS A 1 27  ? -14.692 3.875   7.478   1.00 28.73 ? 25  LYS A CE  1 
ATOM   224  N  NZ  . LYS A 1 27  ? -15.227 3.842   8.910   1.00 30.45 ? 25  LYS A NZ  1 
ATOM   225  N  N   . THR A 1 28  ? -10.035 -0.190  4.253   1.00 10.24 ? 26  THR A N   1 
ATOM   226  C  CA  . THR A 1 28  ? -9.409  -1.429  3.852   1.00 10.16 ? 26  THR A CA  1 
ATOM   227  C  C   . THR A 1 28  ? -8.272  -1.797  4.794   1.00 11.64 ? 26  THR A C   1 
ATOM   228  O  O   . THR A 1 28  ? -8.136  -2.955  5.197   1.00 11.39 ? 26  THR A O   1 
ATOM   229  C  CB  . THR A 1 28  ? -8.852  -1.280  2.426   1.00 10.39 ? 26  THR A CB  1 
ATOM   230  O  OG1 . THR A 1 28  ? -9.939  -0.896  1.612   1.00 11.82 ? 26  THR A OG1 1 
ATOM   231  C  CG2 . THR A 1 28  ? -8.245  -2.594  1.940   1.00 11.69 ? 26  THR A CG2 1 
ATOM   232  N  N   . ILE A 1 29  ? -7.433  -0.833  5.170   1.00 11.15 ? 27  ILE A N   1 
ATOM   233  C  CA  . ILE A 1 29  ? -6.337  -1.098  6.077   1.00 11.62 ? 27  ILE A CA  1 
ATOM   234  C  C   . ILE A 1 29  ? -6.862  -1.571  7.446   1.00 12.89 ? 27  ILE A C   1 
ATOM   235  O  O   . ILE A 1 29  ? -6.309  -2.530  7.983   1.00 13.64 ? 27  ILE A O   1 
ATOM   236  C  CB  . ILE A 1 29  ? -5.370  0.122   6.134   1.00 13.73 ? 27  ILE A CB  1 
ATOM   237  C  CG1 . ILE A 1 29  ? -4.703  0.244   4.757   1.00 16.17 ? 27  ILE A CG1 1 
ATOM   238  C  CG2 . ILE A 1 29  ? -4.320  -0.016  7.269   1.00 15.95 ? 27  ILE A CG2 1 
ATOM   239  C  CD1 . ILE A 1 29  ? -3.869  1.514   4.582   1.00 18.73 ? 27  ILE A CD1 1 
ATOM   240  N  N   . GLU A 1 30  ? -7.940  -0.962  7.883   1.00 13.03 ? 28  GLU A N   1 
ATOM   241  C  CA  . GLU A 1 30  ? -8.558  -1.401  9.170   1.00 12.47 ? 28  GLU A CA  1 
ATOM   242  C  C   . GLU A 1 30  ? -9.068  -2.819  9.019   1.00 12.16 ? 28  GLU A C   1 
ATOM   243  O  O   . GLU A 1 30  ? -8.922  -3.644  9.944   1.00 13.28 ? 28  GLU A O   1 
ATOM   244  C  CB  . GLU A 1 30  ? -9.679  -0.471  9.594   1.00 13.06 ? 28  GLU A CB  1 
ATOM   245  C  CG  . GLU A 1 30  ? -10.225 -0.832  10.994  1.00 14.47 ? 28  GLU A CG  1 
ATOM   246  C  CD  . GLU A 1 30  ? -11.212 0.159   11.538  1.00 22.88 ? 28  GLU A CD  1 
ATOM   247  O  OE1 . GLU A 1 30  ? -11.633 1.103   10.829  1.00 27.92 ? 28  GLU A OE1 1 
ATOM   248  O  OE2 . GLU A 1 30  ? -11.619 -0.045  12.713  1.00 27.58 ? 28  GLU A OE2 1 
ATOM   249  N  N   . TYR A 1 31  ? -9.720  -3.108  7.923   1.00 12.13 ? 29  TYR A N   1 
ATOM   250  C  CA  A TYR A 1 31  ? -10.249 -4.471  7.693   0.60 12.43 ? 29  TYR A CA  1 
ATOM   251  C  CA  B TYR A 1 31  ? -10.239 -4.470  7.679   0.40 13.31 ? 29  TYR A CA  1 
ATOM   252  C  C   . TYR A 1 31  ? -9.128  -5.515  7.717   1.00 13.83 ? 29  TYR A C   1 
ATOM   253  O  O   . TYR A 1 31  ? -9.309  -6.653  8.231   1.00 14.22 ? 29  TYR A O   1 
ATOM   254  C  CB  A TYR A 1 31  ? -11.032 -4.478  6.369   0.60 12.73 ? 29  TYR A CB  1 
ATOM   255  C  CB  B TYR A 1 31  ? -10.972 -4.520  6.332   0.40 13.85 ? 29  TYR A CB  1 
ATOM   256  C  CG  A TYR A 1 31  ? -11.659 -5.839  6.012   0.60 11.41 ? 29  TYR A CG  1 
ATOM   257  C  CG  B TYR A 1 31  ? -11.164 -5.941  5.802   0.40 15.73 ? 29  TYR A CG  1 
ATOM   258  C  CD1 A TYR A 1 31  ? -12.751 -6.332  6.723   0.60 12.54 ? 29  TYR A CD1 1 
ATOM   259  C  CD1 B TYR A 1 31  ? -10.477 -6.379  4.674   0.40 18.29 ? 29  TYR A CD1 1 
ATOM   260  C  CD2 A TYR A 1 31  ? -11.114 -6.632  5.002   0.60 12.46 ? 29  TYR A CD2 1 
ATOM   261  C  CD2 B TYR A 1 31  ? -11.982 -6.851  6.459   0.40 17.18 ? 29  TYR A CD2 1 
ATOM   262  C  CE1 A TYR A 1 31  ? -13.293 -7.601  6.425   0.60 15.38 ? 29  TYR A CE1 1 
ATOM   263  C  CE1 B TYR A 1 31  ? -10.620 -7.658  4.202   0.40 17.50 ? 29  TYR A CE1 1 
ATOM   264  C  CE2 A TYR A 1 31  ? -11.644 -7.855  4.683   0.60 15.93 ? 29  TYR A CE2 1 
ATOM   265  C  CE2 B TYR A 1 31  ? -12.127 -8.151  5.991   0.40 17.44 ? 29  TYR A CE2 1 
ATOM   266  C  CZ  A TYR A 1 31  ? -12.727 -8.341  5.379   0.60 15.79 ? 29  TYR A CZ  1 
ATOM   267  C  CZ  B TYR A 1 31  ? -11.440 -8.545  4.867   0.40 18.09 ? 29  TYR A CZ  1 
ATOM   268  O  OH  A TYR A 1 31  ? -13.205 -9.589  4.980   0.60 20.85 ? 29  TYR A OH  1 
ATOM   269  O  OH  B TYR A 1 31  ? -11.572 -9.821  4.349   0.40 17.65 ? 29  TYR A OH  1 
ATOM   270  N  N   . LEU A 1 32  ? -7.969  -5.183  7.198   1.00 14.77 ? 30  LEU A N   1 
ATOM   271  C  CA  . LEU A 1 32  ? -6.865  -6.139  7.080   1.00 16.92 ? 30  LEU A CA  1 
ATOM   272  C  C   . LEU A 1 32  ? -5.983  -6.213  8.330   1.00 18.60 ? 30  LEU A C   1 
ATOM   273  O  O   . LEU A 1 32  ? -5.338  -7.252  8.603   1.00 21.39 ? 30  LEU A O   1 
ATOM   274  C  CB  . LEU A 1 32  ? -5.997  -5.800  5.876   1.00 17.42 ? 30  LEU A CB  1 
ATOM   275  C  CG  . LEU A 1 32  ? -6.661  -5.961  4.548   1.00 17.71 ? 30  LEU A CG  1 
ATOM   276  C  CD1 . LEU A 1 32  ? -5.717  -5.361  3.485   1.00 18.81 ? 30  LEU A CD1 1 
ATOM   277  C  CD2 . LEU A 1 32  ? -6.973  -7.431  4.259   1.00 20.85 ? 30  LEU A CD2 1 
ATOM   278  N  N   . THR A 1 33  ? -5.978  -5.153  9.113   1.00 17.69 ? 31  THR A N   1 
ATOM   279  C  CA  . THR A 1 33  ? -5.066  -5.074  10.278  1.00 17.98 ? 31  THR A CA  1 
ATOM   280  C  C   . THR A 1 33  ? -5.719  -4.755  11.628  1.00 18.03 ? 31  THR A C   1 
ATOM   281  O  O   . THR A 1 33  ? -5.101  -4.931  12.683  1.00 20.48 ? 31  THR A O   1 
ATOM   282  C  CB  . THR A 1 33  ? -3.994  -3.999  10.035  1.00 19.10 ? 31  THR A CB  1 
ATOM   283  O  OG1 . THR A 1 33  ? -4.622  -2.739  10.162  1.00 17.03 ? 31  THR A OG1 1 
ATOM   284  C  CG2 . THR A 1 33  ? -3.347  -4.213  8.701   1.00 20.20 ? 31  THR A CG2 1 
ATOM   285  N  N   . GLY A 1 34  ? -6.940  -4.234  11.659  1.00 17.13 ? 32  GLY A N   1 
ATOM   286  C  CA  . GLY A 1 34  ? -7.477  -3.680  12.902  1.00 16.41 ? 32  GLY A CA  1 
ATOM   287  C  C   . GLY A 1 34  ? -7.034  -2.279  13.288  1.00 16.79 ? 32  GLY A C   1 
ATOM   288  O  O   . GLY A 1 34  ? -7.584  -1.709  14.236  1.00 18.34 ? 32  GLY A O   1 
ATOM   289  N  N   . PHE A 1 35  ? -6.169  -1.679  12.435  1.00 16.14 ? 33  PHE A N   1 
ATOM   290  C  CA  . PHE A 1 35  ? -5.700  -0.327  12.708  1.00 17.31 ? 33  PHE A CA  1 
ATOM   291  C  C   . PHE A 1 35  ? -6.720  0.629   12.134  1.00 17.57 ? 33  PHE A C   1 
ATOM   292  O  O   . PHE A 1 35  ? -6.920  0.657   10.894  1.00 16.00 ? 33  PHE A O   1 
ATOM   293  C  CB  . PHE A 1 35  ? -4.341  -0.099  12.077  1.00 17.02 ? 33  PHE A CB  1 
ATOM   294  C  CG  . PHE A 1 35  ? -3.840  1.307   12.239  1.00 19.27 ? 33  PHE A CG  1 
ATOM   295  C  CD1 . PHE A 1 35  ? -3.406  1.787   13.470  1.00 19.75 ? 33  PHE A CD1 1 
ATOM   296  C  CD2 . PHE A 1 35  ? -3.839  2.185   11.146  1.00 19.99 ? 33  PHE A CD2 1 
ATOM   297  C  CE1 . PHE A 1 35  ? -2.959  3.074   13.614  1.00 20.65 ? 33  PHE A CE1 1 
ATOM   298  C  CE2 . PHE A 1 35  ? -3.411  3.466   11.300  1.00 19.52 ? 33  PHE A CE2 1 
ATOM   299  C  CZ  . PHE A 1 35  ? -2.949  3.920   12.526  1.00 21.46 ? 33  PHE A CZ  1 
ATOM   300  N  N   A GLY A 1 36  ? -7.371  1.378   12.997  0.80 18.93 ? 34  GLY A N   1 
ATOM   301  C  CA  A GLY A 1 36  ? -8.528  2.128   12.594  0.80 19.98 ? 34  GLY A CA  1 
ATOM   302  C  C   A GLY A 1 36  ? -8.092  3.543   12.361  0.80 21.04 ? 34  GLY A C   1 
ATOM   303  O  O   A GLY A 1 36  ? -7.304  4.089   13.136  0.80 21.88 ? 34  GLY A O   1 
ATOM   304  N  N   A SER A 1 37  ? -8.560  4.124   11.251  0.80 22.50 ? 35  SER A N   1 
ATOM   305  C  CA  A SER A 1 37  ? -8.233  5.525   10.970  0.80 22.75 ? 35  SER A CA  1 
ATOM   306  C  C   A SER A 1 37  ? -9.183  6.238   10.012  0.80 23.61 ? 35  SER A C   1 
ATOM   307  O  O   A SER A 1 37  ? -10.097 5.674   9.431   0.80 22.00 ? 35  SER A O   1 
ATOM   308  C  CB  A SER A 1 37  ? -6.786  5.643   10.461  0.80 21.95 ? 35  SER A CB  1 
ATOM   309  O  OG  A SER A 1 37  ? -6.677  5.168   9.128   0.80 18.92 ? 35  SER A OG  1 
ATOM   310  N  N   A ASP A 1 38  ? -8.952  7.535   9.911   0.80 26.29 ? 36  ASP A N   1 
ATOM   311  C  CA  A ASP A 1 38  ? -9.816  8.452   9.191   0.80 27.22 ? 36  ASP A CA  1 
ATOM   312  C  C   A ASP A 1 38  ? -8.918  9.054   8.125   0.80 26.41 ? 36  ASP A C   1 
ATOM   313  O  O   A ASP A 1 38  ? -7.698  8.952   8.250   0.80 25.70 ? 36  ASP A O   1 
ATOM   314  C  CB  A ASP A 1 38  ? -10.303 9.539   10.143  0.80 27.93 ? 36  ASP A CB  1 
ATOM   315  C  CG  A ASP A 1 38  ? -9.149  10.330  10.770  0.80 30.93 ? 36  ASP A CG  1 
ATOM   316  O  OD1 A ASP A 1 38  ? -8.437  9.768   11.655  0.80 35.27 ? 36  ASP A OD1 1 
ATOM   317  O  OD2 A ASP A 1 38  ? -8.936  11.490  10.350  0.80 34.00 ? 36  ASP A OD2 1 
ATOM   318  N  N   A PRO A 1 39  ? -9.502  9.720   7.118   0.80 25.98 ? 37  PRO A N   1 
ATOM   319  C  CA  A PRO A 1 39  ? -8.677  10.343  6.067   0.80 25.44 ? 37  PRO A CA  1 
ATOM   320  C  C   A PRO A 1 39  ? -7.679  11.304  6.678   0.80 24.49 ? 37  PRO A C   1 
ATOM   321  O  O   A PRO A 1 39  ? -8.048  12.095  7.542   0.80 24.94 ? 37  PRO A O   1 
ATOM   322  C  CB  A PRO A 1 39  ? -9.690  11.131  5.234   0.80 25.97 ? 37  PRO A CB  1 
ATOM   323  C  CG  A PRO A 1 39  ? -11.008 10.479  5.505   0.80 26.07 ? 37  PRO A CG  1 
ATOM   324  C  CD  A PRO A 1 39  ? -10.932 10.062  6.956   0.80 26.02 ? 37  PRO A CD  1 
ATOM   325  N  N   . ILE A 1 40  ? -6.432  11.223  6.243   1.00 23.23 ? 38  ILE A N   1 
ATOM   326  C  CA  A ILE A 1 40  ? -5.372  12.075  6.741   0.60 22.75 ? 38  ILE A CA  1 
ATOM   327  C  CA  B ILE A 1 40  ? -5.375  12.111  6.715   0.40 21.59 ? 38  ILE A CA  1 
ATOM   328  C  C   . ILE A 1 40  ? -4.700  12.789  5.549   1.00 22.38 ? 38  ILE A C   1 
ATOM   329  O  O   . ILE A 1 40  ? -4.753  12.321  4.366   1.00 25.06 ? 38  ILE A O   1 
ATOM   330  C  CB  A ILE A 1 40  ? -4.390  11.218  7.633   0.60 22.14 ? 38  ILE A CB  1 
ATOM   331  C  CB  B ILE A 1 40  ? -4.262  11.388  7.549   0.40 20.76 ? 38  ILE A CB  1 
ATOM   332  C  CG1 A ILE A 1 40  ? -5.095  10.730  8.898   0.60 21.02 ? 38  ILE A CG1 1 
ATOM   333  C  CG1 B ILE A 1 40  ? -3.629  10.242  6.761   0.40 16.26 ? 38  ILE A CG1 1 
ATOM   334  C  CG2 A ILE A 1 40  ? -3.215  11.973  8.125   0.60 22.00 ? 38  ILE A CG2 1 
ATOM   335  C  CG2 B ILE A 1 40  ? -4.787  10.905  8.878   0.40 19.07 ? 38  ILE A CG2 1 
ATOM   336  C  CD1 A ILE A 1 40  ? -5.208  9.205   8.990   0.60 17.76 ? 38  ILE A CD1 1 
ATOM   337  C  CD1 B ILE A 1 40  ? -2.474  9.602   7.466   0.40 12.24 ? 38  ILE A CD1 1 
ATOM   338  N  N   . GLU A 1 41  ? -4.047  13.911  5.853   1.00 22.31 ? 39  GLU A N   1 
ATOM   339  C  CA  A GLU A 1 41  ? -3.235  14.518  4.813   0.60 21.91 ? 39  GLU A CA  1 
ATOM   340  C  CA  B GLU A 1 41  ? -3.213  14.546  4.851   0.40 21.66 ? 39  GLU A CA  1 
ATOM   341  C  C   . GLU A 1 41  ? -1.969  13.692  4.607   1.00 20.41 ? 39  GLU A C   1 
ATOM   342  O  O   . GLU A 1 41  ? -1.481  13.596  3.498   1.00 20.20 ? 39  GLU A O   1 
ATOM   343  C  CB  A GLU A 1 41  ? -2.936  15.975  5.114   0.60 22.97 ? 39  GLU A CB  1 
ATOM   344  C  CB  B GLU A 1 41  ? -2.875  15.967  5.286   0.40 22.47 ? 39  GLU A CB  1 
ATOM   345  C  CG  A GLU A 1 41  ? -4.192  16.807  5.487   0.60 24.19 ? 39  GLU A CG  1 
ATOM   346  C  CG  B GLU A 1 41  ? -4.055  16.928  5.071   0.40 23.30 ? 39  GLU A CG  1 
ATOM   347  C  CD  A GLU A 1 41  ? -4.257  18.169  4.808   0.60 27.85 ? 39  GLU A CD  1 
ATOM   348  C  CD  B GLU A 1 41  ? -4.310  17.867  6.243   0.40 25.96 ? 39  GLU A CD  1 
ATOM   349  O  OE1 A GLU A 1 41  ? -3.232  18.630  4.251   0.60 29.47 ? 39  GLU A OE1 1 
ATOM   350  O  OE1 B GLU A 1 41  ? -3.698  17.691  7.316   0.40 25.17 ? 39  GLU A OE1 1 
ATOM   351  O  OE2 A GLU A 1 41  ? -5.344  18.782  4.837   0.60 29.75 ? 39  GLU A OE2 1 
ATOM   352  O  OE2 B GLU A 1 41  ? -5.134  18.788  6.090   0.40 26.25 ? 39  GLU A OE2 1 
ATOM   353  N  N   . ARG A 1 42  ? -1.476  13.017  5.644   1.00 17.65 ? 40  ARG A N   1 
ATOM   354  C  CA  . ARG A 1 42  ? -0.270  12.221  5.498   1.00 15.25 ? 40  ARG A CA  1 
ATOM   355  C  C   . ARG A 1 42  ? -0.523  10.890  4.762   1.00 14.08 ? 40  ARG A C   1 
ATOM   356  O  O   . ARG A 1 42  ? -1.636  10.612  4.293   1.00 15.06 ? 40  ARG A O   1 
ATOM   357  C  CB  . ARG A 1 42  ? 0.440   12.034  6.828   1.00 15.08 ? 40  ARG A CB  1 
ATOM   358  C  CG  . ARG A 1 42  ? 1.235   13.328  7.307   1.00 17.25 ? 40  ARG A CG  1 
ATOM   359  C  CD  . ARG A 1 42  ? 1.726   13.113  8.729   1.00 13.75 ? 40  ARG A CD  1 
ATOM   360  N  NE  . ARG A 1 42  ? 2.232   14.264  9.449   1.00 17.05 ? 40  ARG A NE  1 
ATOM   361  C  CZ  . ARG A 1 42  ? 1.459   15.254  9.827   1.00 15.58 ? 40  ARG A CZ  1 
ATOM   362  N  NH1 . ARG A 1 42  ? 1.948   16.235  10.559  1.00 14.01 ? 40  ARG A NH1 1 
ATOM   363  N  NH2 . ARG A 1 42  ? 0.180   15.246  9.520   1.00 20.39 ? 40  ARG A NH2 1 
ATOM   364  N  N   . VAL A 1 43  ? 0.516   10.097  4.623   1.00 11.87 ? 41  VAL A N   1 
ATOM   365  C  CA  . VAL A 1 43  ? 0.477   8.938   3.741   1.00 10.64 ? 41  VAL A CA  1 
ATOM   366  C  C   . VAL A 1 43  ? 0.522   7.671   4.586   1.00 10.15 ? 41  VAL A C   1 
ATOM   367  O  O   . VAL A 1 43  ? 1.475   7.412   5.361   1.00 11.80 ? 41  VAL A O   1 
ATOM   368  C  CB  . VAL A 1 43  ? 1.628   8.959   2.712   1.00 12.05 ? 41  VAL A CB  1 
ATOM   369  C  CG1 . VAL A 1 43  ? 1.602   7.675   1.833   1.00 11.61 ? 41  VAL A CG1 1 
ATOM   370  C  CG2 . VAL A 1 43  ? 1.605   10.189  1.901   1.00 10.40 ? 41  VAL A CG2 1 
ATOM   371  N  N   . LEU A 1 44  ? -0.527  6.860   4.506   1.00 9.63  ? 42  LEU A N   1 
ATOM   372  C  CA  . LEU A 1 44  ? -0.633  5.537   5.123   1.00 8.65  ? 42  LEU A CA  1 
ATOM   373  C  C   . LEU A 1 44  ? -0.975  4.548   4.017   1.00 8.96  ? 42  LEU A C   1 
ATOM   374  O  O   . LEU A 1 44  ? -1.946  4.798   3.267   1.00 12.56 ? 42  LEU A O   1 
ATOM   375  C  CB  . LEU A 1 44  ? -1.718  5.528   6.158   1.00 9.75  ? 42  LEU A CB  1 
ATOM   376  C  CG  . LEU A 1 44  ? -2.129  4.179   6.745   1.00 10.87 ? 42  LEU A CG  1 
ATOM   377  C  CD1 . LEU A 1 44  ? -1.019  3.583   7.644   1.00 11.95 ? 42  LEU A CD1 1 
ATOM   378  C  CD2 . LEU A 1 44  ? -3.443  4.266   7.511   1.00 14.15 ? 42  LEU A CD2 1 
ATOM   379  N  N   . ALA A 1 45  ? -0.171  3.513   3.871   1.00 7.47  ? 43  ALA A N   1 
ATOM   380  C  CA  . ALA A 1 45  ? -0.410  2.554   2.782   1.00 8.22  ? 43  ALA A CA  1 
ATOM   381  C  C   . ALA A 1 45  ? -0.049  1.176   3.212   1.00 9.11  ? 43  ALA A C   1 
ATOM   382  O  O   . ALA A 1 45  ? 0.791   0.969   4.099   1.00 10.26 ? 43  ALA A O   1 
ATOM   383  C  CB  . ALA A 1 45  ? 0.483   2.965   1.565   1.00 11.88 ? 43  ALA A CB  1 
ATOM   384  N  N   . LEU A 1 46  ? -0.651  0.211   2.544   1.00 9.45  ? 44  LEU A N   1 
ATOM   385  C  CA  . LEU A 1 46  ? -0.335  -1.204  2.722   1.00 9.89  ? 44  LEU A CA  1 
ATOM   386  C  C   . LEU A 1 46  ? -0.033  -1.768  1.334   1.00 8.80  ? 44  LEU A C   1 
ATOM   387  O  O   . LEU A 1 46  ? -0.882  -1.674  0.445   1.00 9.94  ? 44  LEU A O   1 
ATOM   388  C  CB  . LEU A 1 46  ? -1.463  -1.938  3.429   1.00 10.37 ? 44  LEU A CB  1 
ATOM   389  C  CG  . LEU A 1 46  ? -1.144  -3.310  4.009   1.00 12.87 ? 44  LEU A CG  1 
ATOM   390  C  CD1 . LEU A 1 46  ? -2.236  -3.702  5.023   1.00 17.16 ? 44  LEU A CD1 1 
ATOM   391  C  CD2 . LEU A 1 46  ? -1.041  -4.280  2.876   1.00 14.82 ? 44  LEU A CD2 1 
ATOM   392  N  N   . VAL A 1 47  ? 1.181   -2.236  1.115   1.00 10.14 ? 45  VAL A N   1 
ATOM   393  C  CA  . VAL A 1 47  ? 1.662   -2.677  -0.192  1.00 9.56  ? 45  VAL A CA  1 
ATOM   394  C  C   . VAL A 1 47  ? 1.771   -4.169  -0.201  1.00 10.78 ? 45  VAL A C   1 
ATOM   395  O  O   . VAL A 1 47  ? 2.382   -4.762  0.671   1.00 11.27 ? 45  VAL A O   1 
ATOM   396  C  CB  . VAL A 1 47  ? 2.996   -2.061  -0.536  1.00 9.28  ? 45  VAL A CB  1 
ATOM   397  C  CG1 . VAL A 1 47  ? 3.530   -2.583  -1.886  1.00 13.18 ? 45  VAL A CG1 1 
ATOM   398  C  CG2 . VAL A 1 47  ? 2.830   -0.517  -0.480  1.00 12.21 ? 45  VAL A CG2 1 
ATOM   399  N  N   . VAL A 1 48  ? 1.120   -4.773  -1.178  1.00 10.30 ? 46  VAL A N   1 
ATOM   400  C  CA  . VAL A 1 48  ? 1.030   -6.225  -1.274  1.00 10.85 ? 46  VAL A CA  1 
ATOM   401  C  C   . VAL A 1 48  ? 1.668   -6.662  -2.629  1.00 10.86 ? 46  VAL A C   1 
ATOM   402  O  O   . VAL A 1 48  ? 1.521   -6.015  -3.672  1.00 11.06 ? 46  VAL A O   1 
ATOM   403  C  CB  . VAL A 1 48  ? -0.431  -6.696  -1.285  1.00 11.36 ? 46  VAL A CB  1 
ATOM   404  C  CG1 . VAL A 1 48  ? -0.605  -8.272  -1.459  1.00 13.09 ? 46  VAL A CG1 1 
ATOM   405  C  CG2 . VAL A 1 48  ? -1.180  -6.226  -0.031  1.00 13.87 ? 46  VAL A CG2 1 
ATOM   406  N  N   . PHE A 1 49  ? 2.453   -7.754  -2.578  1.00 10.77 ? 47  PHE A N   1 
ATOM   407  C  CA  . PHE A 1 49  ? 3.125   -8.282  -3.749  1.00 11.30 ? 47  PHE A CA  1 
ATOM   408  C  C   . PHE A 1 49  ? 2.572   -9.636  -4.066  1.00 12.86 ? 47  PHE A C   1 
ATOM   409  O  O   . PHE A 1 49  ? 2.031   -10.321 -3.197  1.00 13.88 ? 47  PHE A O   1 
ATOM   410  C  CB  . PHE A 1 49  ? 4.642   -8.398  -3.472  1.00 10.39 ? 47  PHE A CB  1 
ATOM   411  C  CG  . PHE A 1 49  ? 5.294   -7.080  -3.185  1.00 12.63 ? 47  PHE A CG  1 
ATOM   412  C  CD1 . PHE A 1 49  ? 5.644   -6.231  -4.217  1.00 12.59 ? 47  PHE A CD1 1 
ATOM   413  C  CD2 . PHE A 1 49  ? 5.518   -6.664  -1.884  1.00 10.77 ? 47  PHE A CD2 1 
ATOM   414  C  CE1 . PHE A 1 49  ? 6.234   -4.988  -3.996  1.00 13.53 ? 47  PHE A CE1 1 
ATOM   415  C  CE2 . PHE A 1 49  ? 6.119   -5.422  -1.616  1.00 11.76 ? 47  PHE A CE2 1 
ATOM   416  C  CZ  . PHE A 1 49  ? 6.460   -4.561  -2.680  1.00 12.13 ? 47  PHE A CZ  1 
ATOM   417  N  N   . PRO A 1 50  ? 2.788   -10.054 -5.301  1.00 13.70 ? 48  PRO A N   1 
ATOM   418  C  CA  . PRO A 1 50  ? 2.223   -11.354 -5.686  1.00 14.97 ? 48  PRO A CA  1 
ATOM   419  C  C   . PRO A 1 50  ? 2.981   -12.538 -5.130  1.00 16.25 ? 48  PRO A C   1 
ATOM   420  O  O   . PRO A 1 50  ? 2.404   -13.658 -5.024  1.00 19.27 ? 48  PRO A O   1 
ATOM   421  C  CB  . PRO A 1 50  ? 2.350   -11.357 -7.187  1.00 14.00 ? 48  PRO A CB  1 
ATOM   422  C  CG  . PRO A 1 50  ? 3.396   -10.378 -7.556  1.00 12.39 ? 48  PRO A CG  1 
ATOM   423  C  CD  . PRO A 1 50  ? 3.283   -9.292  -6.437  1.00 13.86 ? 48  PRO A CD  1 
ATOM   424  N  N   . ASP A 1 51  ? 4.238   -12.319 -4.780  1.00 15.28 ? 49  ASP A N   1 
ATOM   425  C  CA  . ASP A 1 51  ? 5.134   -13.431 -4.488  1.00 16.17 ? 49  ASP A CA  1 
ATOM   426  C  C   . ASP A 1 51  ? 6.126   -13.175 -3.355  1.00 15.84 ? 49  ASP A C   1 
ATOM   427  O  O   . ASP A 1 51  ? 7.141   -13.888 -3.205  1.00 15.86 ? 49  ASP A O   1 
ATOM   428  C  CB  . ASP A 1 51  ? 5.855   -13.783 -5.793  1.00 15.42 ? 49  ASP A CB  1 
ATOM   429  C  CG  . ASP A 1 51  ? 6.734   -12.656 -6.282  1.00 20.25 ? 49  ASP A CG  1 
ATOM   430  O  OD1 . ASP A 1 51  ? 6.644   -11.515 -5.717  1.00 28.92 ? 49  ASP A OD1 1 
ATOM   431  O  OD2 . ASP A 1 51  ? 7.462   -12.908 -7.288  1.00 31.21 ? 49  ASP A OD2 1 
ATOM   432  N  N   . GLN A 1 52  ? 5.808   -12.216 -2.487  1.00 14.30 ? 50  GLN A N   1 
ATOM   433  C  CA  . GLN A 1 52  ? 6.682   -11.902 -1.357  1.00 13.98 ? 50  GLN A CA  1 
ATOM   434  C  C   . GLN A 1 52  ? 5.893   -11.114 -0.338  1.00 13.70 ? 50  GLN A C   1 
ATOM   435  O  O   . GLN A 1 52  ? 4.744   -10.777 -0.613  1.00 14.65 ? 50  GLN A O   1 
ATOM   436  C  CB  . GLN A 1 52  ? 7.940   -11.173 -1.831  1.00 13.76 ? 50  GLN A CB  1 
ATOM   437  C  CG  . GLN A 1 52  ? 7.691   -9.794  -2.444  1.00 13.20 ? 50  GLN A CG  1 
ATOM   438  C  CD  . GLN A 1 52  ? 8.972   -9.029  -2.721  1.00 13.08 ? 50  GLN A CD  1 
ATOM   439  O  OE1 . GLN A 1 52  ? 9.743   -8.681  -1.786  1.00 15.29 ? 50  GLN A OE1 1 
ATOM   440  N  NE2 . GLN A 1 52  ? 9.228   -8.783  -3.959  1.00 14.58 ? 50  GLN A NE2 1 
ATOM   441  N  N   . ASP A 1 53  ? 6.476   -10.885 0.824   1.00 15.17 ? 51  ASP A N   1 
ATOM   442  C  CA  . ASP A 1 53  ? 5.790   -10.323 1.946   1.00 14.53 ? 51  ASP A CA  1 
ATOM   443  C  C   . ASP A 1 53  ? 5.400   -8.848  1.707   1.00 12.57 ? 51  ASP A C   1 
ATOM   444  O  O   . ASP A 1 53  ? 6.116   -8.092  1.012   1.00 14.53 ? 51  ASP A O   1 
ATOM   445  C  CB  . ASP A 1 53  ? 6.666   -10.375 3.201   1.00 14.79 ? 51  ASP A CB  1 
ATOM   446  C  CG  . ASP A 1 53  ? 6.859   -11.799 3.751   1.00 19.44 ? 51  ASP A CG  1 
ATOM   447  O  OD1 . ASP A 1 53  ? 6.167   -12.766 3.303   1.00 23.09 ? 51  ASP A OD1 1 
ATOM   448  O  OD2 . ASP A 1 53  ? 7.655   -11.831 4.701   1.00 24.33 ? 51  ASP A OD2 1 
ATOM   449  N  N   . PRO A 1 54  ? 4.270   -8.479  2.321   1.00 12.79 ? 52  PRO A N   1 
ATOM   450  C  CA  . PRO A 1 54  ? 3.806   -7.087  2.221   1.00 11.03 ? 52  PRO A CA  1 
ATOM   451  C  C   . PRO A 1 54  ? 4.526   -6.184  3.212   1.00 12.10 ? 52  PRO A C   1 
ATOM   452  O  O   . PRO A 1 54  ? 5.300   -6.657  4.045   1.00 13.24 ? 52  PRO A O   1 
ATOM   453  C  CB  . PRO A 1 54  ? 2.359   -7.176  2.605   1.00 10.87 ? 52  PRO A CB  1 
ATOM   454  C  CG  . PRO A 1 54  ? 2.346   -8.286  3.694   1.00 12.53 ? 52  PRO A CG  1 
ATOM   455  C  CD  . PRO A 1 54  ? 3.389   -9.285  3.179   1.00 12.96 ? 52  PRO A CD  1 
ATOM   456  N  N   . PHE A 1 55  ? 4.226   -4.896  3.162   1.00 10.82 ? 53  PHE A N   1 
ATOM   457  C  CA  . PHE A 1 55  ? 4.674   -3.974  4.188   1.00 11.16 ? 53  PHE A CA  1 
ATOM   458  C  C   . PHE A 1 55  ? 3.632   -2.878  4.345   1.00 10.60 ? 53  PHE A C   1 
ATOM   459  O  O   . PHE A 1 55  ? 2.803   -2.618  3.454   1.00 10.57 ? 53  PHE A O   1 
ATOM   460  C  CB  . PHE A 1 55  ? 6.042   -3.381  3.911   1.00 11.20 ? 53  PHE A CB  1 
ATOM   461  C  CG  . PHE A 1 55  ? 6.146   -2.472  2.737   1.00 13.95 ? 53  PHE A CG  1 
ATOM   462  C  CD1 . PHE A 1 55  ? 5.932   -1.101  2.841   1.00 12.25 ? 53  PHE A CD1 1 
ATOM   463  C  CD2 . PHE A 1 55  ? 6.528   -2.978  1.512   1.00 13.12 ? 53  PHE A CD2 1 
ATOM   464  C  CE1 . PHE A 1 55  ? 6.042   -0.272  1.741   1.00 12.36 ? 53  PHE A CE1 1 
ATOM   465  C  CE2 . PHE A 1 55  ? 6.695   -2.184  0.403   1.00 12.27 ? 53  PHE A CE2 1 
ATOM   466  C  CZ  . PHE A 1 55  ? 6.464   -0.790  0.514   1.00 11.92 ? 53  PHE A CZ  1 
ATOM   467  N  N   . ILE A 1 56  ? 3.648   -2.217  5.483   1.00 10.65 ? 54  ILE A N   1 
ATOM   468  C  CA  . ILE A 1 56  ? 2.870   -1.015  5.730   1.00 9.80  ? 54  ILE A CA  1 
ATOM   469  C  C   . ILE A 1 56  ? 3.822   0.178   5.758   1.00 9.70  ? 54  ILE A C   1 
ATOM   470  O  O   . ILE A 1 56  ? 4.956   0.088   6.275   1.00 10.55 ? 54  ILE A O   1 
ATOM   471  C  CB  . ILE A 1 56  ? 2.066   -1.101  7.021   1.00 10.26 ? 54  ILE A CB  1 
ATOM   472  C  CG1 . ILE A 1 56  ? 0.978   -2.104  6.807   1.00 10.80 ? 54  ILE A CG1 1 
ATOM   473  C  CG2 . ILE A 1 56  ? 1.488   0.242   7.457   1.00 11.23 ? 54  ILE A CG2 1 
ATOM   474  C  CD1 . ILE A 1 56  ? 0.182   -2.397  8.084   1.00 14.84 ? 54  ILE A CD1 1 
ATOM   475  N  N   . PHE A 1 57  ? 3.373   1.315   5.224   1.00 9.09  ? 55  PHE A N   1 
ATOM   476  C  CA  . PHE A 1 57  ? 4.112   2.575   5.247   1.00 9.87  ? 55  PHE A CA  1 
ATOM   477  C  C   . PHE A 1 57  ? 3.227   3.604   5.921   1.00 8.82  ? 55  PHE A C   1 
ATOM   478  O  O   . PHE A 1 57  ? 2.027   3.702   5.623   1.00 9.24  ? 55  PHE A O   1 
ATOM   479  C  CB  . PHE A 1 57  ? 4.444   3.027   3.829   1.00 9.71  ? 55  PHE A CB  1 
ATOM   480  C  CG  . PHE A 1 57  ? 5.323   4.188   3.782   1.00 10.81 ? 55  PHE A CG  1 
ATOM   481  C  CD1 . PHE A 1 57  ? 6.713   4.038   3.777   1.00 13.40 ? 55  PHE A CD1 1 
ATOM   482  C  CD2 . PHE A 1 57  ? 4.815   5.488   3.731   1.00 12.94 ? 55  PHE A CD2 1 
ATOM   483  C  CE1 . PHE A 1 57  ? 7.556   5.167   3.763   1.00 14.20 ? 55  PHE A CE1 1 
ATOM   484  C  CE2 . PHE A 1 57  ? 5.711   6.574   3.715   1.00 15.27 ? 55  PHE A CE2 1 
ATOM   485  C  CZ  . PHE A 1 57  ? 7.044   6.354   3.733   1.00 14.14 ? 55  PHE A CZ  1 
ATOM   486  N  N   . ALA A 1 58  ? 3.740   4.328   6.930   1.00 9.29  ? 56  ALA A N   1 
ATOM   487  C  CA  . ALA A 1 58  ? 2.940   5.167   7.754   1.00 8.75  ? 56  ALA A CA  1 
ATOM   488  C  C   . ALA A 1 58  ? 3.703   6.323   8.298   1.00 8.85  ? 56  ALA A C   1 
ATOM   489  O  O   . ALA A 1 58  ? 4.920   6.264   8.362   1.00 10.03 ? 56  ALA A O   1 
ATOM   490  C  CB  . ALA A 1 58  ? 2.360   4.378   8.930   1.00 9.31  ? 56  ALA A CB  1 
ATOM   491  N  N   . PRO A 1 59  ? 3.022   7.362   8.803   1.00 8.59  ? 57  PRO A N   1 
ATOM   492  C  CA  . PRO A 1 59  ? 3.727   8.389   9.581   1.00 8.42  ? 57  PRO A CA  1 
ATOM   493  C  C   . PRO A 1 59  ? 4.402   7.757   10.781  1.00 7.98  ? 57  PRO A C   1 
ATOM   494  O  O   . PRO A 1 59  ? 3.877   6.844   11.393  1.00 9.38  ? 57  PRO A O   1 
ATOM   495  C  CB  . PRO A 1 59  ? 2.637   9.371   9.944   1.00 9.74  ? 57  PRO A CB  1 
ATOM   496  C  CG  . PRO A 1 59  ? 1.441   9.050   8.932   1.00 14.00 ? 57  PRO A CG  1 
ATOM   497  C  CD  . PRO A 1 59  ? 1.561   7.615   8.708   1.00 9.23  ? 57  PRO A CD  1 
ATOM   498  N  N   . ALA A 1 60  ? 5.597   8.253   11.109  1.00 9.74  ? 58  ALA A N   1 
ATOM   499  C  CA  . ALA A 1 60  ? 6.410   7.695   12.178  1.00 9.23  ? 58  ALA A CA  1 
ATOM   500  C  C   . ALA A 1 60  ? 5.658   7.510   13.499  1.00 9.78  ? 58  ALA A C   1 
ATOM   501  O  O   . ALA A 1 60  ? 5.840   6.479   14.153  1.00 10.69 ? 58  ALA A O   1 
ATOM   502  C  CB  . ALA A 1 60  ? 7.634   8.555   12.380  1.00 10.54 ? 58  ALA A CB  1 
ATOM   503  N  N   . LEU A 1 61  ? 4.795   8.437   13.834  1.00 10.80 ? 59  LEU A N   1 
ATOM   504  C  CA  . LEU A 1 61  ? 4.100   8.327   15.106  1.00 11.86 ? 59  LEU A CA  1 
ATOM   505  C  C   . LEU A 1 61  ? 2.993   7.304   15.117  1.00 13.20 ? 59  LEU A C   1 
ATOM   506  O  O   . LEU A 1 61  ? 2.494   6.976   16.191  1.00 16.63 ? 59  LEU A O   1 
ATOM   507  C  CB  . LEU A 1 61  ? 3.628   9.703   15.578  1.00 12.04 ? 59  LEU A CB  1 
ATOM   508  C  CG  . LEU A 1 61  ? 4.732   10.636  15.914  1.00 11.30 ? 59  LEU A CG  1 
ATOM   509  C  CD1 . LEU A 1 61  ? 4.202   12.096  16.192  1.00 12.05 ? 59  LEU A CD1 1 
ATOM   510  C  CD2 . LEU A 1 61  ? 5.452   10.098  17.194  1.00 11.35 ? 59  LEU A CD2 1 
ATOM   511  N  N   . GLU A 1 62  ? 2.545   6.846   13.947  1.00 12.24 ? 60  GLU A N   1 
ATOM   512  C  CA  A GLU A 1 62  ? 1.528   5.827   13.908  0.60 13.07 ? 60  GLU A CA  1 
ATOM   513  C  CA  B GLU A 1 62  ? 1.538   5.815   13.901  0.40 12.91 ? 60  GLU A CA  1 
ATOM   514  C  C   . GLU A 1 62  ? 2.151   4.424   13.959  1.00 12.27 ? 60  GLU A C   1 
ATOM   515  O  O   . GLU A 1 62  ? 1.447   3.455   14.144  1.00 10.80 ? 60  GLU A O   1 
ATOM   516  C  CB  A GLU A 1 62  ? 0.662   5.974   12.630  0.60 13.49 ? 60  GLU A CB  1 
ATOM   517  C  CB  B GLU A 1 62  ? 0.721   5.926   12.613  0.40 13.36 ? 60  GLU A CB  1 
ATOM   518  C  CG  A GLU A 1 62  ? -0.193  7.230   12.618  0.60 16.35 ? 60  GLU A CG  1 
ATOM   519  C  CG  B GLU A 1 62  ? -0.127  7.145   12.549  0.40 15.88 ? 60  GLU A CG  1 
ATOM   520  C  CD  A GLU A 1 62  ? -0.946  7.444   11.297  0.60 18.46 ? 60  GLU A CD  1 
ATOM   521  C  CD  B GLU A 1 62  ? -1.300  6.948   11.626  0.40 18.00 ? 60  GLU A CD  1 
ATOM   522  O  OE1 A GLU A 1 62  ? -1.359  6.461   10.642  0.60 18.42 ? 60  GLU A OE1 1 
ATOM   523  O  OE1 B GLU A 1 62  ? -1.124  6.343   10.542  0.40 19.34 ? 60  GLU A OE1 1 
ATOM   524  O  OE2 A GLU A 1 62  ? -1.161  8.616   10.928  0.60 19.42 ? 60  GLU A OE2 1 
ATOM   525  O  OE2 B GLU A 1 62  ? -2.402  7.383   11.999  0.40 18.54 ? 60  GLU A OE2 1 
ATOM   526  N  N   . VAL A 1 63  ? 3.460   4.281   13.745  1.00 10.22 ? 61  VAL A N   1 
ATOM   527  C  CA  . VAL A 1 63  ? 4.092   2.981   13.655  1.00 10.94 ? 61  VAL A CA  1 
ATOM   528  C  C   . VAL A 1 63  ? 3.817   2.104   14.858  1.00 10.90 ? 61  VAL A C   1 
ATOM   529  O  O   . VAL A 1 63  ? 3.549   0.914   14.739  1.00 12.42 ? 61  VAL A O   1 
ATOM   530  C  CB  . VAL A 1 63  ? 5.602   3.047   13.339  1.00 10.78 ? 61  VAL A CB  1 
ATOM   531  C  CG1 . VAL A 1 63  ? 6.278   1.689   13.411  1.00 14.12 ? 61  VAL A CG1 1 
ATOM   532  C  CG2 . VAL A 1 63  ? 5.862   3.722   11.991  1.00 10.19 ? 61  VAL A CG2 1 
ATOM   533  N  N   . GLU A 1 64  ? 3.913   2.713   16.025  1.00 10.33 ? 62  GLU A N   1 
ATOM   534  C  CA  . GLU A 1 64  ? 3.695   1.938   17.273  1.00 11.14 ? 62  GLU A CA  1 
ATOM   535  C  C   . GLU A 1 64  ? 2.358   1.250   17.323  1.00 10.04 ? 62  GLU A C   1 
ATOM   536  O  O   . GLU A 1 64  ? 2.292   0.054   17.599  1.00 10.71 ? 62  GLU A O   1 
ATOM   537  C  CB  . GLU A 1 64  ? 3.892   2.781   18.528  1.00 11.40 ? 62  GLU A CB  1 
ATOM   538  C  CG  . GLU A 1 64  ? 3.452   2.090   19.833  1.00 10.73 ? 62  GLU A CG  1 
ATOM   539  C  CD  . GLU A 1 64  ? 3.571   2.917   21.097  1.00 13.40 ? 62  GLU A CD  1 
ATOM   540  O  OE1 . GLU A 1 64  ? 3.981   4.081   21.057  1.00 12.45 ? 62  GLU A OE1 1 
ATOM   541  O  OE2 . GLU A 1 64  ? 3.106   2.382   22.150  1.00 10.96 ? 62  GLU A OE2 1 
ATOM   542  N  N   . VAL A 1 65  ? 1.281   2.023   17.179  1.00 12.19 ? 63  VAL A N   1 
ATOM   543  C  CA  . VAL A 1 65  ? -0.042  1.458   17.266  1.00 13.04 ? 63  VAL A CA  1 
ATOM   544  C  C   . VAL A 1 65  ? -0.284  0.466   16.119  1.00 13.04 ? 63  VAL A C   1 
ATOM   545  O  O   . VAL A 1 65  ? -0.936  -0.573  16.328  1.00 14.25 ? 63  VAL A O   1 
ATOM   546  C  CB  . VAL A 1 65  ? -1.071  2.580   17.354  1.00 13.15 ? 63  VAL A CB  1 
ATOM   547  C  CG1 . VAL A 1 65  ? -2.500  1.993   17.245  1.00 18.47 ? 63  VAL A CG1 1 
ATOM   548  C  CG2 . VAL A 1 65  ? -0.936  3.338   18.657  1.00 17.89 ? 63  VAL A CG2 1 
ATOM   549  N  N   . ILE A 1 66  ? 0.287   0.697   14.940  1.00 11.98 ? 64  ILE A N   1 
ATOM   550  C  CA  . ILE A 1 66  ? 0.231   -0.325  13.839  1.00 13.07 ? 64  ILE A CA  1 
ATOM   551  C  C   . ILE A 1 66  ? 0.920   -1.649  14.237  1.00 14.18 ? 64  ILE A C   1 
ATOM   552  O  O   . ILE A 1 66  ? 0.410   -2.761  14.020  1.00 14.87 ? 64  ILE A O   1 
ATOM   553  C  CB  . ILE A 1 66  ? 0.807   0.217   12.506  1.00 12.84 ? 64  ILE A CB  1 
ATOM   554  C  CG1 . ILE A 1 66  ? -0.057  1.393   12.020  1.00 12.96 ? 64  ILE A CG1 1 
ATOM   555  C  CG2 . ILE A 1 66  ? 0.892   -0.920  11.440  1.00 15.51 ? 64  ILE A CG2 1 
ATOM   556  C  CD1 . ILE A 1 66  ? 0.606   2.235   10.969  1.00 13.21 ? 64  ILE A CD1 1 
ATOM   557  N  N   . LYS A 1 67  ? 2.135   -1.561  14.785  1.00 13.88 ? 65  LYS A N   1 
ATOM   558  C  CA  . LYS A 1 67  ? 2.784   -2.799  15.201  1.00 12.51 ? 65  LYS A CA  1 
ATOM   559  C  C   . LYS A 1 67  ? 2.043   -3.516  16.350  1.00 13.55 ? 65  LYS A C   1 
ATOM   560  O  O   . LYS A 1 67  ? 2.049   -4.746  16.452  1.00 15.19 ? 65  LYS A O   1 
ATOM   561  C  CB  . LYS A 1 67  ? 4.247   -2.540  15.580  1.00 14.06 ? 65  LYS A CB  1 
ATOM   562  C  CG  . LYS A 1 67  ? 5.139   -2.250  14.409  1.00 13.86 ? 65  LYS A CG  1 
ATOM   563  C  CD  . LYS A 1 67  ? 6.593   -2.223  14.814  1.00 17.66 ? 65  LYS A CD  1 
ATOM   564  C  CE  . LYS A 1 67  ? 7.494   -1.945  13.609  1.00 22.74 ? 65  LYS A CE  1 
ATOM   565  N  NZ  . LYS A 1 67  ? 8.941   -1.837  14.095  1.00 24.64 ? 65  LYS A NZ  1 
ATOM   566  N  N   . GLU A 1 68  ? 1.367   -2.762  17.217  1.00 12.60 ? 66  GLU A N   1 
ATOM   567  C  CA  . GLU A 1 68  ? 0.599   -3.343  18.302  1.00 13.05 ? 66  GLU A CA  1 
ATOM   568  C  C   . GLU A 1 68  ? -0.617  -4.122  17.858  1.00 13.92 ? 66  GLU A C   1 
ATOM   569  O  O   . GLU A 1 68  ? -1.296  -4.708  18.705  1.00 13.52 ? 66  GLU A O   1 
ATOM   570  C  CB  . GLU A 1 68  ? 0.215   -2.251  19.298  1.00 12.69 ? 66  GLU A CB  1 
ATOM   571  C  CG  . GLU A 1 68  ? 1.408   -1.858  20.157  1.00 10.76 ? 66  GLU A CG  1 
ATOM   572  C  CD  . GLU A 1 68  ? 1.206   -0.557  20.947  1.00 13.22 ? 66  GLU A CD  1 
ATOM   573  O  OE1 . GLU A 1 68  ? 0.183   0.133   20.722  1.00 16.37 ? 66  GLU A OE1 1 
ATOM   574  O  OE2 . GLU A 1 68  ? 2.091   -0.227  21.767  1.00 10.71 ? 66  GLU A OE2 1 
ATOM   575  N  N   . THR A 1 69  ? -0.946  -4.037  16.575  1.00 13.38 ? 67  THR A N   1 
ATOM   576  C  CA  . THR A 1 69  ? -2.030  -4.875  16.054  1.00 14.98 ? 67  THR A CA  1 
ATOM   577  C  C   . THR A 1 69  ? -1.668  -6.347  15.881  1.00 14.60 ? 67  THR A C   1 
ATOM   578  O  O   . THR A 1 69  ? -2.527  -7.181  15.579  1.00 16.03 ? 67  THR A O   1 
ATOM   579  C  CB  . THR A 1 69  ? -2.511  -4.438  14.663  1.00 14.26 ? 67  THR A CB  1 
ATOM   580  O  OG1 . THR A 1 69  ? -1.467  -4.590  13.655  1.00 13.48 ? 67  THR A OG1 1 
ATOM   581  C  CG2 . THR A 1 69  ? -3.143  -3.055  14.671  1.00 15.13 ? 67  THR A CG2 1 
ATOM   582  N  N   A GLY A 1 70  ? -0.380  -6.661  15.949  0.60 14.66 ? 68  GLY A N   1 
ATOM   583  N  N   B GLY A 1 70  ? -0.392  -6.682  16.006  0.40 15.28 ? 68  GLY A N   1 
ATOM   584  C  CA  A GLY A 1 70  ? 0.095   -7.998  15.646  0.60 15.63 ? 68  GLY A CA  1 
ATOM   585  C  CA  B GLY A 1 70  ? 0.061   -7.998  15.603  0.40 16.07 ? 68  GLY A CA  1 
ATOM   586  C  C   A GLY A 1 70  ? 0.636   -8.188  14.253  0.60 15.30 ? 68  GLY A C   1 
ATOM   587  C  C   B GLY A 1 70  ? 0.012   -8.111  14.105  0.40 16.63 ? 68  GLY A C   1 
ATOM   588  O  O   A GLY A 1 70  ? 1.107   -9.268  13.893  0.60 14.42 ? 68  GLY A O   1 
ATOM   589  O  O   B GLY A 1 70  ? -0.672  -8.986  13.543  0.40 15.72 ? 68  GLY A O   1 
ATOM   590  N  N   . TRP A 1 71  ? 0.609   -7.113  13.459  1.00 15.98 ? 69  TRP A N   1 
ATOM   591  C  CA  . TRP A 1 71  ? 0.939   -7.189  12.080  1.00 17.60 ? 69  TRP A CA  1 
ATOM   592  C  C   . TRP A 1 71  ? 2.348   -7.733  12.079  1.00 18.96 ? 69  TRP A C   1 
ATOM   593  O  O   . TRP A 1 71  ? 3.240   -7.223  12.747  1.00 19.73 ? 69  TRP A O   1 
ATOM   594  C  CB  . TRP A 1 71  ? 0.846   -5.734  11.523  1.00 16.30 ? 69  TRP A CB  1 
ATOM   595  C  CG  . TRP A 1 71  ? 1.425   -5.512  10.133  1.00 14.84 ? 69  TRP A CG  1 
ATOM   596  C  CD1 . TRP A 1 71  ? 2.664   -5.023  9.877   1.00 13.36 ? 69  TRP A CD1 1 
ATOM   597  C  CD2 . TRP A 1 71  ? 0.863   -5.905  8.853   1.00 15.06 ? 69  TRP A CD2 1 
ATOM   598  N  NE1 . TRP A 1 71  ? 2.893   -4.996  8.498   1.00 14.21 ? 69  TRP A NE1 1 
ATOM   599  C  CE2 . TRP A 1 71  ? 1.788   -5.496  7.866   1.00 14.13 ? 69  TRP A CE2 1 
ATOM   600  C  CE3 . TRP A 1 71  ? -0.358  -6.456  8.437   1.00 16.86 ? 69  TRP A CE3 1 
ATOM   601  C  CZ2 . TRP A 1 71  ? 1.558   -5.690  6.506   1.00 12.24 ? 69  TRP A CZ2 1 
ATOM   602  C  CZ3 . TRP A 1 71  ? -0.561  -6.654  7.071   1.00 16.10 ? 69  TRP A CZ3 1 
ATOM   603  C  CH2 . TRP A 1 71  ? 0.385   -6.261  6.139   1.00 15.46 ? 69  TRP A CH2 1 
ATOM   604  N  N   . GLN A 1 72  ? 2.501   -8.803  11.298  1.00 21.52 ? 70  GLN A N   1 
ATOM   605  C  CA  A GLN A 1 72  ? 3.680   -9.665  11.300  0.60 22.61 ? 70  GLN A CA  1 
ATOM   606  C  CA  B GLN A 1 72  ? 3.698   -9.643  11.315  0.40 21.60 ? 70  GLN A CA  1 
ATOM   607  C  C   . GLN A 1 72  ? 4.756   -9.241  10.320  1.00 22.48 ? 70  GLN A C   1 
ATOM   608  O  O   . GLN A 1 72  ? 5.793   -9.922  10.183  1.00 23.72 ? 70  GLN A O   1 
ATOM   609  C  CB  A GLN A 1 72  ? 3.253   -11.111 10.978  0.60 24.08 ? 70  GLN A CB  1 
ATOM   610  C  CB  B GLN A 1 72  ? 3.306   -11.089 11.028  0.40 22.45 ? 70  GLN A CB  1 
ATOM   611  C  CG  A GLN A 1 72  ? 1.728   -11.388 11.098  0.60 26.52 ? 70  GLN A CG  1 
ATOM   612  C  CG  B GLN A 1 72  ? 2.442   -11.712 12.096  0.40 20.68 ? 70  GLN A CG  1 
ATOM   613  C  CD  A GLN A 1 72  ? 0.930   -10.564 10.090  0.60 26.30 ? 70  GLN A CD  1 
ATOM   614  C  CD  B GLN A 1 72  ? 1.860   -13.027 11.657  0.40 21.46 ? 70  GLN A CD  1 
ATOM   615  O  OE1 A GLN A 1 72  ? -0.258  -10.286 10.253  0.60 29.04 ? 70  GLN A OE1 1 
ATOM   616  O  OE1 B GLN A 1 72  ? 0.992   -13.063 10.794  0.40 22.76 ? 70  GLN A OE1 1 
ATOM   617  N  NE2 A GLN A 1 72  ? 1.614   -10.116 9.072   0.60 30.82 ? 70  GLN A NE2 1 
ATOM   618  N  NE2 B GLN A 1 72  ? 2.330   -14.131 12.268  0.40 19.79 ? 70  GLN A NE2 1 
ATOM   619  N  N   . PHE A 1 73  ? 4.492   -8.155  9.580   1.00 17.41 ? 71  PHE A N   1 
ATOM   620  C  CA  . PHE A 1 73  ? 5.388   -7.774  8.531   1.00 17.13 ? 71  PHE A CA  1 
ATOM   621  C  C   . PHE A 1 73  ? 5.919   -6.378  8.790   1.00 15.12 ? 71  PHE A C   1 
ATOM   622  O  O   . PHE A 1 73  ? 5.513   -5.755  9.820   1.00 17.20 ? 71  PHE A O   1 
ATOM   623  C  CB  . PHE A 1 73  ? 4.626   -7.857  7.215   1.00 14.82 ? 71  PHE A CB  1 
ATOM   624  C  CG  . PHE A 1 73  ? 3.946   -9.214  6.963   1.00 14.02 ? 71  PHE A CG  1 
ATOM   625  C  CD1 . PHE A 1 73  ? 4.713   -10.311 6.629   1.00 18.03 ? 71  PHE A CD1 1 
ATOM   626  C  CD2 . PHE A 1 73  ? 2.581   -9.354  7.040   1.00 16.11 ? 71  PHE A CD2 1 
ATOM   627  C  CE1 . PHE A 1 73  ? 4.151   -11.539 6.387   1.00 14.17 ? 71  PHE A CE1 1 
ATOM   628  C  CE2 . PHE A 1 73  ? 1.962   -10.583 6.782   1.00 17.08 ? 71  PHE A CE2 1 
ATOM   629  C  CZ  . PHE A 1 73  ? 2.758   -11.685 6.448   1.00 18.24 ? 71  PHE A CZ  1 
ATOM   630  N  N   . PRO A 1 74  ? 6.869   -5.925  7.948   1.00 15.32 ? 72  PRO A N   1 
ATOM   631  C  CA  . PRO A 1 74  ? 7.436   -4.605  8.224   1.00 14.93 ? 72  PRO A CA  1 
ATOM   632  C  C   . PRO A 1 74  ? 6.445   -3.424  8.238   1.00 14.78 ? 72  PRO A C   1 
ATOM   633  O  O   . PRO A 1 74  ? 5.402   -3.435  7.562   1.00 13.94 ? 72  PRO A O   1 
ATOM   634  C  CB  . PRO A 1 74  ? 8.491   -4.449  7.187   1.00 16.04 ? 72  PRO A CB  1 
ATOM   635  C  CG  . PRO A 1 74  ? 8.873   -5.847  6.860   1.00 14.95 ? 72  PRO A CG  1 
ATOM   636  C  CD  . PRO A 1 74  ? 7.626   -6.601  6.896   1.00 15.66 ? 72  PRO A CD  1 
ATOM   637  N  N   . VAL A 1 75  ? 6.748   -2.482  9.101   1.00 14.06 ? 73  VAL A N   1 
ATOM   638  C  CA  . VAL A 1 75  ? 6.102   -1.179  9.158   1.00 13.09 ? 73  VAL A CA  1 
ATOM   639  C  C   . VAL A 1 75  ? 7.173   -0.124  9.083   1.00 13.58 ? 73  VAL A C   1 
ATOM   640  O  O   . VAL A 1 75  ? 8.059   -0.020  9.998   1.00 15.13 ? 73  VAL A O   1 
ATOM   641  C  CB  . VAL A 1 75  ? 5.241   -0.967  10.409  1.00 13.38 ? 73  VAL A CB  1 
ATOM   642  C  CG1 . VAL A 1 75  ? 4.481   0.391   10.299  1.00 14.03 ? 73  VAL A CG1 1 
ATOM   643  C  CG2 . VAL A 1 75  ? 4.259   -2.133  10.731  1.00 13.70 ? 73  VAL A CG2 1 
ATOM   644  N  N   . ILE A 1 76  ? 7.120   0.701   8.048   1.00 12.81 ? 74  ILE A N   1 
ATOM   645  C  CA  . ILE A 1 76  ? 8.101   1.672   7.725   1.00 11.75 ? 74  ILE A CA  1 
ATOM   646  C  C   . ILE A 1 76  ? 7.515   3.040   7.977   1.00 12.93 ? 74  ILE A C   1 
ATOM   647  O  O   . ILE A 1 76  ? 6.464   3.387   7.460   1.00 13.37 ? 74  ILE A O   1 
ATOM   648  C  CB  . ILE A 1 76  ? 8.545   1.601   6.224   1.00 14.65 ? 74  ILE A CB  1 
ATOM   649  C  CG1 . ILE A 1 76  ? 9.142   0.220   5.903   1.00 17.97 ? 74  ILE A CG1 1 
ATOM   650  C  CG2 . ILE A 1 76  ? 9.533   2.675   5.869   1.00 13.29 ? 74  ILE A CG2 1 
ATOM   651  C  CD1 . ILE A 1 76  ? 8.129   -0.786  5.527   1.00 22.10 ? 74  ILE A CD1 1 
ATOM   652  N  N   . GLY A 1 77  ? 8.170   3.822   8.804   1.00 11.04 ? 75  GLY A N   1 
ATOM   653  C  CA  . GLY A 1 77  ? 7.701   5.142   9.080   1.00 10.85 ? 75  GLY A CA  1 
ATOM   654  C  C   . GLY A 1 77  ? 8.423   6.239   8.368   1.00 10.61 ? 75  GLY A C   1 
ATOM   655  O  O   . GLY A 1 77  ? 9.572   6.064   7.896   1.00 12.23 ? 75  GLY A O   1 
ATOM   656  N  N   . TYR A 1 78  ? 7.767   7.361   8.312   1.00 8.85  ? 76  TYR A N   1 
ATOM   657  C  CA  . TYR A 1 78  ? 8.382   8.566   7.760   1.00 10.69 ? 76  TYR A CA  1 
ATOM   658  C  C   . TYR A 1 78  ? 8.082   9.754   8.609   1.00 10.28 ? 76  TYR A C   1 
ATOM   659  O  O   . TYR A 1 78  ? 7.013   9.919   9.224   1.00 10.63 ? 76  TYR A O   1 
ATOM   660  C  CB  . TYR A 1 78  ? 7.986   8.808   6.294   1.00 9.72  ? 76  TYR A CB  1 
ATOM   661  C  CG  . TYR A 1 78  ? 6.666   9.495   6.062   1.00 12.17 ? 76  TYR A CG  1 
ATOM   662  C  CD1 . TYR A 1 78  ? 6.590   10.790  5.669   1.00 10.39 ? 76  TYR A CD1 1 
ATOM   663  C  CD2 . TYR A 1 78  ? 5.465   8.778   6.187   1.00 11.63 ? 76  TYR A CD2 1 
ATOM   664  C  CE1 . TYR A 1 78  ? 5.428   11.445  5.467   1.00 10.23 ? 76  TYR A CE1 1 
ATOM   665  C  CE2 . TYR A 1 78  ? 4.264   9.437   5.958   1.00 11.89 ? 76  TYR A CE2 1 
ATOM   666  C  CZ  . TYR A 1 78  ? 4.245   10.732  5.569   1.00 10.05 ? 76  TYR A CZ  1 
ATOM   667  O  OH  . TYR A 1 78  ? 3.037   11.362  5.296   1.00 12.61 ? 76  TYR A OH  1 
ATOM   668  N  N   . LEU A 1 79  ? 9.049   10.691  8.616   1.00 13.97 ? 77  LEU A N   1 
ATOM   669  C  CA  . LEU A 1 79  ? 8.931   11.943  9.370   1.00 15.22 ? 77  LEU A CA  1 
ATOM   670  C  C   . LEU A 1 79  ? 8.316   13.018  8.521   1.00 16.85 ? 77  LEU A C   1 
ATOM   671  O  O   . LEU A 1 79  ? 8.347   12.914  7.304   1.00 17.51 ? 77  LEU A O   1 
ATOM   672  C  CB  . LEU A 1 79  ? 10.288  12.361  9.947   1.00 15.32 ? 77  LEU A CB  1 
ATOM   673  C  CG  . LEU A 1 79  ? 10.740  11.338  11.010  1.00 17.62 ? 77  LEU A CG  1 
ATOM   674  C  CD1 . LEU A 1 79  ? 12.296  11.399  11.147  1.00 22.58 ? 77  LEU A CD1 1 
ATOM   675  C  CD2 . LEU A 1 79  ? 10.081  11.552  12.318  1.00 20.57 ? 77  LEU A CD2 1 
ATOM   676  N  N   . ASP A 1 80  ? 7.777   14.044  9.186   1.00 20.57 ? 78  ASP A N   1 
ATOM   677  C  CA  A ASP A 1 80  ? 6.829   14.990  8.584   0.50 20.95 ? 78  ASP A CA  1 
ATOM   678  C  CA  B ASP A 1 80  ? 6.842   14.932  8.525   0.50 21.49 ? 78  ASP A CA  1 
ATOM   679  C  C   . ASP A 1 80  ? 7.398   15.711  7.360   1.00 21.93 ? 78  ASP A C   1 
ATOM   680  O  O   . ASP A 1 80  ? 6.639   16.115  6.469   1.00 21.71 ? 78  ASP A O   1 
ATOM   681  C  CB  A ASP A 1 80  ? 6.326   16.013  9.649   0.50 21.76 ? 78  ASP A CB  1 
ATOM   682  C  CB  B ASP A 1 80  ? 6.208   15.896  9.511   0.50 22.79 ? 78  ASP A CB  1 
ATOM   683  C  CG  A ASP A 1 80  ? 5.398   15.379  10.698  0.50 20.84 ? 78  ASP A CG  1 
ATOM   684  C  CG  B ASP A 1 80  ? 4.791   16.092  9.209   0.50 24.30 ? 78  ASP A CG  1 
ATOM   685  O  OD1 A ASP A 1 80  ? 4.949   14.229  10.462  0.50 20.71 ? 78  ASP A OD1 1 
ATOM   686  O  OD1 B ASP A 1 80  ? 4.319   15.351  8.322   0.50 29.77 ? 78  ASP A OD1 1 
ATOM   687  O  OD2 A ASP A 1 80  ? 5.088   16.022  11.735  0.50 23.04 ? 78  ASP A OD2 1 
ATOM   688  O  OD2 B ASP A 1 80  ? 4.140   16.913  9.865   0.50 30.24 ? 78  ASP A OD2 1 
ATOM   689  N  N   . HIS A 1 81  ? 8.727   15.887  7.322   1.00 20.71 ? 79  HIS A N   1 
ATOM   690  C  CA  A HIS A 1 81  ? 9.334   16.651  6.241   0.60 20.07 ? 79  HIS A CA  1 
ATOM   691  C  CA  B HIS A 1 81  ? 9.440   16.662  6.315   0.40 20.53 ? 79  HIS A CA  1 
ATOM   692  C  C   . HIS A 1 81  ? 10.068  15.769  5.210   1.00 19.68 ? 79  HIS A C   1 
ATOM   693  O  O   . HIS A 1 81  ? 10.634  16.258  4.241   1.00 20.18 ? 79  HIS A O   1 
ATOM   694  C  CB  A HIS A 1 81  ? 10.220  17.740  6.820   0.60 19.43 ? 79  HIS A CB  1 
ATOM   695  C  CB  B HIS A 1 81  ? 10.525  17.424  7.056   0.40 20.68 ? 79  HIS A CB  1 
ATOM   696  C  CG  A HIS A 1 81  ? 9.497   18.664  7.757   0.60 19.30 ? 79  HIS A CG  1 
ATOM   697  C  CG  B HIS A 1 81  ? 11.051  16.666  8.234   0.40 22.30 ? 79  HIS A CG  1 
ATOM   698  N  ND1 A HIS A 1 81  ? 8.577   19.593  7.315   0.60 17.08 ? 79  HIS A ND1 1 
ATOM   699  N  ND1 B HIS A 1 81  ? 10.268  16.370  9.331   0.40 21.32 ? 79  HIS A ND1 1 
ATOM   700  C  CD2 A HIS A 1 81  ? 9.534   18.778  9.110   0.60 18.86 ? 79  HIS A CD2 1 
ATOM   701  C  CD2 B HIS A 1 81  ? 12.236  16.049  8.442   0.40 24.35 ? 79  HIS A CD2 1 
ATOM   702  C  CE1 A HIS A 1 81  ? 8.085   20.246  8.359   0.60 19.41 ? 79  HIS A CE1 1 
ATOM   703  C  CE1 B HIS A 1 81  ? 10.965  15.648  10.184  0.40 22.15 ? 79  HIS A CE1 1 
ATOM   704  N  NE2 A HIS A 1 81  ? 8.656   19.779  9.457   0.60 18.43 ? 79  HIS A NE2 1 
ATOM   705  N  NE2 B HIS A 1 81  ? 12.164  15.440  9.671   0.40 25.38 ? 79  HIS A NE2 1 
ATOM   706  N  N   . GLU A 1 82  ? 9.994   14.460  5.389   1.00 17.14 ? 80  GLU A N   1 
ATOM   707  C  CA  . GLU A 1 82  ? 10.563  13.511  4.425   1.00 14.78 ? 80  GLU A CA  1 
ATOM   708  C  C   . GLU A 1 82  ? 9.610   13.337  3.223   1.00 14.34 ? 80  GLU A C   1 
ATOM   709  O  O   . GLU A 1 82  ? 8.433   13.633  3.362   1.00 15.60 ? 80  GLU A O   1 
ATOM   710  C  CB  . GLU A 1 82  ? 10.825  12.158  5.113   1.00 14.58 ? 80  GLU A CB  1 
ATOM   711  C  CG  . GLU A 1 82  ? 11.919  12.228  6.129   1.00 15.44 ? 80  GLU A CG  1 
ATOM   712  C  CD  . GLU A 1 82  ? 12.265  10.893  6.734   1.00 21.11 ? 80  GLU A CD  1 
ATOM   713  O  OE1 . GLU A 1 82  ? 11.390  10.234  7.323   1.00 18.67 ? 80  GLU A OE1 1 
ATOM   714  O  OE2 . GLU A 1 82  ? 13.458  10.494  6.689   1.00 26.05 ? 80  GLU A OE2 1 
ATOM   715  N  N   . ASN A 1 83  ? 10.095  12.793  2.094   1.00 12.98 ? 81  ASN A N   1 
ATOM   716  C  CA  . ASN A 1 83  ? 9.268   12.542  0.910   1.00 13.54 ? 81  ASN A CA  1 
ATOM   717  C  C   . ASN A 1 83  ? 8.706   11.102  0.970   1.00 12.46 ? 81  ASN A C   1 
ATOM   718  O  O   . ASN A 1 83  ? 9.429   10.143  0.740   1.00 11.65 ? 81  ASN A O   1 
ATOM   719  C  CB  . ASN A 1 83  ? 10.072  12.731  -0.393  1.00 14.32 ? 81  ASN A CB  1 
ATOM   720  C  CG  . ASN A 1 83  ? 9.213   12.549  -1.687  1.00 15.94 ? 81  ASN A CG  1 
ATOM   721  O  OD1 . ASN A 1 83  ? 8.216   11.841  -1.716  1.00 14.96 ? 81  ASN A OD1 1 
ATOM   722  N  ND2 . ASN A 1 83  ? 9.604   13.226  -2.744  1.00 21.74 ? 81  ASN A ND2 1 
ATOM   723  N  N   . PRO A 1 84  ? 7.416   10.941  1.295   1.00 11.78 ? 82  PRO A N   1 
ATOM   724  C  CA  . PRO A 1 84  ? 6.900   9.602   1.499   1.00 10.50 ? 82  PRO A CA  1 
ATOM   725  C  C   . PRO A 1 84  ? 6.885   8.776   0.216   1.00 8.93  ? 82  PRO A C   1 
ATOM   726  O  O   . PRO A 1 84  ? 7.048   7.589   0.250   1.00 10.94 ? 82  PRO A O   1 
ATOM   727  C  CB  . PRO A 1 84  ? 5.497   9.827   2.072   1.00 11.42 ? 82  PRO A CB  1 
ATOM   728  C  CG  . PRO A 1 84  ? 5.076   11.168  1.477   1.00 13.03 ? 82  PRO A CG  1 
ATOM   729  C  CD  . PRO A 1 84  ? 6.374   11.982  1.485   1.00 11.89 ? 82  PRO A CD  1 
ATOM   730  N  N   . TRP A 1 85  ? 6.696   9.433   -0.937  1.00 9.60  ? 83  TRP A N   1 
ATOM   731  C  CA  . TRP A 1 85  ? 6.622   8.729   -2.179  1.00 9.57  ? 83  TRP A CA  1 
ATOM   732  C  C   . TRP A 1 85  ? 7.958   8.097   -2.574  1.00 10.16 ? 83  TRP A C   1 
ATOM   733  O  O   . TRP A 1 85  ? 7.999   6.960   -3.039  1.00 10.77 ? 83  TRP A O   1 
ATOM   734  C  CB  . TRP A 1 85  ? 6.060   9.635   -3.299  1.00 9.18  ? 83  TRP A CB  1 
ATOM   735  C  CG  . TRP A 1 85  ? 4.779   10.275  -2.883  1.00 9.52  ? 83  TRP A CG  1 
ATOM   736  C  CD1 . TRP A 1 85  ? 4.569   11.570  -2.552  1.00 10.07 ? 83  TRP A CD1 1 
ATOM   737  C  CD2 . TRP A 1 85  ? 3.556   9.573   -2.599  1.00 9.92  ? 83  TRP A CD2 1 
ATOM   738  N  NE1 . TRP A 1 85  ? 3.255   11.719  -2.109  1.00 11.95 ? 83  TRP A NE1 1 
ATOM   739  C  CE2 . TRP A 1 85  ? 2.632   10.513  -2.157  1.00 10.00 ? 83  TRP A CE2 1 
ATOM   740  C  CE3 . TRP A 1 85  ? 3.161   8.249   -2.707  1.00 12.43 ? 83  TRP A CE3 1 
ATOM   741  C  CZ2 . TRP A 1 85  ? 1.280   10.125  -1.807  1.00 11.78 ? 83  TRP A CZ2 1 
ATOM   742  C  CZ3 . TRP A 1 85  ? 1.858   7.908   -2.363  1.00 12.49 ? 83  TRP A CZ3 1 
ATOM   743  C  CH2 . TRP A 1 85  ? 0.966   8.851   -1.902  1.00 13.58 ? 83  TRP A CH2 1 
ATOM   744  N  N   . ALA A 1 86  ? 9.022   8.875   -2.364  1.00 11.60 ? 84  ALA A N   1 
ATOM   745  C  CA  . ALA A 1 86  ? 10.363  8.366   -2.639  1.00 11.95 ? 84  ALA A CA  1 
ATOM   746  C  C   . ALA A 1 86  ? 10.695  7.242   -1.707  1.00 11.93 ? 84  ALA A C   1 
ATOM   747  O  O   . ALA A 1 86  ? 11.262  6.258   -2.130  1.00 13.93 ? 84  ALA A O   1 
ATOM   748  C  CB  . ALA A 1 86  ? 11.395  9.444   -2.540  1.00 12.11 ? 84  ALA A CB  1 
HETATM 749  N  N   . MSE A 1 87  ? 10.277  7.363   -0.458  1.00 11.23 ? 85  MSE A N   1 
HETATM 750  C  CA  A MSE A 1 87  ? 10.564  6.316   0.513   0.60 11.43 ? 85  MSE A CA  1 
HETATM 751  C  CA  B MSE A 1 87  ? 10.520  6.347   0.571   0.40 12.42 ? 85  MSE A CA  1 
HETATM 752  C  C   . MSE A 1 87  ? 9.780   5.041   0.246   1.00 12.38 ? 85  MSE A C   1 
HETATM 753  O  O   . MSE A 1 87  ? 10.309  3.971   0.367   1.00 13.31 ? 85  MSE A O   1 
HETATM 754  C  CB  A MSE A 1 87  ? 10.299  6.828   1.876   0.60 11.31 ? 85  MSE A CB  1 
HETATM 755  C  CB  B MSE A 1 87  ? 10.072  6.891   1.922   0.40 13.22 ? 85  MSE A CB  1 
HETATM 756  C  CG  A MSE A 1 87  ? 11.316  7.846   2.276   0.60 12.02 ? 85  MSE A CG  1 
HETATM 757  C  CG  B MSE A 1 87  ? 10.909  8.065   2.414   0.40 16.93 ? 85  MSE A CG  1 
HETATM 758  SE SE  A MSE A 1 87  ? 10.888  8.672   3.919   0.36 14.60 ? 85  MSE A SE  1 
HETATM 759  SE SE  B MSE A 1 87  ? 12.659  7.507   2.983   0.24 26.50 ? 85  MSE A SE  1 
HETATM 760  C  CE  A MSE A 1 87  ? 11.123  7.199   5.153   0.60 12.60 ? 85  MSE A CE  1 
HETATM 761  C  CE  B MSE A 1 87  ? 12.102  6.758   4.692   0.40 24.92 ? 85  MSE A CE  1 
ATOM   762  N  N   . ILE A 1 88  ? 8.518   5.143   -0.163  1.00 10.43 ? 86  ILE A N   1 
ATOM   763  C  CA  . ILE A 1 88  ? 7.760   3.967   -0.544  1.00 11.14 ? 86  ILE A CA  1 
ATOM   764  C  C   . ILE A 1 88  ? 8.419   3.320   -1.726  1.00 11.43 ? 86  ILE A C   1 
ATOM   765  O  O   . ILE A 1 88  ? 8.550   2.104   -1.787  1.00 12.14 ? 86  ILE A O   1 
ATOM   766  C  CB  . ILE A 1 88  ? 6.297   4.342   -0.943  1.00 10.42 ? 86  ILE A CB  1 
ATOM   767  C  CG1 . ILE A 1 88  ? 5.481   4.686   0.297   1.00 10.02 ? 86  ILE A CG1 1 
ATOM   768  C  CG2 . ILE A 1 88  ? 5.599   3.189   -1.697  1.00 11.99 ? 86  ILE A CG2 1 
ATOM   769  C  CD1 . ILE A 1 88  ? 4.266   5.519   0.020   1.00 12.33 ? 86  ILE A CD1 1 
ATOM   770  N  N   . ALA A 1 89  ? 8.803   4.139   -2.698  1.00 12.43 ? 87  ALA A N   1 
ATOM   771  C  CA  . ALA A 1 89  ? 9.411   3.584   -3.903  1.00 13.57 ? 87  ALA A CA  1 
ATOM   772  C  C   . ALA A 1 89  ? 10.735  2.894   -3.552  1.00 14.23 ? 87  ALA A C   1 
ATOM   773  O  O   . ALA A 1 89  ? 11.065  1.827   -4.151  1.00 14.74 ? 87  ALA A O   1 
ATOM   774  C  CB  . ALA A 1 89  ? 9.657   4.706   -4.935  1.00 14.68 ? 87  ALA A CB  1 
ATOM   775  N  N   . ASP A 1 90  ? 11.522  3.480   -2.630  1.00 14.38 ? 88  ASP A N   1 
ATOM   776  C  CA  A ASP A 1 90  ? 12.753  2.856   -2.203  0.60 14.69 ? 88  ASP A CA  1 
ATOM   777  C  CA  B ASP A 1 90  ? 12.763  2.838   -2.211  0.40 14.74 ? 88  ASP A CA  1 
ATOM   778  C  C   . ASP A 1 90  ? 12.476  1.471   -1.596  1.00 14.10 ? 88  ASP A C   1 
ATOM   779  O  O   . ASP A 1 90  ? 13.198  0.525   -1.853  1.00 15.93 ? 88  ASP A O   1 
ATOM   780  C  CB  A ASP A 1 90  ? 13.483  3.737   -1.180  0.60 15.32 ? 88  ASP A CB  1 
ATOM   781  C  CB  B ASP A 1 90  ? 13.568  3.690   -1.218  0.40 15.36 ? 88  ASP A CB  1 
ATOM   782  C  CG  A ASP A 1 90  ? 13.974  5.056   -1.767  0.60 17.29 ? 88  ASP A CG  1 
ATOM   783  C  CG  B ASP A 1 90  ? 14.844  2.975   -0.719  0.40 17.37 ? 88  ASP A CG  1 
ATOM   784  O  OD1 A ASP A 1 90  ? 14.008  5.202   -3.025  0.60 21.46 ? 88  ASP A OD1 1 
ATOM   785  O  OD1 B ASP A 1 90  ? 15.594  2.432   -1.549  0.40 23.17 ? 88  ASP A OD1 1 
ATOM   786  O  OD2 A ASP A 1 90  ? 14.328  5.959   -0.969  0.60 21.79 ? 88  ASP A OD2 1 
ATOM   787  O  OD2 B ASP A 1 90  ? 15.079  2.962   0.501   0.40 21.82 ? 88  ASP A OD2 1 
ATOM   788  N  N   . GLN A 1 91  ? 11.419  1.339   -0.791  1.00 11.79 ? 89  GLN A N   1 
ATOM   789  C  CA  . GLN A 1 91  ? 11.034  0.044   -0.214  1.00 10.64 ? 89  GLN A CA  1 
ATOM   790  C  C   . GLN A 1 91  ? 10.725  -0.971  -1.321  1.00 11.77 ? 89  GLN A C   1 
ATOM   791  O  O   . GLN A 1 91  ? 11.000  -2.164  -1.181  1.00 13.01 ? 89  GLN A O   1 
ATOM   792  C  CB  . GLN A 1 91  ? 9.877   0.188   0.777   1.00 11.46 ? 89  GLN A CB  1 
ATOM   793  C  CG  . GLN A 1 91  ? 10.251  0.962   1.984   1.00 11.55 ? 89  GLN A CG  1 
ATOM   794  C  CD  . GLN A 1 91  ? 11.249  0.271   2.858   1.00 13.29 ? 89  GLN A CD  1 
ATOM   795  O  OE1 . GLN A 1 91  ? 11.206  -0.924  2.993   1.00 15.87 ? 89  GLN A OE1 1 
ATOM   796  N  NE2 . GLN A 1 91  ? 12.079  1.039   3.492   1.00 17.04 ? 89  GLN A NE2 1 
ATOM   797  N  N   . VAL A 1 92  ? 10.020  -0.534  -2.361  1.00 11.66 ? 90  VAL A N   1 
ATOM   798  C  CA  . VAL A 1 92  ? 9.677   -1.401  -3.486  1.00 12.54 ? 90  VAL A CA  1 
ATOM   799  C  C   . VAL A 1 92  ? 10.940  -1.798  -4.265  1.00 14.14 ? 90  VAL A C   1 
ATOM   800  O  O   . VAL A 1 92  ? 11.144  -2.987  -4.570  1.00 14.30 ? 90  VAL A O   1 
ATOM   801  C  CB  . VAL A 1 92  ? 8.617   -0.716  -4.364  1.00 12.51 ? 90  VAL A CB  1 
ATOM   802  C  CG1 . VAL A 1 92  ? 8.360   -1.476  -5.699  1.00 13.13 ? 90  VAL A CG1 1 
ATOM   803  C  CG2 . VAL A 1 92  ? 7.279   -0.521  -3.620  1.00 12.26 ? 90  VAL A CG2 1 
ATOM   804  N  N   . LYS A 1 93  ? 11.785  -0.817  -4.541  1.00 15.11 ? 91  LYS A N   1 
ATOM   805  C  CA  . LYS A 1 93  ? 13.054  -1.069  -5.223  1.00 17.03 ? 91  LYS A CA  1 
ATOM   806  C  C   . LYS A 1 93  ? 13.991  -1.998  -4.419  1.00 16.69 ? 91  LYS A C   1 
ATOM   807  O  O   . LYS A 1 93  ? 14.628  -2.905  -5.029  1.00 17.85 ? 91  LYS A O   1 
ATOM   808  C  CB  . LYS A 1 93  ? 13.675  0.284   -5.655  1.00 16.98 ? 91  LYS A CB  1 
ATOM   809  C  CG  . LYS A 1 93  ? 12.815  1.017   -6.754  1.00 19.29 ? 91  LYS A CG  1 
ATOM   810  C  CD  . LYS A 1 93  ? 13.205  2.482   -6.939  1.00 24.05 ? 91  LYS A CD  1 
ATOM   811  C  CE  . LYS A 1 93  ? 12.315  3.219   -7.930  1.00 24.48 ? 91  LYS A CE  1 
ATOM   812  N  NZ  . LYS A 1 93  ? 12.754  4.650   -8.118  1.00 29.13 ? 91  LYS A NZ  1 
ATOM   813  N  N   . GLN A 1 94  ? 13.993  -1.905  -3.090  1.00 16.70 ? 92  GLN A N   1 
ATOM   814  C  CA  . GLN A 1 94  ? 14.777  -2.822  -2.218  1.00 18.18 ? 92  GLN A CA  1 
ATOM   815  C  C   . GLN A 1 94  ? 14.308  -4.255  -2.318  1.00 16.66 ? 92  GLN A C   1 
ATOM   816  O  O   . GLN A 1 94  ? 15.097  -5.203  -2.077  1.00 17.87 ? 92  GLN A O   1 
ATOM   817  C  CB  . GLN A 1 94  ? 14.632  -2.417  -0.764  1.00 19.06 ? 92  GLN A CB  1 
ATOM   818  C  CG  . GLN A 1 94  ? 15.352  -1.186  -0.396  1.00 24.09 ? 92  GLN A CG  1 
ATOM   819  C  CD  . GLN A 1 94  ? 15.071  -0.751  1.046   1.00 29.85 ? 92  GLN A CD  1 
ATOM   820  O  OE1 . GLN A 1 94  ? 14.663  -1.559  1.912   1.00 34.00 ? 92  GLN A OE1 1 
ATOM   821  N  NE2 . GLN A 1 94  ? 15.303  0.516   1.310   1.00 33.34 ? 92  GLN A NE2 1 
ATOM   822  N  N   . ARG A 1 95  ? 13.025  -4.432  -2.695  1.00 15.44 ? 93  ARG A N   1 
ATOM   823  C  CA  . ARG A 1 95  ? 12.394  -5.726  -2.784  1.00 14.80 ? 93  ARG A CA  1 
ATOM   824  C  C   . ARG A 1 95  ? 12.479  -6.254  -4.221  1.00 15.62 ? 93  ARG A C   1 
ATOM   825  O  O   . ARG A 1 95  ? 11.836  -7.241  -4.571  1.00 15.55 ? 93  ARG A O   1 
ATOM   826  C  CB  . ARG A 1 95  ? 10.932  -5.627  -2.303  1.00 13.72 ? 93  ARG A CB  1 
ATOM   827  C  CG  . ARG A 1 95  ? 10.891  -5.536  -0.820  1.00 12.91 ? 93  ARG A CG  1 
ATOM   828  C  CD  . ARG A 1 95  ? 9.483   -5.186  -0.338  1.00 14.45 ? 93  ARG A CD  1 
ATOM   829  N  NE  . ARG A 1 95  ? 9.325   -5.293  1.087   1.00 11.99 ? 93  ARG A NE  1 
ATOM   830  C  CZ  . ARG A 1 95  ? 9.755   -4.392  1.962   1.00 11.04 ? 93  ARG A CZ  1 
ATOM   831  N  NH1 . ARG A 1 95  ? 10.364  -3.267  1.566   1.00 13.31 ? 93  ARG A NH1 1 
ATOM   832  N  NH2 . ARG A 1 95  ? 9.502   -4.569  3.260   1.00 11.47 ? 93  ARG A NH2 1 
ATOM   833  N  N   . HIS A 1 96  ? 13.318  -5.607  -5.016  1.00 16.79 ? 94  HIS A N   1 
ATOM   834  C  CA  . HIS A 1 96  ? 13.632  -6.036  -6.385  1.00 17.97 ? 94  HIS A CA  1 
ATOM   835  C  C   . HIS A 1 96  ? 12.465  -5.995  -7.326  1.00 17.28 ? 94  HIS A C   1 
ATOM   836  O  O   . HIS A 1 96  ? 12.377  -6.806  -8.266  1.00 17.86 ? 94  HIS A O   1 
ATOM   837  C  CB  . HIS A 1 96  ? 14.310  -7.413  -6.362  1.00 18.81 ? 94  HIS A CB  1 
ATOM   838  C  CG  . HIS A 1 96  ? 15.428  -7.504  -5.368  1.00 23.13 ? 94  HIS A CG  1 
ATOM   839  N  ND1 . HIS A 1 96  ? 16.586  -6.760  -5.487  1.00 28.08 ? 94  HIS A ND1 1 
ATOM   840  C  CD2 . HIS A 1 96  ? 15.535  -8.178  -4.197  1.00 28.27 ? 94  HIS A CD2 1 
ATOM   841  C  CE1 . HIS A 1 96  ? 17.371  -7.003  -4.453  1.00 28.72 ? 94  HIS A CE1 1 
ATOM   842  N  NE2 . HIS A 1 96  ? 16.757  -7.857  -3.654  1.00 30.14 ? 94  HIS A NE2 1 
ATOM   843  N  N   . VAL A 1 97  ? 11.572  -5.021  -7.116  1.00 16.12 ? 95  VAL A N   1 
ATOM   844  C  CA  . VAL A 1 97  ? 10.428  -4.828  -7.960  1.00 15.19 ? 95  VAL A CA  1 
ATOM   845  C  C   . VAL A 1 97  ? 10.555  -3.534  -8.720  1.00 14.33 ? 95  VAL A C   1 
ATOM   846  O  O   . VAL A 1 97  ? 10.772  -2.453  -8.135  1.00 16.04 ? 95  VAL A O   1 
ATOM   847  C  CB  . VAL A 1 97  ? 9.111   -4.846  -7.140  1.00 14.98 ? 95  VAL A CB  1 
ATOM   848  C  CG1 . VAL A 1 97  ? 7.937   -4.382  -8.040  1.00 14.83 ? 95  VAL A CG1 1 
ATOM   849  C  CG2 . VAL A 1 97  ? 8.883   -6.201  -6.474  1.00 17.74 ? 95  VAL A CG2 1 
ATOM   850  N  N   . ASN A 1 98  ? 10.470  -3.630  -10.046 1.00 14.97 ? 96  ASN A N   1 
ATOM   851  C  CA  A ASN A 1 98  ? 10.377  -2.468  -10.919 0.60 14.42 ? 96  ASN A CA  1 
ATOM   852  C  CA  B ASN A 1 98  ? 10.387  -2.458  -10.860 0.40 14.36 ? 96  ASN A CA  1 
ATOM   853  C  C   . ASN A 1 98  ? 8.980   -2.559  -11.458 1.00 14.78 ? 96  ASN A C   1 
ATOM   854  O  O   . ASN A 1 98  ? 8.735   -3.311  -12.419 1.00 15.15 ? 96  ASN A O   1 
ATOM   855  C  CB  A ASN A 1 98  ? 11.408  -2.524  -12.052 0.60 16.12 ? 96  ASN A CB  1 
ATOM   856  C  CB  B ASN A 1 98  ? 11.571  -2.399  -11.832 0.40 15.52 ? 96  ASN A CB  1 
ATOM   857  C  CG  A ASN A 1 98  ? 11.269  -1.375  -13.059 0.60 17.98 ? 96  ASN A CG  1 
ATOM   858  C  CG  B ASN A 1 98  ? 12.941  -2.565  -11.112 0.40 15.77 ? 96  ASN A CG  1 
ATOM   859  O  OD1 A ASN A 1 98  ? 10.616  -0.363  -12.811 0.60 19.88 ? 96  ASN A OD1 1 
ATOM   860  O  OD1 B ASN A 1 98  ? 13.623  -3.580  -11.281 0.40 21.87 ? 96  ASN A OD1 1 
ATOM   861  N  ND2 A ASN A 1 98  ? 11.942  -1.529  -14.206 0.60 23.52 ? 96  ASN A ND2 1 
ATOM   862  N  ND2 B ASN A 1 98  ? 13.333  -1.561  -10.303 0.40 17.07 ? 96  ASN A ND2 1 
ATOM   863  N  N   . PRO A 1 99  ? 8.028   -1.834  -10.833 1.00 13.11 ? 97  PRO A N   1 
ATOM   864  C  CA  . PRO A 1 99  ? 6.629   -2.167  -11.136 1.00 14.24 ? 97  PRO A CA  1 
ATOM   865  C  C   . PRO A 1 99  ? 6.148   -1.831  -12.520 1.00 14.17 ? 97  PRO A C   1 
ATOM   866  O  O   . PRO A 1 99  ? 6.403   -0.728  -13.074 1.00 15.50 ? 97  PRO A O   1 
ATOM   867  C  CB  . PRO A 1 99  ? 5.826   -1.371  -10.106 1.00 14.34 ? 97  PRO A CB  1 
ATOM   868  C  CG  . PRO A 1 99  ? 6.691   -0.320  -9.648  1.00 15.45 ? 97  PRO A CG  1 
ATOM   869  C  CD  . PRO A 1 99  ? 8.133   -0.817  -9.772  1.00 13.79 ? 97  PRO A CD  1 
ATOM   870  N  N   . GLU A 1 100 ? 5.420   -2.768  -13.086 1.00 12.80 ? 98  GLU A N   1 
ATOM   871  C  CA  . GLU A 1 100 ? 4.743   -2.536  -14.351 1.00 13.10 ? 98  GLU A CA  1 
ATOM   872  C  C   . GLU A 1 100 ? 3.283   -2.302  -14.020 1.00 13.04 ? 98  GLU A C   1 
ATOM   873  O  O   . GLU A 1 100 ? 2.959   -1.184  -13.593 1.00 12.13 ? 98  GLU A O   1 
ATOM   874  C  CB  . GLU A 1 100 ? 4.992   -3.688  -15.326 1.00 15.09 ? 98  GLU A CB  1 
ATOM   875  C  CG  . GLU A 1 100 ? 6.471   -3.708  -15.760 1.00 19.29 ? 98  GLU A CG  1 
ATOM   876  C  CD  . GLU A 1 100 ? 6.795   -4.723  -16.836 1.00 24.84 ? 98  GLU A CD  1 
ATOM   877  O  OE1 . GLU A 1 100 ? 5.887   -5.197  -17.539 1.00 29.12 ? 98  GLU A OE1 1 
ATOM   878  O  OE2 . GLU A 1 100 ? 7.997   -5.028  -16.957 1.00 32.64 ? 98  GLU A OE2 1 
ATOM   879  N  N   . HIS A 1 101 ? 2.405   -3.286  -14.086 1.00 10.94 ? 99  HIS A N   1 
ATOM   880  C  CA  . HIS A 1 101 ? 1.026   -3.063  -13.709 1.00 11.11 ? 99  HIS A CA  1 
ATOM   881  C  C   . HIS A 1 101 ? 0.912   -2.948  -12.210 1.00 11.04 ? 99  HIS A C   1 
ATOM   882  O  O   . HIS A 1 101 ? 1.474   -3.770  -11.472 1.00 10.15 ? 99  HIS A O   1 
ATOM   883  C  CB  . HIS A 1 101 ? 0.095   -4.123  -14.257 1.00 12.02 ? 99  HIS A CB  1 
ATOM   884  C  CG  . HIS A 1 101 ? 0.098   -4.182  -15.730 1.00 11.03 ? 99  HIS A CG  1 
ATOM   885  N  ND1 . HIS A 1 101 ? -0.749  -3.429  -16.507 1.00 13.36 ? 99  HIS A ND1 1 
ATOM   886  C  CD2 . HIS A 1 101 ? 0.961   -4.786  -16.575 1.00 15.52 ? 99  HIS A CD2 1 
ATOM   887  C  CE1 . HIS A 1 101 ? -0.492  -3.686  -17.784 1.00 15.25 ? 99  HIS A CE1 1 
ATOM   888  N  NE2 . HIS A 1 101 ? 0.561   -4.478  -17.850 1.00 17.64 ? 99  HIS A NE2 1 
ATOM   889  N  N   . VAL A 1 102 ? 0.276   -1.872  -11.736 1.00 9.03  ? 100 VAL A N   1 
ATOM   890  C  CA  . VAL A 1 102 ? 0.035   -1.597  -10.319 1.00 9.65  ? 100 VAL A CA  1 
ATOM   891  C  C   . VAL A 1 102 ? -1.452  -1.475  -10.068 1.00 9.09  ? 100 VAL A C   1 
ATOM   892  O  O   . VAL A 1 102 ? -2.149  -0.776  -10.810 1.00 12.07 ? 100 VAL A O   1 
ATOM   893  C  CB  . VAL A 1 102 ? 0.773   -0.314  -9.832  1.00 9.55  ? 100 VAL A CB  1 
ATOM   894  C  CG1 . VAL A 1 102 ? 0.503   -0.121  -8.366  1.00 11.73 ? 100 VAL A CG1 1 
ATOM   895  C  CG2 . VAL A 1 102 ? 2.267   -0.418  -10.105 1.00 11.61 ? 100 VAL A CG2 1 
ATOM   896  N  N   . ALA A 1 103 ? -1.994  -2.211  -9.102  1.00 8.25  ? 101 ALA A N   1 
ATOM   897  C  CA  . ALA A 1 103 ? -3.385  -2.099  -8.715  1.00 7.24  ? 101 ALA A CA  1 
ATOM   898  C  C   . ALA A 1 103 ? -3.507  -1.115  -7.563  1.00 8.17  ? 101 ALA A C   1 
ATOM   899  O  O   . ALA A 1 103 ? -2.645  -1.079  -6.673  1.00 8.68  ? 101 ALA A O   1 
ATOM   900  C  CB  . ALA A 1 103 ? -3.897  -3.453  -8.277  1.00 8.66  ? 101 ALA A CB  1 
ATOM   901  N  N   . ILE A 1 104 ? -4.548  -0.300  -7.646  1.00 7.34  ? 102 ILE A N   1 
ATOM   902  C  CA  . ILE A 1 104 ? -4.871  0.694   -6.611  1.00 6.49  ? 102 ILE A CA  1 
ATOM   903  C  C   . ILE A 1 104 ? -6.380  0.609   -6.300  1.00 6.34  ? 102 ILE A C   1 
ATOM   904  O  O   . ILE A 1 104 ? -7.145  -0.022  -7.063  1.00 7.33  ? 102 ILE A O   1 
ATOM   905  C  CB  . ILE A 1 104 ? -4.464  2.132   -6.993  1.00 7.36  ? 102 ILE A CB  1 
ATOM   906  C  CG1 . ILE A 1 104 ? -4.949  2.470   -8.385  1.00 7.65  ? 102 ILE A CG1 1 
ATOM   907  C  CG2 . ILE A 1 104 ? -2.933  2.262   -6.881  1.00 8.28  ? 102 ILE A CG2 1 
ATOM   908  C  CD1 . ILE A 1 104 ? -4.907  3.920   -8.689  1.00 10.32 ? 102 ILE A CD1 1 
ATOM   909  N  N   . GLU A 1 105 ? -6.831  1.269   -5.259  1.00 6.75  ? 103 GLU A N   1 
ATOM   910  C  CA  . GLU A 1 105 ? -8.223  1.380   -4.880  1.00 6.91  ? 103 GLU A CA  1 
ATOM   911  C  C   . GLU A 1 105 ? -8.695  2.692   -5.501  1.00 6.32  ? 103 GLU A C   1 
ATOM   912  O  O   . GLU A 1 105 ? -8.716  3.777   -4.891  1.00 6.73  ? 103 GLU A O   1 
ATOM   913  C  CB  . GLU A 1 105 ? -8.354  1.452   -3.350  1.00 6.64  ? 103 GLU A CB  1 
ATOM   914  C  CG  . GLU A 1 105 ? -7.879  0.142   -2.742  1.00 7.03  ? 103 GLU A CG  1 
ATOM   915  C  CD  . GLU A 1 105 ? -8.073  0.141   -1.257  1.00 9.03  ? 103 GLU A CD  1 
ATOM   916  O  OE1 . GLU A 1 105 ? -7.160  0.604   -0.522  1.00 9.06  ? 103 GLU A OE1 1 
ATOM   917  O  OE2 . GLU A 1 105 ? -9.115  -0.378  -0.796  1.00 9.68  ? 103 GLU A OE2 1 
ATOM   918  N  N   . LYS A 1 106 ? -9.121  2.610   -6.744  1.00 7.19  ? 104 LYS A N   1 
ATOM   919  C  CA  . LYS A 1 106 ? -9.390  3.822   -7.519  1.00 7.33  ? 104 LYS A CA  1 
ATOM   920  C  C   . LYS A 1 106 ? -10.569 4.602   -7.016  1.00 7.06  ? 104 LYS A C   1 
ATOM   921  O  O   . LYS A 1 106 ? -10.677 5.808   -7.233  1.00 6.95  ? 104 LYS A O   1 
ATOM   922  C  CB  . LYS A 1 106 ? -9.617  3.490   -8.993  1.00 7.78  ? 104 LYS A CB  1 
ATOM   923  C  CG  . LYS A 1 106 ? -8.367  2.948   -9.600  1.00 8.14  ? 104 LYS A CG  1 
ATOM   924  C  CD  . LYS A 1 106 ? -8.427  2.827   -11.155 1.00 9.15  ? 104 LYS A CD  1 
ATOM   925  C  CE  . LYS A 1 106 ? -7.060  2.532   -11.774 1.00 10.85 ? 104 LYS A CE  1 
ATOM   926  N  NZ  . LYS A 1 106 ? -7.143  2.427   -13.329 1.00 9.69  ? 104 LYS A NZ  1 
ATOM   927  N  N   . GLY A 1 107 ? -11.537 3.981   -6.348  1.00 7.30  ? 105 GLY A N   1 
ATOM   928  C  CA  . GLY A 1 107 ? -12.652 4.720   -5.800  1.00 6.77  ? 105 GLY A CA  1 
ATOM   929  C  C   . GLY A 1 107 ? -12.294 5.666   -4.691  1.00 6.18  ? 105 GLY A C   1 
ATOM   930  O  O   . GLY A 1 107 ? -13.039 6.626   -4.418  1.00 7.95  ? 105 GLY A O   1 
ATOM   931  N  N   . GLN A 1 108 ? -11.159 5.458   -4.048  1.00 6.71  ? 106 GLN A N   1 
ATOM   932  C  CA  . GLN A 1 108 ? -10.712 6.257   -2.906  1.00 7.33  ? 106 GLN A CA  1 
ATOM   933  C  C   . GLN A 1 108 ? -9.457  7.069   -3.213  1.00 7.22  ? 106 GLN A C   1 
ATOM   934  O  O   . GLN A 1 108 ? -9.344  8.180   -2.672  1.00 8.18  ? 106 GLN A O   1 
ATOM   935  C  CB  . GLN A 1 108 ? -10.516 5.342   -1.666  1.00 7.75  ? 106 GLN A CB  1 
ATOM   936  C  CG  . GLN A 1 108 ? -10.031 6.076   -0.420  1.00 8.82  ? 106 GLN A CG  1 
ATOM   937  C  CD  . GLN A 1 108 ? -8.558  6.256   -0.308  1.00 11.04 ? 106 GLN A CD  1 
ATOM   938  O  OE1 . GLN A 1 108 ? -8.074  7.113   0.511   1.00 16.96 ? 106 GLN A OE1 1 
ATOM   939  N  NE2 . GLN A 1 108 ? -7.866  5.436   -0.947  1.00 9.37  ? 106 GLN A NE2 1 
ATOM   940  N  N   . LEU A 1 109 ? -8.494  6.549   -3.949  1.00 6.54  ? 107 LEU A N   1 
ATOM   941  C  CA  . LEU A 1 109 ? -7.173  7.196   -4.067  1.00 6.03  ? 107 LEU A CA  1 
ATOM   942  C  C   . LEU A 1 109 ? -7.307  8.456   -4.908  1.00 6.92  ? 107 LEU A C   1 
ATOM   943  O  O   . LEU A 1 109 ? -7.865  8.414   -6.023  1.00 6.69  ? 107 LEU A O   1 
ATOM   944  C  CB  . LEU A 1 109 ? -6.171  6.216   -4.654  1.00 6.98  ? 107 LEU A CB  1 
ATOM   945  C  CG  . LEU A 1 109 ? -4.741  6.730   -4.676  1.00 7.00  ? 107 LEU A CG  1 
ATOM   946  C  CD1 . LEU A 1 109 ? -4.224  7.040   -3.282  1.00 7.63  ? 107 LEU A CD1 1 
ATOM   947  C  CD2 . LEU A 1 109 ? -3.821  5.766   -5.405  1.00 11.18 ? 107 LEU A CD2 1 
ATOM   948  N  N   . GLN A 1 110 ? -6.760  9.550   -4.435  1.00 7.41  ? 108 GLN A N   1 
ATOM   949  C  CA  . GLN A 1 110 ? -6.771  10.797  -5.147  1.00 5.58  ? 108 GLN A CA  1 
ATOM   950  C  C   . GLN A 1 110 ? -5.762  10.783  -6.290  1.00 6.12  ? 108 GLN A C   1 
ATOM   951  O  O   . GLN A 1 110 ? -4.714  10.184  -6.188  1.00 7.16  ? 108 GLN A O   1 
ATOM   952  C  CB  . GLN A 1 110 ? -6.446  11.912  -4.199  1.00 6.05  ? 108 GLN A CB  1 
ATOM   953  C  CG  . GLN A 1 110 ? -7.389  11.985  -3.020  1.00 6.86  ? 108 GLN A CG  1 
ATOM   954  C  CD  . GLN A 1 110 ? -6.836  11.319  -1.798  1.00 7.90  ? 108 GLN A CD  1 
ATOM   955  O  OE1 . GLN A 1 110 ? -6.187  10.327  -1.830  1.00 8.87  ? 108 GLN A OE1 1 
ATOM   956  N  NE2 . GLN A 1 110 ? -7.117  11.941  -0.647  1.00 12.68 ? 108 GLN A NE2 1 
ATOM   957  N  N   . VAL A 1 111 ? -6.121  11.421  -7.399  1.00 5.47  ? 109 VAL A N   1 
ATOM   958  C  CA  . VAL A 1 111 ? -5.286  11.469  -8.600  1.00 5.62  ? 109 VAL A CA  1 
ATOM   959  C  C   . VAL A 1 111 ? -3.864  11.904  -8.240  1.00 5.70  ? 109 VAL A C   1 
ATOM   960  O  O   . VAL A 1 111 ? -2.895  11.365  -8.766  1.00 6.53  ? 109 VAL A O   1 
ATOM   961  C  CB  . VAL A 1 111 ? -5.898  12.329  -9.678  1.00 5.89  ? 109 VAL A CB  1 
ATOM   962  C  CG1 . VAL A 1 111 ? -4.941  12.484  -10.850 1.00 5.11  ? 109 VAL A CG1 1 
ATOM   963  C  CG2 . VAL A 1 111 ? -7.196  11.728  -10.283 1.00 6.84  ? 109 VAL A CG2 1 
ATOM   964  N  N   . ALA A 1 112 ? -3.726  12.978  -7.421  1.00 6.20  ? 110 ALA A N   1 
ATOM   965  C  CA  . ALA A 1 112 ? -2.395  13.520  -7.168  1.00 5.50  ? 110 ALA A CA  1 
ATOM   966  C  C   . ALA A 1 112 ? -1.502  12.476  -6.513  1.00 6.01  ? 110 ALA A C   1 
ATOM   967  O  O   . ALA A 1 112 ? -0.268  12.461  -6.689  1.00 7.95  ? 110 ALA A O   1 
ATOM   968  C  CB  . ALA A 1 112 ? -2.467  14.745  -6.282  1.00 7.63  ? 110 ALA A CB  1 
ATOM   969  N  N   . ARG A 1 113 ? -2.091  11.598  -5.688  1.00 6.77  ? 111 ARG A N   1 
ATOM   970  C  CA  . ARG A 1 113 ? -1.329  10.610  -4.993  1.00 7.17  ? 111 ARG A CA  1 
ATOM   971  C  C   . ARG A 1 113 ? -0.925  9.498   -5.919  1.00 7.53  ? 111 ARG A C   1 
ATOM   972  O  O   . ARG A 1 113 ? 0.200   8.971   -5.868  1.00 9.10  ? 111 ARG A O   1 
ATOM   973  C  CB  . ARG A 1 113 ? -2.087  10.109  -3.732  1.00 7.66  ? 111 ARG A CB  1 
ATOM   974  C  CG  . ARG A 1 113 ? -2.312  11.161  -2.736  1.00 8.78  ? 111 ARG A CG  1 
ATOM   975  C  CD  . ARG A 1 113 ? -2.964  10.717  -1.496  1.00 10.48 ? 111 ARG A CD  1 
ATOM   976  N  NE  . ARG A 1 113 ? -3.280  11.875  -0.684  1.00 13.92 ? 111 ARG A NE  1 
ATOM   977  C  CZ  . ARG A 1 113 ? -2.983  12.048  0.581   1.00 14.42 ? 111 ARG A CZ  1 
ATOM   978  N  NH1 . ARG A 1 113 ? -2.470  11.057  1.278   1.00 13.90 ? 111 ARG A NH1 1 
ATOM   979  N  NH2 . ARG A 1 113 ? -3.292  13.235  1.146   1.00 18.38 ? 111 ARG A NH2 1 
HETATM 980  N  N   . MSE A 1 114 ? -1.849  9.009   -6.754  1.00 7.00  ? 112 MSE A N   1 
HETATM 981  C  CA  A MSE A 1 114 ? -1.470  8.079   -7.794  0.50 7.62  ? 112 MSE A CA  1 
HETATM 982  C  CA  B MSE A 1 114 ? -1.495  8.085   -7.799  0.50 7.61  ? 112 MSE A CA  1 
HETATM 983  C  C   . MSE A 1 114 ? -0.318  8.615   -8.599  1.00 8.40  ? 112 MSE A C   1 
HETATM 984  O  O   . MSE A 1 114 ? 0.623   7.891   -8.852  1.00 8.77  ? 112 MSE A O   1 
HETATM 985  C  CB  A MSE A 1 114 ? -2.616  7.721   -8.717  0.50 8.65  ? 112 MSE A CB  1 
HETATM 986  C  CB  B MSE A 1 114 ? -2.711  7.789   -8.665  0.50 8.81  ? 112 MSE A CB  1 
HETATM 987  C  CG  A MSE A 1 114 ? -2.152  6.922   -9.952  0.50 9.28  ? 112 MSE A CG  1 
HETATM 988  C  CG  B MSE A 1 114 ? -2.476  6.801   -9.788  0.50 9.11  ? 112 MSE A CG  1 
HETATM 989  SE SE  A MSE A 1 114 ? -3.547  6.572   -11.181 0.30 13.87 ? 112 MSE A SE  1 
HETATM 990  SE SE  B MSE A 1 114 ? -1.829  7.681   -11.347 0.30 11.74 ? 112 MSE A SE  1 
HETATM 991  C  CE  A MSE A 1 114 ? -3.742  8.371   -11.867 0.50 11.39 ? 112 MSE A CE  1 
HETATM 992  C  CE  B MSE A 1 114 ? -3.514  8.421   -11.952 0.50 11.50 ? 112 MSE A CE  1 
ATOM   993  N  N   . GLU A 1 115 ? -0.390  9.858   -9.028  1.00 7.48  ? 113 GLU A N   1 
ATOM   994  C  CA  . GLU A 1 115 ? 0.673   10.427  -9.860  1.00 7.82  ? 113 GLU A CA  1 
ATOM   995  C  C   . GLU A 1 115 ? 1.965   10.544  -9.101  1.00 8.16  ? 113 GLU A C   1 
ATOM   996  O  O   . GLU A 1 115 ? 3.048   10.375  -9.691  1.00 8.67  ? 113 GLU A O   1 
ATOM   997  C  CB  . GLU A 1 115 ? 0.210   11.778  -10.494 1.00 7.76  ? 113 GLU A CB  1 
ATOM   998  C  CG  . GLU A 1 115 ? -0.885  11.599  -11.468 1.00 7.21  ? 113 GLU A CG  1 
ATOM   999  C  CD  . GLU A 1 115 ? -1.457  12.885  -12.153 1.00 8.38  ? 113 GLU A CD  1 
ATOM   1000 O  OE1 . GLU A 1 115 ? -1.119  13.958  -11.703 1.00 13.75 ? 113 GLU A OE1 1 
ATOM   1001 O  OE2 . GLU A 1 115 ? -2.189  12.679  -13.133 1.00 17.40 ? 113 GLU A OE2 1 
ATOM   1002 N  N   . ALA A 1 116 ? 1.911   10.936  -7.838  1.00 9.09  ? 114 ALA A N   1 
ATOM   1003 C  CA  . ALA A 1 116 ? 3.160   11.073  -7.058  1.00 8.25  ? 114 ALA A CA  1 
ATOM   1004 C  C   . ALA A 1 116 ? 3.854   9.742   -6.908  1.00 9.74  ? 114 ALA A C   1 
ATOM   1005 O  O   . ALA A 1 116 ? 5.078   9.609   -6.970  1.00 10.57 ? 114 ALA A O   1 
ATOM   1006 C  CB  . ALA A 1 116 ? 2.882   11.654  -5.703  1.00 9.34  ? 114 ALA A CB  1 
ATOM   1007 N  N   . LEU A 1 117 ? 3.103   8.711   -6.683  1.00 8.60  ? 115 LEU A N   1 
ATOM   1008 C  CA  . LEU A 1 117 ? 3.619   7.336   -6.638  1.00 7.78  ? 115 LEU A CA  1 
ATOM   1009 C  C   . LEU A 1 117 ? 4.190   6.933   -7.974  1.00 9.03  ? 115 LEU A C   1 
ATOM   1010 O  O   . LEU A 1 117 ? 5.348   6.451   -8.072  1.00 9.78  ? 115 LEU A O   1 
ATOM   1011 C  CB  . LEU A 1 117 ? 2.534   6.377   -6.142  1.00 9.84  ? 115 LEU A CB  1 
ATOM   1012 C  CG  . LEU A 1 117 ? 2.906   4.900   -5.959  1.00 10.60 ? 115 LEU A CG  1 
ATOM   1013 C  CD1 . LEU A 1 117 ? 3.956   4.700   -4.871  1.00 11.93 ? 115 LEU A CD1 1 
ATOM   1014 C  CD2 . LEU A 1 117 ? 1.687   4.024   -5.711  1.00 12.65 ? 115 LEU A CD2 1 
ATOM   1015 N  N   . ALA A 1 118 ? 3.424   7.138   -9.065  1.00 9.51  ? 116 ALA A N   1 
ATOM   1016 C  CA  . ALA A 1 118 ? 3.857   6.731   -10.382 1.00 8.63  ? 116 ALA A CA  1 
ATOM   1017 C  C   . ALA A 1 118 ? 5.188   7.416   -10.789 1.00 8.79  ? 116 ALA A C   1 
ATOM   1018 O  O   . ALA A 1 118 ? 6.003   6.807   -11.503 1.00 11.21 ? 116 ALA A O   1 
ATOM   1019 C  CB  . ALA A 1 118 ? 2.778   7.003   -11.398 1.00 10.87 ? 116 ALA A CB  1 
ATOM   1020 N  N   . ALA A 1 119 ? 5.341   8.677   -10.415 1.00 9.24  ? 117 ALA A N   1 
ATOM   1021 C  CA  . ALA A 1 119 ? 6.558   9.458   -10.770 1.00 9.05  ? 117 ALA A CA  1 
ATOM   1022 C  C   . ALA A 1 119 ? 7.814   8.840   -10.249 1.00 10.50 ? 117 ALA A C   1 
ATOM   1023 O  O   . ALA A 1 119 ? 8.882   9.119   -10.789 1.00 11.71 ? 117 ALA A O   1 
ATOM   1024 C  CB  . ALA A 1 119 ? 6.428   10.886  -10.282 1.00 11.36 ? 117 ALA A CB  1 
ATOM   1025 N  N   . GLN A 1 120 ? 7.745   7.989   -9.261  1.00 9.93  ? 118 GLN A N   1 
ATOM   1026 C  CA  . GLN A 1 120 ? 8.955   7.414   -8.647  1.00 10.41 ? 118 GLN A CA  1 
ATOM   1027 C  C   . GLN A 1 120 ? 9.456   6.181   -9.365  1.00 13.70 ? 118 GLN A C   1 
ATOM   1028 O  O   . GLN A 1 120 ? 10.535  5.699   -9.031  1.00 14.97 ? 118 GLN A O   1 
ATOM   1029 C  CB  . GLN A 1 120 ? 8.647   7.098   -7.198  1.00 11.64 ? 118 GLN A CB  1 
ATOM   1030 C  CG  . GLN A 1 120 ? 8.375   8.321   -6.410  1.00 11.43 ? 118 GLN A CG  1 
ATOM   1031 C  CD  . GLN A 1 120 ? 9.616   9.209   -6.152  1.00 10.53 ? 118 GLN A CD  1 
ATOM   1032 O  OE1 . GLN A 1 120 ? 10.728  8.693   -5.973  1.00 15.65 ? 118 GLN A OE1 1 
ATOM   1033 N  NE2 . GLN A 1 120 ? 9.437   10.507  -6.207  1.00 16.80 ? 118 GLN A NE2 1 
ATOM   1034 N  N   . PHE A 1 121 ? 8.688   5.669   -10.327 1.00 12.72 ? 119 PHE A N   1 
ATOM   1035 C  CA  . PHE A 1 121 ? 8.979   4.425   -11.049 1.00 13.73 ? 119 PHE A CA  1 
ATOM   1036 C  C   . PHE A 1 121 ? 9.196   4.669   -12.521 1.00 15.44 ? 119 PHE A C   1 
ATOM   1037 O  O   . PHE A 1 121 ? 8.714   5.671   -13.043 1.00 15.36 ? 119 PHE A O   1 
ATOM   1038 C  CB  . PHE A 1 121 ? 7.880   3.415   -10.836 1.00 13.53 ? 119 PHE A CB  1 
ATOM   1039 C  CG  . PHE A 1 121 ? 7.675   3.072   -9.391  1.00 14.69 ? 119 PHE A CG  1 
ATOM   1040 C  CD1 . PHE A 1 121 ? 6.496   3.412   -8.763  1.00 14.47 ? 119 PHE A CD1 1 
ATOM   1041 C  CD2 . PHE A 1 121 ? 8.643   2.394   -8.678  1.00 13.37 ? 119 PHE A CD2 1 
ATOM   1042 C  CE1 . PHE A 1 121 ? 6.304   3.111   -7.460  1.00 15.18 ? 119 PHE A CE1 1 
ATOM   1043 C  CE2 . PHE A 1 121 ? 8.399   2.083   -7.365  1.00 15.26 ? 119 PHE A CE2 1 
ATOM   1044 C  CZ  . PHE A 1 121 ? 7.224   2.433   -6.790  1.00 13.34 ? 119 PHE A CZ  1 
ATOM   1045 N  N   . SER A 1 122 ? 9.900   3.773   -13.206 1.00 17.31 ? 120 SER A N   1 
ATOM   1046 C  CA  . SER A 1 122 ? 10.295  4.134   -14.571 1.00 18.19 ? 120 SER A CA  1 
ATOM   1047 C  C   . SER A 1 122 ? 9.149   4.139   -15.567 1.00 17.71 ? 120 SER A C   1 
ATOM   1048 O  O   . SER A 1 122 ? 9.016   5.078   -16.347 1.00 17.65 ? 120 SER A O   1 
ATOM   1049 C  CB  . SER A 1 122 ? 11.430  3.285   -15.081 1.00 19.67 ? 120 SER A CB  1 
ATOM   1050 O  OG  . SER A 1 122 ? 11.269  1.971   -14.665 1.00 24.59 ? 120 SER A OG  1 
ATOM   1051 N  N   . ALA A 1 123 ? 8.289   3.131   -15.536 1.00 15.18 ? 121 ALA A N   1 
ATOM   1052 C  CA  . ALA A 1 123 ? 7.153   3.130   -16.472 1.00 15.30 ? 121 ALA A CA  1 
ATOM   1053 C  C   . ALA A 1 123 ? 6.062   2.205   -15.978 1.00 15.63 ? 121 ALA A C   1 
ATOM   1054 O  O   . ALA A 1 123 ? 5.765   1.175   -16.553 1.00 16.20 ? 121 ALA A O   1 
ATOM   1055 C  CB  . ALA A 1 123 ? 7.546   2.789   -17.902 1.00 14.90 ? 121 ALA A CB  1 
ATOM   1056 N  N   . PRO A 1 124 ? 5.439   2.587   -14.891 1.00 13.05 ? 122 PRO A N   1 
ATOM   1057 C  CA  . PRO A 1 124 ? 4.338   1.773   -14.345 1.00 12.17 ? 122 PRO A CA  1 
ATOM   1058 C  C   . PRO A 1 124 ? 3.034   2.005   -15.111 1.00 13.24 ? 122 PRO A C   1 
ATOM   1059 O  O   . PRO A 1 124 ? 2.913   3.001   -15.837 1.00 15.06 ? 122 PRO A O   1 
ATOM   1060 C  CB  . PRO A 1 124 ? 4.196   2.328   -12.921 1.00 13.85 ? 122 PRO A CB  1 
ATOM   1061 C  CG  . PRO A 1 124 ? 4.586   3.797   -13.097 1.00 12.87 ? 122 PRO A CG  1 
ATOM   1062 C  CD  . PRO A 1 124 ? 5.657   3.815   -14.084 1.00 13.69 ? 122 PRO A CD  1 
ATOM   1063 N  N   . SER A 1 125 ? 2.079   1.124   -14.926 1.00 11.39 ? 123 SER A N   1 
ATOM   1064 C  CA  . SER A 1 125 ? 0.781   1.206   -15.592 1.00 11.13 ? 123 SER A CA  1 
ATOM   1065 C  C   . SER A 1 125 ? -0.318  1.006   -14.547 1.00 11.41 ? 123 SER A C   1 
ATOM   1066 O  O   . SER A 1 125 ? -0.398  -0.071  -13.949 1.00 11.15 ? 123 SER A O   1 
ATOM   1067 C  CB  . SER A 1 125 ? 0.590   0.087   -16.630 1.00 11.95 ? 123 SER A CB  1 
ATOM   1068 O  OG  . SER A 1 125 ? 1.505   0.210   -17.712 1.00 13.96 ? 123 SER A OG  1 
ATOM   1069 N  N   . PHE A 1 126 ? -1.074  2.047   -14.211 1.00 11.18 ? 124 PHE A N   1 
ATOM   1070 C  CA  . PHE A 1 126 ? -2.101  1.972   -13.184 1.00 11.13 ? 124 PHE A CA  1 
ATOM   1071 C  C   . PHE A 1 126 ? -3.432  1.686   -13.864 1.00 12.69 ? 124 PHE A C   1 
ATOM   1072 O  O   . PHE A 1 126 ? -4.350  2.509   -13.915 1.00 13.93 ? 124 PHE A O   1 
ATOM   1073 C  CB  . PHE A 1 126 ? -2.138  3.281   -12.351 1.00 12.98 ? 124 PHE A CB  1 
ATOM   1074 C  CG  . PHE A 1 126 ? -0.998  3.428   -11.410 1.00 10.34 ? 124 PHE A CG  1 
ATOM   1075 C  CD1 . PHE A 1 126 ? -1.140  3.172   -10.092 1.00 10.50 ? 124 PHE A CD1 1 
ATOM   1076 C  CD2 . PHE A 1 126 ? 0.268   3.809   -11.851 1.00 11.64 ? 124 PHE A CD2 1 
ATOM   1077 C  CE1 . PHE A 1 126 ? -0.103  3.326   -9.170  1.00 11.94 ? 124 PHE A CE1 1 
ATOM   1078 C  CE2 . PHE A 1 126 ? 1.352   3.944   -10.939 1.00 12.90 ? 124 PHE A CE2 1 
ATOM   1079 C  CZ  . PHE A 1 126 ? 1.159   3.674   -9.609  1.00 14.14 ? 124 PHE A CZ  1 
ATOM   1080 N  N   . ASP A 1 127 ? -3.536  0.475   -14.404 1.00 11.11 ? 125 ASP A N   1 
ATOM   1081 C  CA  . ASP A 1 127 ? -4.689  0.072   -15.189 1.00 11.18 ? 125 ASP A CA  1 
ATOM   1082 C  C   . ASP A 1 127 ? -5.501  -1.019  -14.483 1.00 12.06 ? 125 ASP A C   1 
ATOM   1083 O  O   . ASP A 1 127 ? -6.313  -1.710  -15.076 1.00 13.62 ? 125 ASP A O   1 
ATOM   1084 C  CB  . ASP A 1 127 ? -4.239  -0.342  -16.595 1.00 11.63 ? 125 ASP A CB  1 
ATOM   1085 C  CG  . ASP A 1 127 ? -3.221  -1.398  -16.638 1.00 13.82 ? 125 ASP A CG  1 
ATOM   1086 O  OD1 . ASP A 1 127 ? -2.767  -1.966  -15.632 1.00 11.90 ? 125 ASP A OD1 1 
ATOM   1087 O  OD2 . ASP A 1 127 ? -2.908  -1.699  -17.829 1.00 18.57 ? 125 ASP A OD2 1 
ATOM   1088 N  N   . LEU A 1 128 ? -5.277  -1.180  -13.194 1.00 9.81  ? 126 LEU A N   1 
ATOM   1089 C  CA  . LEU A 1 128 ? -5.960  -2.194  -12.390 1.00 9.43  ? 126 LEU A CA  1 
ATOM   1090 C  C   . LEU A 1 128 ? -6.641  -1.564  -11.152 1.00 8.29  ? 126 LEU A C   1 
ATOM   1091 O  O   . LEU A 1 128 ? -6.027  -0.740  -10.455 1.00 9.27  ? 126 LEU A O   1 
ATOM   1092 C  CB  . LEU A 1 128 ? -4.965  -3.221  -11.882 1.00 10.15 ? 126 LEU A CB  1 
ATOM   1093 C  CG  . LEU A 1 128 ? -4.385  -4.183  -12.911 1.00 11.57 ? 126 LEU A CG  1 
ATOM   1094 C  CD1 . LEU A 1 128 ? -3.286  -5.010  -12.272 1.00 11.52 ? 126 LEU A CD1 1 
ATOM   1095 C  CD2 . LEU A 1 128 ? -5.415  -5.124  -13.496 1.00 12.52 ? 126 LEU A CD2 1 
ATOM   1096 N  N   . ASP A 1 129 ? -7.866  -1.968  -10.850 1.00 8.33  ? 127 ASP A N   1 
ATOM   1097 C  CA  . ASP A 1 129 ? -8.675  -1.425  -9.778  1.00 7.67  ? 127 ASP A CA  1 
ATOM   1098 C  C   . ASP A 1 129 ? -9.075  -2.590  -8.909  1.00 8.51  ? 127 ASP A C   1 
ATOM   1099 O  O   . ASP A 1 129 ? -9.741  -3.504  -9.348  1.00 8.78  ? 127 ASP A O   1 
ATOM   1100 C  CB  . ASP A 1 129 ? -9.884  -0.681  -10.344 1.00 8.81  ? 127 ASP A CB  1 
ATOM   1101 C  CG  . ASP A 1 129 ? -10.618 0.123   -9.312  1.00 11.74 ? 127 ASP A CG  1 
ATOM   1102 O  OD1 . ASP A 1 129 ? -10.227 0.108   -8.137  1.00 10.07 ? 127 ASP A OD1 1 
ATOM   1103 O  OD2 . ASP A 1 129 ? -11.579 0.809   -9.720  1.00 12.28 ? 127 ASP A OD2 1 
ATOM   1104 N  N   . ILE A 1 130 ? -8.654  -2.553  -7.651  1.00 6.69  ? 128 ILE A N   1 
ATOM   1105 C  CA  . ILE A 1 130 ? -9.012  -3.575  -6.664  1.00 8.07  ? 128 ILE A CA  1 
ATOM   1106 C  C   . ILE A 1 130 ? -10.234 -3.193  -5.831  1.00 7.46  ? 128 ILE A C   1 
ATOM   1107 O  O   . ILE A 1 130 ? -10.668 -3.984  -4.988  1.00 9.16  ? 128 ILE A O   1 
ATOM   1108 C  CB  . ILE A 1 130 ? -7.794  -3.965  -5.784  1.00 6.50  ? 128 ILE A CB  1 
ATOM   1109 C  CG1 . ILE A 1 130 ? -7.947  -5.335  -5.146  1.00 7.77  ? 128 ILE A CG1 1 
ATOM   1110 C  CG2 . ILE A 1 130 ? -7.437  -2.826  -4.784  1.00 8.53  ? 128 ILE A CG2 1 
ATOM   1111 C  CD1 . ILE A 1 130 ? -6.688  -5.846  -4.500  1.00 8.68  ? 128 ILE A CD1 1 
ATOM   1112 N  N   . THR A 1 131 ? -10.859 -2.049  -6.166  1.00 9.56  ? 129 THR A N   1 
ATOM   1113 C  CA  . THR A 1 131 ? -12.011 -1.545  -5.397  1.00 10.59 ? 129 THR A CA  1 
ATOM   1114 C  C   . THR A 1 131 ? -13.100 -2.626  -5.222  1.00 10.86 ? 129 THR A C   1 
ATOM   1115 O  O   . THR A 1 131 ? -13.516 -2.919  -4.110  1.00 11.28 ? 129 THR A O   1 
ATOM   1116 C  CB  . THR A 1 131 ? -12.590 -0.300  -6.052  1.00 11.41 ? 129 THR A CB  1 
ATOM   1117 O  OG1 . THR A 1 131 ? -11.621 0.739   -5.942  1.00 10.84 ? 129 THR A OG1 1 
ATOM   1118 C  CG2 . THR A 1 131 ? -13.919 0.143   -5.314  1.00 12.24 ? 129 THR A CG2 1 
ATOM   1119 N  N   . SER A 1 132 ? -13.530 -3.222  -6.333  1.00 10.79 ? 130 SER A N   1 
ATOM   1120 C  CA  A SER A 1 132 ? -14.613 -4.190  -6.300  0.60 10.82 ? 130 SER A CA  1 
ATOM   1121 C  CA  B SER A 1 132 ? -14.637 -4.167  -6.256  0.40 10.46 ? 130 SER A CA  1 
ATOM   1122 C  C   . SER A 1 132 ? -14.218 -5.455  -5.521  1.00 10.06 ? 130 SER A C   1 
ATOM   1123 O  O   . SER A 1 132 ? -15.038 -6.025  -4.750  1.00 10.58 ? 130 SER A O   1 
ATOM   1124 C  CB  A SER A 1 132 ? -15.024 -4.551  -7.718  0.60 11.49 ? 130 SER A CB  1 
ATOM   1125 C  CB  B SER A 1 132 ? -15.234 -4.454  -7.634  0.40 10.84 ? 130 SER A CB  1 
ATOM   1126 O  OG  A SER A 1 132 ? -15.970 -5.586  -7.684  0.60 13.97 ? 130 SER A OG  1 
ATOM   1127 O  OG  B SER A 1 132 ? -14.406 -5.312  -8.381  0.40 11.17 ? 130 SER A OG  1 
ATOM   1128 N  N   . PHE A 1 133 ? -12.993 -5.953  -5.750  1.00 8.98  ? 131 PHE A N   1 
ATOM   1129 C  CA  . PHE A 1 133 ? -12.483 -7.157  -5.065  1.00 8.86  ? 131 PHE A CA  1 
ATOM   1130 C  C   . PHE A 1 133 ? -12.502 -6.942  -3.505  1.00 9.40  ? 131 PHE A C   1 
ATOM   1131 O  O   . PHE A 1 133 ? -13.002 -7.773  -2.704  1.00 11.13 ? 131 PHE A O   1 
ATOM   1132 C  CB  . PHE A 1 133 ? -11.120 -7.576  -5.535  1.00 9.64  ? 131 PHE A CB  1 
ATOM   1133 C  CG  . PHE A 1 133 ? -10.541 -8.790  -4.780  1.00 9.17  ? 131 PHE A CG  1 
ATOM   1134 C  CD1 . PHE A 1 133 ? -10.887 -10.092 -5.127  1.00 11.34 ? 131 PHE A CD1 1 
ATOM   1135 C  CD2 . PHE A 1 133 ? -9.654  -8.638  -3.741  1.00 10.12 ? 131 PHE A CD2 1 
ATOM   1136 C  CE1 . PHE A 1 133 ? -10.388 -11.187 -4.416  1.00 10.34 ? 131 PHE A CE1 1 
ATOM   1137 C  CE2 . PHE A 1 133 ? -9.142  -9.719  -3.058  1.00 13.15 ? 131 PHE A CE2 1 
ATOM   1138 C  CZ  . PHE A 1 133 ? -9.512  -11.003 -3.402  1.00 13.20 ? 131 PHE A CZ  1 
ATOM   1139 N  N   . ILE A 1 134 ? -12.006 -5.782  -3.072  1.00 9.95  ? 132 ILE A N   1 
ATOM   1140 C  CA  . ILE A 1 134 ? -11.991 -5.466  -1.646  1.00 11.75 ? 132 ILE A CA  1 
ATOM   1141 C  C   . ILE A 1 134 ? -13.447 -5.376  -1.149  1.00 13.79 ? 132 ILE A C   1 
ATOM   1142 O  O   . ILE A 1 134 ? -13.757 -5.810  -0.022  1.00 15.74 ? 132 ILE A O   1 
ATOM   1143 C  CB  . ILE A 1 134 ? -11.228 -4.148  -1.369  1.00 10.87 ? 132 ILE A CB  1 
ATOM   1144 C  CG1 . ILE A 1 134 ? -9.730  -4.234  -1.703  1.00 11.60 ? 132 ILE A CG1 1 
ATOM   1145 C  CG2 . ILE A 1 134 ? -11.556 -3.669  0.092   1.00 13.04 ? 132 ILE A CG2 1 
ATOM   1146 C  CD1 . ILE A 1 134 ? -8.939  -5.350  -1.061  1.00 11.08 ? 132 ILE A CD1 1 
ATOM   1147 N  N   . GLU A 1 135 ? -14.340 -4.766  -1.925  1.00 15.23 ? 133 GLU A N   1 
ATOM   1148 C  CA  A GLU A 1 135 ? -15.767 -4.569  -1.555  0.60 17.83 ? 133 GLU A CA  1 
ATOM   1149 C  CA  B GLU A 1 135 ? -15.713 -4.571  -1.425  0.40 16.79 ? 133 GLU A CA  1 
ATOM   1150 C  C   . GLU A 1 135 ? -16.412 -5.930  -1.239  1.00 17.79 ? 133 GLU A C   1 
ATOM   1151 O  O   . GLU A 1 135 ? -17.239 -6.069  -0.296  1.00 19.04 ? 133 GLU A O   1 
ATOM   1152 C  CB  A GLU A 1 135 ? -16.525 -3.946  -2.743  0.60 18.80 ? 133 GLU A CB  1 
ATOM   1153 C  CB  B GLU A 1 135 ? -16.520 -3.600  -2.305  0.40 16.24 ? 133 GLU A CB  1 
ATOM   1154 C  CG  A GLU A 1 135 ? -17.189 -2.599  -2.525  0.60 22.23 ? 133 GLU A CG  1 
ATOM   1155 C  CG  B GLU A 1 135 ? -18.050 -3.643  -2.103  0.40 18.05 ? 133 GLU A CG  1 
ATOM   1156 C  CD  A GLU A 1 135 ? -17.243 -1.723  -3.809  0.60 25.03 ? 133 GLU A CD  1 
ATOM   1157 C  CD  B GLU A 1 135 ? -18.791 -2.472  -2.756  0.40 20.23 ? 133 GLU A CD  1 
ATOM   1158 O  OE1 A GLU A 1 135 ? -17.225 -0.474  -3.693  0.60 26.93 ? 133 GLU A OE1 1 
ATOM   1159 O  OE1 B GLU A 1 135 ? -18.155 -1.450  -3.093  0.40 22.35 ? 133 GLU A OE1 1 
ATOM   1160 O  OE2 A GLU A 1 135 ? -17.321 -2.273  -4.939  0.60 25.52 ? 133 GLU A OE2 1 
ATOM   1161 O  OE2 B GLU A 1 135 ? -20.034 -2.564  -2.912  0.40 20.64 ? 133 GLU A OE2 1 
ATOM   1162 N  N   . HIS A 1 136 ? -16.062 -6.950  -2.041  1.00 18.92 ? 134 HIS A N   1 
ATOM   1163 C  CA  . HIS A 1 136 ? -16.672 -8.299  -1.944  1.00 21.60 ? 134 HIS A CA  1 
ATOM   1164 C  C   . HIS A 1 136 ? -16.054 -9.232  -0.951  1.00 22.95 ? 134 HIS A C   1 
ATOM   1165 O  O   . HIS A 1 136 ? -16.652 -10.268 -0.641  1.00 22.93 ? 134 HIS A O   1 
ATOM   1166 C  CB  . HIS A 1 136 ? -16.715 -9.034  -3.301  1.00 21.70 ? 134 HIS A CB  1 
ATOM   1167 C  CG  . HIS A 1 136 ? -17.442 -8.273  -4.353  1.00 26.04 ? 134 HIS A CG  1 
ATOM   1168 N  ND1 . HIS A 1 136 ? -17.073 -8.302  -5.681  1.00 30.22 ? 134 HIS A ND1 1 
ATOM   1169 C  CD2 . HIS A 1 136 ? -18.485 -7.413  -4.264  1.00 30.38 ? 134 HIS A CD2 1 
ATOM   1170 C  CE1 . HIS A 1 136 ? -17.881 -7.514  -6.369  1.00 33.65 ? 134 HIS A CE1 1 
ATOM   1171 N  NE2 . HIS A 1 136 ? -18.746 -6.966  -5.532  1.00 32.20 ? 134 HIS A NE2 1 
HETATM 1172 N  N   . MSE A 1 137 ? -14.886 -8.910  -0.420  1.00 25.02 ? 135 MSE A N   1 
HETATM 1173 C  CA  . MSE A 1 137 ? -14.412 -9.600  0.758   1.00 27.07 ? 135 MSE A CA  1 
HETATM 1174 C  C   . MSE A 1 137 ? -14.708 -8.667  1.955   1.00 28.24 ? 135 MSE A C   1 
HETATM 1175 O  O   . MSE A 1 137 ? -15.619 -8.877  2.751   1.00 29.29 ? 135 MSE A O   1 
HETATM 1176 C  CB  . MSE A 1 137 ? -12.919 -9.898  0.650   1.00 27.93 ? 135 MSE A CB  1 
HETATM 1177 C  CG  . MSE A 1 137 ? -12.070 -8.738  1.087   1.00 26.77 ? 135 MSE A CG  1 
HETATM 1178 SE SE  . MSE A 1 137 ? -10.171 -8.684  0.595   0.60 24.73 ? 135 MSE A SE  1 
HETATM 1179 C  CE  . MSE A 1 137 ? -9.528  -10.324 1.403   1.00 22.40 ? 135 MSE A CE  1 
HETATM 1180 O  O   . HOH B 2 .   ? 3.762   -6.413  15.273  1.00 33.19 ? 139 HOH A O   1 
HETATM 1181 O  O   . HOH B 2 .   ? 1.618   5.922   -14.693 1.00 38.21 ? 140 HOH A O   1 
HETATM 1182 O  O   . HOH B 2 .   ? 6.460   -14.567 5.643   1.00 42.11 ? 141 HOH A O   1 
HETATM 1183 O  O   . HOH B 2 .   ? -17.598 -11.032 2.173   1.00 50.09 ? 142 HOH A O   1 
HETATM 1184 O  O   . HOH B 2 .   ? -15.800 0.507   -2.213  1.00 31.85 ? 143 HOH A O   1 
HETATM 1185 O  O   . HOH B 2 .   ? -10.443 10.332  1.356   1.00 30.39 ? 144 HOH A O   1 
HETATM 1186 O  O   . HOH B 2 .   ? 13.097  4.253   5.727   1.00 33.15 ? 145 HOH A O   1 
HETATM 1187 O  O   . HOH B 2 .   ? 1.225   9.075   -13.787 1.00 37.03 ? 146 HOH A O   1 
HETATM 1188 O  O   . HOH B 2 .   ? 4.257   15.010  -4.286  1.00 37.97 ? 147 HOH A O   1 
HETATM 1189 O  O   . HOH B 2 .   ? 6.195   12.972  13.754  1.00 22.21 ? 148 HOH A O   1 
HETATM 1190 O  O   . HOH B 2 .   ? -1.774  5.858   16.081  1.00 28.37 ? 149 HOH A O   1 
HETATM 1191 O  O   . HOH B 2 .   ? -13.357 -2.946  12.204  1.00 40.98 ? 150 HOH A O   1 
HETATM 1192 O  O   . HOH B 2 .   ? -15.973 -0.416  4.708   1.00 40.02 ? 151 HOH A O   1 
HETATM 1193 O  O   . HOH B 2 .   ? 4.596   -3.665  19.085  1.00 27.65 ? 152 HOH A O   1 
HETATM 1194 O  O   . HOH B 2 .   ? 6.620   -0.026  18.171  1.00 27.77 ? 153 HOH A O   1 
HETATM 1195 O  O   . HOH B 2 .   ? 10.232  -5.779  10.605  1.00 25.84 ? 154 HOH A O   1 
HETATM 1196 O  O   . HOH B 2 .   ? 11.493  -8.429  6.711   1.00 35.53 ? 155 HOH A O   1 
HETATM 1197 O  O   . HOH B 2 .   ? 10.738  -8.779  2.482   1.00 27.80 ? 156 HOH A O   1 
HETATM 1198 O  O   . HOH B 2 .   ? 8.623   -0.618  -16.476 1.00 39.74 ? 157 HOH A O   1 
HETATM 1199 O  O   . HOH B 2 .   ? -16.172 3.535   -4.845  1.00 20.75 ? 158 HOH A O   1 
HETATM 1200 O  O   . HOH B 2 .   ? -14.213 5.962   -1.397  1.00 33.86 ? 159 HOH A O   1 
HETATM 1201 O  O   . HOH B 2 .   ? 3.603   14.497  -8.147  1.00 33.98 ? 160 HOH A O   1 
HETATM 1202 O  O   . HOH B 2 .   ? 3.624   13.234  -11.533 1.00 34.09 ? 161 HOH A O   1 
HETATM 1203 O  O   . HOH B 2 .   ? -1.804  10.419  -14.842 1.00 34.92 ? 162 HOH A O   1 
HETATM 1204 O  O   . HOH B 2 .   ? -3.937  8.395   -16.144 0.50 32.00 ? 163 HOH A O   1 
HETATM 1205 O  O   . HOH B 2 .   ? -0.057  3.786   -18.239 1.00 31.90 ? 164 HOH A O   1 
HETATM 1206 O  O   . HOH B 2 .   ? -2.518  2.079   -18.258 1.00 35.17 ? 165 HOH A O   1 
HETATM 1207 O  O   . HOH B 2 .   ? -2.185  0.020   -19.852 1.00 22.84 ? 166 HOH A O   1 
HETATM 1208 O  O   . HOH B 2 .   ? 0.799   -5.723  -20.342 1.00 45.28 ? 167 HOH A O   1 
HETATM 1209 O  O   . HOH B 2 .   ? 3.759   -7.211  -16.566 1.00 37.03 ? 168 HOH A O   1 
HETATM 1210 O  O   . HOH B 2 .   ? 1.672   -13.063 -12.062 1.00 27.08 ? 169 HOH A O   1 
HETATM 1211 O  O   . HOH B 2 .   ? -9.545  -6.273  11.276  1.00 28.09 ? 170 HOH A O   1 
HETATM 1212 O  O   . HOH B 2 .   ? -9.641  -5.589  15.451  1.00 38.35 ? 171 HOH A O   1 
HETATM 1213 O  O   . HOH B 2 .   ? -2.409  -8.834  9.909   1.00 42.62 ? 172 HOH A O   1 
HETATM 1214 O  O   . HOH B 2 .   ? -7.713  -7.711  12.266  1.00 42.17 ? 173 HOH A O   1 
HETATM 1215 O  O   . HOH B 2 .   ? 12.300  -3.148  7.419   1.00 35.76 ? 174 HOH A O   1 
HETATM 1216 O  O   . HOH B 2 .   ? -3.792  16.148  0.481   1.00 32.18 ? 175 HOH A O   1 
HETATM 1217 O  O   . HOH B 2 .   ? 7.872   20.122  4.945   1.00 30.05 ? 176 HOH A O   1 
HETATM 1218 O  O   . HOH B 2 .   ? 13.958  15.304  6.676   1.00 36.01 ? 177 HOH A O   1 
HETATM 1219 O  O   . HOH B 2 .   ? -2.065  -19.564 5.225   1.00 38.38 ? 178 HOH A O   1 
HETATM 1220 O  O   . HOH B 2 .   ? 6.906   -15.440 3.353   1.00 37.77 ? 179 HOH A O   1 
HETATM 1221 O  O   . HOH B 2 .   ? -2.110  7.329   -0.284  1.00 24.98 ? 180 HOH A O   1 
HETATM 1222 O  O   . HOH B 2 .   ? -5.046  8.710   11.867  1.00 31.27 ? 181 HOH A O   1 
HETATM 1223 O  O   . HOH B 2 .   ? -0.781  -18.480 -1.790  1.00 41.69 ? 182 HOH A O   1 
HETATM 1224 O  O   . HOH B 2 .   ? -4.205  11.702  12.413  1.00 33.00 ? 183 HOH A O   1 
HETATM 1225 O  O   . HOH B 2 .   ? 9.917   -4.758  14.418  1.00 29.89 ? 184 HOH A O   1 
HETATM 1226 O  O   . HOH B 2 .   ? 15.003  13.939  4.802   0.50 28.02 ? 185 HOH A O   1 
HETATM 1227 O  O   B HOH B 2 .   ? 1.456   -11.606 13.693  0.40 15.31 ? 186 HOH A O   1 
HETATM 1228 O  O   B HOH B 2 .   ? -4.066  -11.646 -15.771 0.40 21.77 ? 187 HOH A O   1 
HETATM 1229 O  O   . HOH B 2 .   ? -11.114 -4.646  12.113  1.00 35.49 ? 188 HOH A O   1 
HETATM 1230 O  O   . HOH B 2 .   ? -10.226 12.855  8.720   1.00 36.15 ? 189 HOH A O   1 
HETATM 1231 O  O   . HOH B 2 .   ? -12.240 13.508  6.410   1.00 40.12 ? 190 HOH A O   1 
HETATM 1232 O  O   . HOH B 2 .   ? -9.535  15.603  10.770  1.00 32.67 ? 191 HOH A O   1 
HETATM 1233 O  O   . HOH B 2 .   ? -6.049  -5.475  17.231  1.00 36.45 ? 192 HOH A O   1 
HETATM 1234 O  O   . HOH B 2 .   ? 4.457   -13.979 0.509   1.00 35.08 ? 193 HOH A O   1 
HETATM 1235 O  O   . HOH B 2 .   ? -4.920  2.635   -3.642  1.00 8.70  ? 194 HOH A O   1 
HETATM 1236 O  O   . HOH B 2 .   ? -12.595 -1.283  2.331   1.00 15.33 ? 195 HOH A O   1 
HETATM 1237 O  O   . HOH B 2 .   ? -10.864 9.980   -1.351  1.00 13.10 ? 196 HOH A O   1 
HETATM 1238 O  O   . HOH B 2 .   ? -11.482 0.551   -1.453  1.00 13.77 ? 197 HOH A O   1 
HETATM 1239 O  O   . HOH B 2 .   ? -5.471  8.473   0.161   1.00 14.26 ? 198 HOH A O   1 
HETATM 1240 O  O   . HOH B 2 .   ? -14.967 7.544   -6.145  1.00 12.59 ? 199 HOH A O   1 
HETATM 1241 O  O   . HOH B 2 .   ? -11.764 2.254   -3.565  1.00 11.38 ? 200 HOH A O   1 
HETATM 1242 O  O   . HOH B 2 .   ? 1.092   14.588  -7.748  1.00 12.92 ? 201 HOH A O   1 
HETATM 1243 O  O   . HOH B 2 .   ? -14.025 1.881   -9.045  1.00 16.46 ? 202 HOH A O   1 
HETATM 1244 O  O   . HOH B 2 .   ? -11.571 -5.303  -8.291  1.00 10.82 ? 203 HOH A O   1 
HETATM 1245 O  O   . HOH B 2 .   ? -2.898  8.359   0.936   1.00 13.74 ? 204 HOH A O   1 
HETATM 1246 O  O   . HOH B 2 .   ? 8.740   -8.195  0.662   1.00 15.88 ? 205 HOH A O   1 
HETATM 1247 O  O   . HOH B 2 .   ? -8.735  0.128   -13.815 1.00 18.22 ? 206 HOH A O   1 
HETATM 1248 O  O   . HOH B 2 .   ? 6.777   11.730  -6.719  1.00 17.60 ? 207 HOH A O   1 
HETATM 1249 O  O   . HOH B 2 .   ? 10.843  1.211   -11.442 1.00 18.08 ? 208 HOH A O   1 
HETATM 1250 O  O   . HOH B 2 .   ? -12.221 0.981   -12.217 1.00 21.77 ? 209 HOH A O   1 
HETATM 1251 O  O   . HOH B 2 .   ? 2.862   -6.328  -14.130 1.00 19.62 ? 210 HOH A O   1 
HETATM 1252 O  O   . HOH B 2 .   ? -12.857 -2.289  -8.953  1.00 12.06 ? 211 HOH A O   1 
HETATM 1253 O  O   . HOH B 2 .   ? -3.789  7.138   9.884   1.00 20.65 ? 212 HOH A O   1 
HETATM 1254 O  O   . HOH B 2 .   ? 1.469   -0.148  24.540  1.00 11.10 ? 213 HOH A O   1 
HETATM 1255 O  O   . HOH B 2 .   ? 4.462   11.044  12.522  1.00 13.92 ? 214 HOH A O   1 
HETATM 1256 O  O   . HOH B 2 .   ? -13.651 -10.516 -3.158  1.00 17.53 ? 215 HOH A O   1 
HETATM 1257 O  O   . HOH B 2 .   ? -14.662 2.879   1.603   1.00 26.05 ? 216 HOH A O   1 
HETATM 1258 O  O   . HOH B 2 .   ? -14.169 3.394   -2.841  1.00 16.80 ? 217 HOH A O   1 
HETATM 1259 O  O   . HOH B 2 .   ? 7.044   13.770  -4.574  1.00 25.19 ? 218 HOH A O   1 
HETATM 1260 O  O   . HOH B 2 .   ? -15.205 -0.633  -9.044  1.00 19.22 ? 219 HOH A O   1 
HETATM 1261 O  O   . HOH B 2 .   ? -15.458 3.337   -7.377  1.00 18.53 ? 220 HOH A O   1 
HETATM 1262 O  O   . HOH B 2 .   ? 5.083   11.705  9.897   1.00 18.70 ? 221 HOH A O   1 
HETATM 1263 O  O   . HOH B 2 .   ? -7.188  8.937   3.744   1.00 25.80 ? 222 HOH A O   1 
HETATM 1264 O  O   . HOH B 2 .   ? -4.978  5.213   -13.119 1.00 23.64 ? 223 HOH A O   1 
HETATM 1265 O  O   . HOH B 2 .   ? -7.958  -14.194 -4.110  1.00 19.72 ? 224 HOH A O   1 
HETATM 1266 O  O   . HOH B 2 .   ? -4.453  -2.451  -19.760 1.00 17.89 ? 225 HOH A O   1 
HETATM 1267 O  O   . HOH B 2 .   ? 9.239   -3.053  10.885  1.00 20.29 ? 226 HOH A O   1 
HETATM 1268 O  O   . HOH B 2 .   ? 9.194   -9.077  5.162   1.00 21.33 ? 227 HOH A O   1 
HETATM 1269 O  O   . HOH B 2 .   ? -13.288 -3.480  3.740   1.00 30.97 ? 228 HOH A O   1 
HETATM 1270 O  O   . HOH B 2 .   ? -0.553  2.108   22.389  1.00 19.27 ? 229 HOH A O   1 
HETATM 1271 O  O   . HOH B 2 .   ? 11.452  -3.088  4.926   1.00 20.06 ? 230 HOH A O   1 
HETATM 1272 O  O   . HOH B 2 .   ? 10.784  2.978   9.986   1.00 25.45 ? 231 HOH A O   1 
HETATM 1273 O  O   . HOH B 2 .   ? 1.287   4.968   17.300  1.00 24.17 ? 232 HOH A O   1 
HETATM 1274 O  O   . HOH B 2 .   ? -2.083  15.415  -2.733  1.00 22.74 ? 233 HOH A O   1 
HETATM 1275 O  O   . HOH B 2 .   ? -3.008  6.483   -14.607 1.00 30.28 ? 234 HOH A O   1 
HETATM 1276 O  O   . HOH B 2 .   ? -5.136  7.415   5.012   1.00 23.67 ? 235 HOH A O   1 
HETATM 1277 O  O   . HOH B 2 .   ? 3.918   -0.957  -17.107 1.00 18.77 ? 236 HOH A O   1 
HETATM 1278 O  O   . HOH B 2 .   ? 8.368   0.749   -13.708 1.00 22.72 ? 237 HOH A O   1 
HETATM 1279 O  O   . HOH B 2 .   ? 5.387   5.229   16.539  1.00 17.19 ? 238 HOH A O   1 
HETATM 1280 O  O   . HOH B 2 .   ? 0.555   17.116  -6.193  1.00 22.57 ? 239 HOH A O   1 
HETATM 1281 O  O   . HOH B 2 .   ? 0.280   13.931  -3.585  1.00 23.52 ? 240 HOH A O   1 
HETATM 1282 O  O   . HOH B 2 .   ? 4.783   -1.094  18.775  1.00 18.33 ? 241 HOH A O   1 
HETATM 1283 O  O   . HOH B 2 .   ? -5.989  10.809  2.182   1.00 22.97 ? 242 HOH A O   1 
HETATM 1284 O  O   . HOH B 2 .   ? 9.411   11.359  -12.117 1.00 22.64 ? 243 HOH A O   1 
HETATM 1285 O  O   . HOH B 2 .   ? 12.057  3.877   3.059   1.00 22.97 ? 244 HOH A O   1 
HETATM 1286 O  O   . HOH B 2 .   ? 10.318  7.349   11.035  1.00 28.49 ? 245 HOH A O   1 
HETATM 1287 O  O   . HOH B 2 .   ? 8.812   -7.936  9.918   1.00 24.62 ? 246 HOH A O   1 
HETATM 1288 O  O   . HOH B 2 .   ? -14.591 -1.513  0.523   1.00 23.45 ? 247 HOH A O   1 
HETATM 1289 O  O   . HOH B 2 .   ? 6.227   14.540  -1.044  1.00 43.90 ? 248 HOH A O   1 
HETATM 1290 O  O   . HOH B 2 .   ? -5.072  -6.487  15.280  1.00 28.69 ? 249 HOH A O   1 
HETATM 1291 O  O   . HOH B 2 .   ? -4.582  -17.486 -1.284  1.00 33.43 ? 250 HOH A O   1 
HETATM 1292 O  O   . HOH B 2 .   ? -18.854 -5.094  -8.158  1.00 43.40 ? 251 HOH A O   1 
HETATM 1293 O  O   . HOH B 2 .   ? -1.797  13.562  8.430   1.00 30.91 ? 252 HOH A O   1 
HETATM 1294 O  O   . HOH B 2 .   ? -17.002 -1.489  -6.896  1.00 30.11 ? 253 HOH A O   1 
HETATM 1295 O  O   . HOH B 2 .   ? 10.176  -6.250  -11.117 1.00 25.72 ? 254 HOH A O   1 
HETATM 1296 O  O   . HOH B 2 .   ? 0.300   15.315  -10.140 1.00 26.91 ? 255 HOH A O   1 
HETATM 1297 O  O   . HOH B 2 .   ? -8.725  -13.673 -6.648  1.00 27.39 ? 256 HOH A O   1 
HETATM 1298 O  O   . HOH B 2 .   ? -0.282  11.134  11.603  1.00 30.03 ? 257 HOH A O   1 
HETATM 1299 O  O   . HOH B 2 .   ? 1.818   11.944  12.833  1.00 27.39 ? 258 HOH A O   1 
HETATM 1300 O  O   . HOH B 2 .   ? 2.450   -9.215  -0.130  1.00 12.71 ? 259 HOH A O   1 
HETATM 1301 O  O   . HOH B 2 .   ? -1.649  5.898   0.556   1.00 14.38 ? 260 HOH A O   1 
HETATM 1302 O  O   . HOH B 2 .   ? 8.015   -6.989  3.624   1.00 15.41 ? 261 HOH A O   1 
HETATM 1303 O  O   . HOH B 2 .   ? -12.956 -1.540  7.956   1.00 21.71 ? 262 HOH A O   1 
HETATM 1304 O  O   . HOH B 2 .   ? -0.568  4.580   -15.500 1.00 24.61 ? 263 HOH A O   1 
HETATM 1305 O  O   . HOH B 2 .   ? 6.362   -8.174  -8.259  1.00 16.92 ? 264 HOH A O   1 
HETATM 1306 O  O   . HOH B 2 .   ? -2.949  -1.353  17.900  1.00 18.89 ? 265 HOH A O   1 
HETATM 1307 O  O   . HOH B 2 .   ? -13.501 -1.223  -1.865  1.00 17.29 ? 266 HOH A O   1 
HETATM 1308 O  O   . HOH B 2 .   ? -9.197  14.222  -0.402  1.00 19.63 ? 267 HOH A O   1 
HETATM 1309 O  O   . HOH B 2 .   ? 8.862   -12.396 1.428   1.00 20.01 ? 268 HOH A O   1 
HETATM 1310 O  O   . HOH B 2 .   ? -3.000  8.299   3.615   1.00 15.74 ? 269 HOH A O   1 
HETATM 1311 O  O   . HOH B 2 .   ? 12.890  11.917  2.115   1.00 24.38 ? 270 HOH A O   1 
HETATM 1312 O  O   . HOH B 2 .   ? -12.628 5.555   3.144   1.00 26.57 ? 271 HOH A O   1 
HETATM 1313 O  O   . HOH B 2 .   ? -0.664  -13.686 5.404   1.00 26.31 ? 272 HOH A O   1 
HETATM 1314 O  O   . HOH B 2 .   ? -12.005 -3.423  -11.397 1.00 18.37 ? 273 HOH A O   1 
HETATM 1315 O  O   . HOH B 2 .   ? -2.431  -0.171  20.378  1.00 20.25 ? 274 HOH A O   1 
HETATM 1316 O  O   . HOH B 2 .   ? 3.285   13.808  4.255   1.00 20.55 ? 275 HOH A O   1 
HETATM 1317 O  O   . HOH B 2 .   ? -6.858  2.482   8.834   1.00 18.70 ? 276 HOH A O   1 
HETATM 1318 O  O   . HOH B 2 .   ? 0.527   -0.298  -20.177 1.00 24.08 ? 277 HOH A O   1 
HETATM 1319 O  O   . HOH B 2 .   ? 2.351   -10.579 -11.049 1.00 20.09 ? 278 HOH A O   1 
HETATM 1320 O  O   . HOH B 2 .   ? -9.774  8.278   2.820   1.00 20.88 ? 279 HOH A O   1 
HETATM 1321 O  O   . HOH B 2 .   ? 1.020   13.720  -0.916  1.00 36.51 ? 280 HOH A O   1 
HETATM 1322 O  O   . HOH B 2 .   ? -4.136  0.908   -11.325 1.00 17.30 ? 281 HOH A O   1 
HETATM 1323 O  O   . HOH B 2 .   ? -4.626  5.327   4.115   1.00 20.40 ? 282 HOH A O   1 
HETATM 1324 O  O   . HOH B 2 .   ? -1.974  -6.606  -15.705 1.00 32.25 ? 283 HOH A O   1 
HETATM 1325 O  O   . HOH B 2 .   ? -6.914  -13.236 7.731   1.00 30.46 ? 284 HOH A O   1 
HETATM 1326 O  O   . HOH B 2 .   ? -4.370  -11.467 6.643   1.00 23.96 ? 285 HOH A O   1 
HETATM 1327 O  O   . HOH B 2 .   ? 3.245   10.636  -12.466 1.00 20.08 ? 286 HOH A O   1 
HETATM 1328 O  O   . HOH B 2 .   ? 14.321  0.642   5.679   1.00 41.81 ? 287 HOH A O   1 
HETATM 1329 O  O   . HOH B 2 .   ? -2.617  -7.167  11.995  1.00 24.79 ? 288 HOH A O   1 
HETATM 1330 O  O   . HOH B 2 .   ? 7.134   -9.804  -6.012  1.00 17.70 ? 289 HOH A O   1 
HETATM 1331 O  O   . HOH B 2 .   ? 0.239   -10.456 1.110   1.00 27.62 ? 290 HOH A O   1 
HETATM 1332 O  O   . HOH B 2 .   ? -7.042  13.181  10.389  1.00 35.25 ? 291 HOH A O   1 
HETATM 1333 O  O   . HOH B 2 .   ? -10.498 2.984   9.354   1.00 29.67 ? 292 HOH A O   1 
HETATM 1334 O  O   . HOH B 2 .   ? 3.952   15.567  6.257   1.00 26.75 ? 293 HOH A O   1 
HETATM 1335 O  O   . HOH B 2 .   ? -6.604  1.069   15.825  1.00 23.90 ? 294 HOH A O   1 
HETATM 1336 O  O   . HOH B 2 .   ? -5.190  -0.721  16.841  1.00 42.02 ? 295 HOH A O   1 
HETATM 1337 O  O   . HOH B 2 .   ? -10.302 -14.476 -2.538  1.00 25.83 ? 296 HOH A O   1 
HETATM 1338 O  O   . HOH B 2 .   ? -7.181  13.961  3.293   1.00 42.88 ? 297 HOH A O   1 
HETATM 1339 O  O   . HOH B 2 .   ? 1.506   5.808   20.192  1.00 25.70 ? 298 HOH A O   1 
HETATM 1340 O  O   . HOH B 2 .   ? -0.068  -15.337 -5.274  1.00 29.87 ? 299 HOH A O   1 
HETATM 1341 O  O   . HOH B 2 .   ? 13.910  10.546  -0.194  1.00 35.35 ? 300 HOH A O   1 
HETATM 1342 O  O   . HOH B 2 .   ? 3.663   -13.346 2.983   1.00 29.79 ? 301 HOH A O   1 
HETATM 1343 O  O   . HOH B 2 .   ? 7.628   -16.596 -2.591  1.00 38.59 ? 302 HOH A O   1 
HETATM 1344 O  O   . HOH B 2 .   ? 12.179  8.135   8.907   1.00 30.76 ? 303 HOH A O   1 
HETATM 1345 O  O   . HOH B 2 .   ? 11.173  15.709  12.045  0.50 28.96 ? 304 HOH A O   1 
HETATM 1346 O  O   . HOH B 2 .   ? 0.908   -12.519 3.119   1.00 28.50 ? 305 HOH A O   1 
HETATM 1347 O  O   . HOH B 2 .   ? -9.502  12.918  2.245   1.00 38.99 ? 306 HOH A O   1 
HETATM 1348 O  O   . HOH B 2 .   ? -12.475 -12.916 -1.984  1.00 26.59 ? 307 HOH A O   1 
HETATM 1349 O  O   . HOH B 2 .   ? 6.012   -5.433  12.359  1.00 27.57 ? 308 HOH A O   1 
HETATM 1350 O  O   . HOH B 2 .   ? 6.995   -15.122 0.425   1.00 40.53 ? 309 HOH A O   1 
HETATM 1351 O  O   . HOH B 2 .   ? -10.672 -1.878  14.305  1.00 41.12 ? 310 HOH A O   1 
HETATM 1352 O  O   . HOH B 2 .   ? -5.738  7.273   7.887   1.00 22.78 ? 311 HOH A O   1 
HETATM 1353 O  O   . HOH B 2 .   ? 11.960  15.088  -2.074  1.00 34.28 ? 312 HOH A O   1 
HETATM 1354 O  O   . HOH B 2 .   ? 4.769   -2.713  -18.859 1.00 28.15 ? 313 HOH A O   1 
HETATM 1355 O  O   . HOH B 2 .   ? -8.511  -18.037 -6.695  1.00 44.74 ? 314 HOH A O   1 
HETATM 1356 O  O   . HOH B 2 .   ? 5.756   -9.633  -10.715 1.00 30.33 ? 315 HOH A O   1 
HETATM 1357 O  O   . HOH B 2 .   ? -0.467  -7.940  -17.805 1.00 41.07 ? 316 HOH A O   1 
HETATM 1358 O  O   . HOH B 2 .   ? 7.837   14.119  12.076  1.00 33.82 ? 317 HOH A O   1 
HETATM 1359 O  O   . HOH B 2 .   ? 7.007   -7.107  -11.388 1.00 34.19 ? 318 HOH A O   1 
HETATM 1360 O  O   . HOH B 2 .   ? -12.768 -3.782  9.909   1.00 31.39 ? 319 HOH A O   1 
HETATM 1361 O  O   . HOH B 2 .   ? -14.296 -3.264  6.102   1.00 30.62 ? 320 HOH A O   1 
HETATM 1362 O  O   . HOH B 2 .   ? 3.227   -13.424 -9.880  1.00 32.04 ? 321 HOH A O   1 
HETATM 1363 O  O   . HOH B 2 .   ? 11.923  4.941   8.088   1.00 25.74 ? 322 HOH A O   1 
HETATM 1364 O  O   . HOH B 2 .   ? -14.958 -10.185 -6.190  1.00 27.22 ? 323 HOH A O   1 
HETATM 1365 O  O   . HOH B 2 .   ? 14.242  5.382   1.806   1.00 25.01 ? 324 HOH A O   1 
HETATM 1366 O  O   . HOH B 2 .   ? -14.154 -8.668  -8.247  1.00 33.52 ? 325 HOH A O   1 
HETATM 1367 O  O   . HOH B 2 .   ? 2.812   16.733  -1.236  1.00 46.31 ? 326 HOH A O   1 
HETATM 1368 O  O   . HOH B 2 .   ? 0.415   7.655   17.960  1.00 41.60 ? 327 HOH A O   1 
HETATM 1369 O  O   . HOH B 2 .   ? 3.836   6.241   18.763  1.00 23.52 ? 328 HOH A O   1 
HETATM 1370 O  O   . HOH B 2 .   ? 12.339  -9.207  -1.527  1.00 29.12 ? 329 HOH A O   1 
HETATM 1371 O  O   . HOH B 2 .   ? -1.684  -12.560 7.637   1.00 42.85 ? 330 HOH A O   1 
HETATM 1372 O  O   . HOH B 2 .   ? 9.684   0.357   11.888  1.00 35.35 ? 331 HOH A O   1 
# 
